data_4Z4P
# 
_entry.id   4Z4P 
# 
_audit_conform.dict_name       mmcif_pdbx.dic 
_audit_conform.dict_version    5.408 
_audit_conform.dict_location   http://mmcif.pdb.org/dictionaries/ascii/mmcif_pdbx.dic 
# 
loop_
_database_2.database_id 
_database_2.database_code 
_database_2.pdbx_database_accession 
_database_2.pdbx_DOI 
PDB   4Z4P         pdb_00004z4p 10.2210/pdb4z4p/pdb 
WWPDB D_1000208630 ?            ?                   
# 
loop_
_pdbx_audit_revision_history.ordinal 
_pdbx_audit_revision_history.data_content_type 
_pdbx_audit_revision_history.major_revision 
_pdbx_audit_revision_history.minor_revision 
_pdbx_audit_revision_history.revision_date 
_pdbx_audit_revision_history.part_number 
1 'Structure model' 1 0 2015-09-09 ? 
2 'Structure model' 1 1 2015-10-14 ? 
3 'Structure model' 1 2 2024-01-10 ? 
4 'Structure model' 1 3 2025-12-10 ? 
# 
_pdbx_audit_revision_details.ordinal             1 
_pdbx_audit_revision_details.revision_ordinal    1 
_pdbx_audit_revision_details.data_content_type   'Structure model' 
_pdbx_audit_revision_details.provider            repository 
_pdbx_audit_revision_details.type                'Initial release' 
_pdbx_audit_revision_details.description         ? 
_pdbx_audit_revision_details.details             ? 
# 
loop_
_pdbx_audit_revision_group.ordinal 
_pdbx_audit_revision_group.revision_ordinal 
_pdbx_audit_revision_group.data_content_type 
_pdbx_audit_revision_group.group 
1 2 'Structure model' 'Database references'    
2 3 'Structure model' 'Data collection'        
3 3 'Structure model' 'Database references'    
4 3 'Structure model' 'Refinement description' 
5 4 'Structure model' 'Data collection'        
6 4 'Structure model' 'Structure summary'      
# 
loop_
_pdbx_audit_revision_category.ordinal 
_pdbx_audit_revision_category.revision_ordinal 
_pdbx_audit_revision_category.data_content_type 
_pdbx_audit_revision_category.category 
1 3 'Structure model' chem_comp_atom                
2 3 'Structure model' chem_comp_bond                
3 3 'Structure model' database_2                    
4 3 'Structure model' pdbx_initial_refinement_model 
5 4 'Structure model' chem_comp                     
6 4 'Structure model' pdbx_entry_details            
# 
loop_
_pdbx_audit_revision_item.ordinal 
_pdbx_audit_revision_item.revision_ordinal 
_pdbx_audit_revision_item.data_content_type 
_pdbx_audit_revision_item.item 
1 3 'Structure model' '_database_2.pdbx_DOI'                
2 3 'Structure model' '_database_2.pdbx_database_accession' 
3 4 'Structure model' '_chem_comp.mon_nstd_flag'            
4 4 'Structure model' '_chem_comp.type'                     
# 
_pdbx_database_status.status_code                     REL 
_pdbx_database_status.status_code_sf                  REL 
_pdbx_database_status.status_code_mr                  ? 
_pdbx_database_status.entry_id                        4Z4P 
_pdbx_database_status.recvd_initial_deposition_date   2015-04-02 
_pdbx_database_status.SG_entry                        N 
_pdbx_database_status.deposit_site                    RCSB 
_pdbx_database_status.process_site                    PDBE 
_pdbx_database_status.status_code_cs                  ? 
_pdbx_database_status.methods_development_category    ? 
_pdbx_database_status.pdb_format_compatible           Y 
_pdbx_database_status.status_code_nmr_data            ? 
# 
loop_
_audit_author.name 
_audit_author.pdbx_ordinal 
'Zhang, Z.'     1 
'Mittal, A.'    2 
'Reid, J.'      3 
'Reich, S.'     4 
'Gamblin, S.J.' 5 
'Wilson, J.R.'  6 
# 
_citation.abstract                  ? 
_citation.abstract_id_CAS           ? 
_citation.book_id_ISBN              ? 
_citation.book_publisher            ? 
_citation.book_publisher_city       ? 
_citation.book_title                ? 
_citation.coordinate_linkage        ? 
_citation.country                   UK 
_citation.database_id_Medline       ? 
_citation.details                   ? 
_citation.id                        primary 
_citation.journal_abbrev            Structure 
_citation.journal_id_ASTM           STRUE6 
_citation.journal_id_CSD            2005 
_citation.journal_id_ISSN           0969-2126 
_citation.journal_full              ? 
_citation.journal_issue             ? 
_citation.journal_volume            23 
_citation.language                  ? 
_citation.page_first                1921 
_citation.page_last                 1933 
_citation.title                     'Evolving Catalytic Properties of the MLL Family SET Domain.' 
_citation.year                      2015 
_citation.database_id_CSD           ? 
_citation.pdbx_database_id_DOI      10.1016/j.str.2015.07.018 
_citation.pdbx_database_id_PubMed   26320581 
_citation.unpublished_flag          ? 
# 
loop_
_citation_author.citation_id 
_citation_author.name 
_citation_author.ordinal 
_citation_author.identifier_ORCID 
primary 'Zhang, Y.'     1 ? 
primary 'Mittal, A.'    2 ? 
primary 'Reid, J.'      3 ? 
primary 'Reich, S.'     4 ? 
primary 'Gamblin, S.J.' 5 ? 
primary 'Wilson, J.R.'  6 ? 
# 
loop_
_entity.id 
_entity.type 
_entity.src_method 
_entity.pdbx_description 
_entity.formula_weight 
_entity.pdbx_number_of_molecules 
_entity.pdbx_ec 
_entity.pdbx_mutation 
_entity.pdbx_fragment 
_entity.details 
1 polymer     man 'Histone-lysine N-methyltransferase 2D' 19704.355 1  2.1.1.43 ? 'UNP residues 5385-5539' ? 
2 non-polymer syn 'ZINC ION'                              65.409    1  ?        ? ?                        ? 
3 non-polymer syn S-ADENOSYL-L-HOMOCYSTEINE               384.411   1  ?        ? ?                        ? 
4 water       nat water                                   18.015    60 ?        ? ?                        ? 
# 
_entity_name_com.entity_id   1 
_entity_name_com.name        
'Lysine N-methyltransferase 2D,ALL1-related protein,Myeloid/lymphoid or mixed-lineage leukemia protein 2' 
# 
_entity_poly.entity_id                      1 
_entity_poly.type                           'polypeptide(L)' 
_entity_poly.nstd_linkage                   no 
_entity_poly.nstd_monomer                   no 
_entity_poly.pdbx_seq_one_letter_code       
;MTLHSKSSQYRRLRTEWKNNVYLARSRIQGLGLYAAKDLEKHTMVIEYIGTIIRNEVANRREKIYEEQNRGIYMFRINNE
HVIDATLTGGPARYINHSCAPNCVAEVVTFDKEDKIIIISSRRIPKGEELTYDYQFDFEDDQHEIPCHCGAWNCRKWMKG
HHHHHH
;
_entity_poly.pdbx_seq_one_letter_code_can   
;MTLHSKSSQYRRLRTEWKNNVYLARSRIQGLGLYAAKDLEKHTMVIEYIGTIIRNEVANRREKIYEEQNRGIYMFRINNE
HVIDATLTGGPARYINHSCAPNCVAEVVTFDKEDKIIIISSRRIPKGEELTYDYQFDFEDDQHEIPCHCGAWNCRKWMKG
HHHHHH
;
_entity_poly.pdbx_strand_id                 A 
_entity_poly.pdbx_target_identifier         ? 
# 
loop_
_pdbx_entity_nonpoly.entity_id 
_pdbx_entity_nonpoly.name 
_pdbx_entity_nonpoly.comp_id 
2 'ZINC ION'                ZN  
3 S-ADENOSYL-L-HOMOCYSTEINE SAH 
4 water                     HOH 
# 
loop_
_entity_poly_seq.entity_id 
_entity_poly_seq.num 
_entity_poly_seq.mon_id 
_entity_poly_seq.hetero 
1 1   MET n 
1 2   THR n 
1 3   LEU n 
1 4   HIS n 
1 5   SER n 
1 6   LYS n 
1 7   SER n 
1 8   SER n 
1 9   GLN n 
1 10  TYR n 
1 11  ARG n 
1 12  ARG n 
1 13  LEU n 
1 14  ARG n 
1 15  THR n 
1 16  GLU n 
1 17  TRP n 
1 18  LYS n 
1 19  ASN n 
1 20  ASN n 
1 21  VAL n 
1 22  TYR n 
1 23  LEU n 
1 24  ALA n 
1 25  ARG n 
1 26  SER n 
1 27  ARG n 
1 28  ILE n 
1 29  GLN n 
1 30  GLY n 
1 31  LEU n 
1 32  GLY n 
1 33  LEU n 
1 34  TYR n 
1 35  ALA n 
1 36  ALA n 
1 37  LYS n 
1 38  ASP n 
1 39  LEU n 
1 40  GLU n 
1 41  LYS n 
1 42  HIS n 
1 43  THR n 
1 44  MET n 
1 45  VAL n 
1 46  ILE n 
1 47  GLU n 
1 48  TYR n 
1 49  ILE n 
1 50  GLY n 
1 51  THR n 
1 52  ILE n 
1 53  ILE n 
1 54  ARG n 
1 55  ASN n 
1 56  GLU n 
1 57  VAL n 
1 58  ALA n 
1 59  ASN n 
1 60  ARG n 
1 61  ARG n 
1 62  GLU n 
1 63  LYS n 
1 64  ILE n 
1 65  TYR n 
1 66  GLU n 
1 67  GLU n 
1 68  GLN n 
1 69  ASN n 
1 70  ARG n 
1 71  GLY n 
1 72  ILE n 
1 73  TYR n 
1 74  MET n 
1 75  PHE n 
1 76  ARG n 
1 77  ILE n 
1 78  ASN n 
1 79  ASN n 
1 80  GLU n 
1 81  HIS n 
1 82  VAL n 
1 83  ILE n 
1 84  ASP n 
1 85  ALA n 
1 86  THR n 
1 87  LEU n 
1 88  THR n 
1 89  GLY n 
1 90  GLY n 
1 91  PRO n 
1 92  ALA n 
1 93  ARG n 
1 94  TYR n 
1 95  ILE n 
1 96  ASN n 
1 97  HIS n 
1 98  SER n 
1 99  CYS n 
1 100 ALA n 
1 101 PRO n 
1 102 ASN n 
1 103 CYS n 
1 104 VAL n 
1 105 ALA n 
1 106 GLU n 
1 107 VAL n 
1 108 VAL n 
1 109 THR n 
1 110 PHE n 
1 111 ASP n 
1 112 LYS n 
1 113 GLU n 
1 114 ASP n 
1 115 LYS n 
1 116 ILE n 
1 117 ILE n 
1 118 ILE n 
1 119 ILE n 
1 120 SER n 
1 121 SER n 
1 122 ARG n 
1 123 ARG n 
1 124 ILE n 
1 125 PRO n 
1 126 LYS n 
1 127 GLY n 
1 128 GLU n 
1 129 GLU n 
1 130 LEU n 
1 131 THR n 
1 132 TYR n 
1 133 ASP n 
1 134 TYR n 
1 135 GLN n 
1 136 PHE n 
1 137 ASP n 
1 138 PHE n 
1 139 GLU n 
1 140 ASP n 
1 141 ASP n 
1 142 GLN n 
1 143 HIS n 
1 144 GLU n 
1 145 ILE n 
1 146 PRO n 
1 147 CYS n 
1 148 HIS n 
1 149 CYS n 
1 150 GLY n 
1 151 ALA n 
1 152 TRP n 
1 153 ASN n 
1 154 CYS n 
1 155 ARG n 
1 156 LYS n 
1 157 TRP n 
1 158 MET n 
1 159 LYS n 
1 160 GLY n 
1 161 HIS n 
1 162 HIS n 
1 163 HIS n 
1 164 HIS n 
1 165 HIS n 
1 166 HIS n 
# 
_entity_src_gen.entity_id                          1 
_entity_src_gen.pdbx_src_id                        1 
_entity_src_gen.pdbx_alt_source_flag               sample 
_entity_src_gen.pdbx_seq_type                      'Biological sequence' 
_entity_src_gen.pdbx_beg_seq_num                   1 
_entity_src_gen.pdbx_end_seq_num                   166 
_entity_src_gen.gene_src_common_name               Human 
_entity_src_gen.gene_src_genus                     ? 
_entity_src_gen.pdbx_gene_src_gene                 'KMT2D, ALR, MLL2, MLL4' 
_entity_src_gen.gene_src_species                   ? 
_entity_src_gen.gene_src_strain                    ? 
_entity_src_gen.gene_src_tissue                    ? 
_entity_src_gen.gene_src_tissue_fraction           ? 
_entity_src_gen.gene_src_details                   ? 
_entity_src_gen.pdbx_gene_src_fragment             ? 
_entity_src_gen.pdbx_gene_src_scientific_name      'Homo sapiens' 
_entity_src_gen.pdbx_gene_src_ncbi_taxonomy_id     9606 
_entity_src_gen.pdbx_gene_src_variant              ? 
_entity_src_gen.pdbx_gene_src_cell_line            ? 
_entity_src_gen.pdbx_gene_src_atcc                 ? 
_entity_src_gen.pdbx_gene_src_organ                ? 
_entity_src_gen.pdbx_gene_src_organelle            ? 
_entity_src_gen.pdbx_gene_src_cell                 ? 
_entity_src_gen.pdbx_gene_src_cellular_location    ? 
_entity_src_gen.host_org_common_name               ? 
_entity_src_gen.pdbx_host_org_scientific_name      'Escherichia coli #1/H766' 
_entity_src_gen.pdbx_host_org_ncbi_taxonomy_id     1354003 
_entity_src_gen.host_org_genus                     ? 
_entity_src_gen.pdbx_host_org_gene                 ? 
_entity_src_gen.pdbx_host_org_organ                ? 
_entity_src_gen.host_org_species                   ? 
_entity_src_gen.pdbx_host_org_tissue               ? 
_entity_src_gen.pdbx_host_org_tissue_fraction      ? 
_entity_src_gen.pdbx_host_org_strain               ? 
_entity_src_gen.pdbx_host_org_variant              ? 
_entity_src_gen.pdbx_host_org_cell_line            ? 
_entity_src_gen.pdbx_host_org_atcc                 ? 
_entity_src_gen.pdbx_host_org_culture_collection   ? 
_entity_src_gen.pdbx_host_org_cell                 ? 
_entity_src_gen.pdbx_host_org_organelle            ? 
_entity_src_gen.pdbx_host_org_cellular_location    ? 
_entity_src_gen.pdbx_host_org_vector_type          ? 
_entity_src_gen.pdbx_host_org_vector               ? 
_entity_src_gen.host_org_details                   ? 
_entity_src_gen.expression_system_id               ? 
_entity_src_gen.plasmid_name                       ? 
_entity_src_gen.plasmid_details                    ? 
_entity_src_gen.pdbx_description                   ? 
# 
loop_
_chem_comp.id 
_chem_comp.type 
_chem_comp.mon_nstd_flag 
_chem_comp.name 
_chem_comp.pdbx_synonyms 
_chem_comp.formula 
_chem_comp.formula_weight 
ALA 'L-peptide linking' y ALANINE                   ? 'C3 H7 N O2'      89.093  
ARG 'L-peptide linking' y ARGININE                  ? 'C6 H15 N4 O2 1'  175.209 
ASN 'L-peptide linking' y ASPARAGINE                ? 'C4 H8 N2 O3'     132.118 
ASP 'L-peptide linking' y 'ASPARTIC ACID'           ? 'C4 H7 N O4'      133.103 
CYS 'L-peptide linking' y CYSTEINE                  ? 'C3 H7 N O2 S'    121.158 
GLN 'L-peptide linking' y GLUTAMINE                 ? 'C5 H10 N2 O3'    146.144 
GLU 'L-peptide linking' y 'GLUTAMIC ACID'           ? 'C5 H9 N O4'      147.129 
GLY 'peptide linking'   y GLYCINE                   ? 'C2 H5 N O2'      75.067  
HIS 'L-peptide linking' y HISTIDINE                 ? 'C6 H10 N3 O2 1'  156.162 
HOH non-polymer         . WATER                     ? 'H2 O'            18.015  
ILE 'L-peptide linking' y ISOLEUCINE                ? 'C6 H13 N O2'     131.173 
LEU 'L-peptide linking' y LEUCINE                   ? 'C6 H13 N O2'     131.173 
LYS 'L-peptide linking' y LYSINE                    ? 'C6 H15 N2 O2 1'  147.195 
MET 'L-peptide linking' y METHIONINE                ? 'C5 H11 N O2 S'   149.211 
PHE 'L-peptide linking' y PHENYLALANINE             ? 'C9 H11 N O2'     165.189 
PRO 'L-peptide linking' y PROLINE                   ? 'C5 H9 N O2'      115.130 
SAH non-polymer         . S-ADENOSYL-L-HOMOCYSTEINE ? 'C14 H20 N6 O5 S' 384.411 
SER 'L-peptide linking' y SERINE                    ? 'C3 H7 N O3'      105.093 
THR 'L-peptide linking' y THREONINE                 ? 'C4 H9 N O3'      119.119 
TRP 'L-peptide linking' y TRYPTOPHAN                ? 'C11 H12 N2 O2'   204.225 
TYR 'L-peptide linking' y TYROSINE                  ? 'C9 H11 N O3'     181.189 
VAL 'L-peptide linking' y VALINE                    ? 'C5 H11 N O2'     117.146 
ZN  non-polymer         . 'ZINC ION'                ? 'Zn 2'            65.409  
# 
loop_
_pdbx_poly_seq_scheme.asym_id 
_pdbx_poly_seq_scheme.entity_id 
_pdbx_poly_seq_scheme.seq_id 
_pdbx_poly_seq_scheme.mon_id 
_pdbx_poly_seq_scheme.ndb_seq_num 
_pdbx_poly_seq_scheme.pdb_seq_num 
_pdbx_poly_seq_scheme.auth_seq_num 
_pdbx_poly_seq_scheme.pdb_mon_id 
_pdbx_poly_seq_scheme.auth_mon_id 
_pdbx_poly_seq_scheme.pdb_strand_id 
_pdbx_poly_seq_scheme.pdb_ins_code 
_pdbx_poly_seq_scheme.hetero 
A 1 1   MET 1   5379 ?    ?   ?   A . n 
A 1 2   THR 2   5380 5380 THR THR A . n 
A 1 3   LEU 3   5381 5381 LEU LEU A . n 
A 1 4   HIS 4   5382 5382 HIS HIS A . n 
A 1 5   SER 5   5383 5383 SER SER A . n 
A 1 6   LYS 6   5384 5384 LYS LYS A . n 
A 1 7   SER 7   5385 5385 SER SER A . n 
A 1 8   SER 8   5386 5386 SER SER A . n 
A 1 9   GLN 9   5387 5387 GLN GLN A . n 
A 1 10  TYR 10  5388 5388 TYR TYR A . n 
A 1 11  ARG 11  5389 5389 ARG ARG A . n 
A 1 12  ARG 12  5390 5390 ARG ARG A . n 
A 1 13  LEU 13  5391 5391 LEU LEU A . n 
A 1 14  ARG 14  5392 5392 ARG ARG A . n 
A 1 15  THR 15  5393 5393 THR THR A . n 
A 1 16  GLU 16  5394 5394 GLU GLU A . n 
A 1 17  TRP 17  5395 5395 TRP TRP A . n 
A 1 18  LYS 18  5396 5396 LYS LYS A . n 
A 1 19  ASN 19  5397 5397 ASN ASN A . n 
A 1 20  ASN 20  5398 5398 ASN ASN A . n 
A 1 21  VAL 21  5399 5399 VAL VAL A . n 
A 1 22  TYR 22  5400 5400 TYR TYR A . n 
A 1 23  LEU 23  5401 5401 LEU LEU A . n 
A 1 24  ALA 24  5402 5402 ALA ALA A . n 
A 1 25  ARG 25  5403 5403 ARG ARG A . n 
A 1 26  SER 26  5404 5404 SER SER A . n 
A 1 27  ARG 27  5405 5405 ARG ARG A . n 
A 1 28  ILE 28  5406 5406 ILE ILE A . n 
A 1 29  GLN 29  5407 5407 GLN GLN A . n 
A 1 30  GLY 30  5408 5408 GLY GLY A . n 
A 1 31  LEU 31  5409 5409 LEU LEU A . n 
A 1 32  GLY 32  5410 5410 GLY GLY A . n 
A 1 33  LEU 33  5411 5411 LEU LEU A . n 
A 1 34  TYR 34  5412 5412 TYR TYR A . n 
A 1 35  ALA 35  5413 5413 ALA ALA A . n 
A 1 36  ALA 36  5414 5414 ALA ALA A . n 
A 1 37  LYS 37  5415 5415 LYS LYS A . n 
A 1 38  ASP 38  5416 5416 ASP ASP A . n 
A 1 39  LEU 39  5417 5417 LEU LEU A . n 
A 1 40  GLU 40  5418 5418 GLU GLU A . n 
A 1 41  LYS 41  5419 5419 LYS LYS A . n 
A 1 42  HIS 42  5420 5420 HIS HIS A . n 
A 1 43  THR 43  5421 5421 THR THR A . n 
A 1 44  MET 44  5422 5422 MET MET A . n 
A 1 45  VAL 45  5423 5423 VAL VAL A . n 
A 1 46  ILE 46  5424 5424 ILE ILE A . n 
A 1 47  GLU 47  5425 5425 GLU GLU A . n 
A 1 48  TYR 48  5426 5426 TYR TYR A . n 
A 1 49  ILE 49  5427 5427 ILE ILE A . n 
A 1 50  GLY 50  5428 5428 GLY GLY A . n 
A 1 51  THR 51  5429 5429 THR THR A . n 
A 1 52  ILE 52  5430 5430 ILE ILE A . n 
A 1 53  ILE 53  5431 5431 ILE ILE A . n 
A 1 54  ARG 54  5432 5432 ARG ARG A . n 
A 1 55  ASN 55  5433 5433 ASN ASN A . n 
A 1 56  GLU 56  5434 5434 GLU GLU A . n 
A 1 57  VAL 57  5435 5435 VAL VAL A . n 
A 1 58  ALA 58  5436 5436 ALA ALA A . n 
A 1 59  ASN 59  5437 5437 ASN ASN A . n 
A 1 60  ARG 60  5438 5438 ARG ARG A . n 
A 1 61  ARG 61  5439 5439 ARG ARG A . n 
A 1 62  GLU 62  5440 5440 GLU GLU A . n 
A 1 63  LYS 63  5441 5441 LYS LYS A . n 
A 1 64  ILE 64  5442 5442 ILE ILE A . n 
A 1 65  TYR 65  5443 5443 TYR TYR A . n 
A 1 66  GLU 66  5444 5444 GLU GLU A . n 
A 1 67  GLU 67  5445 5445 GLU GLU A . n 
A 1 68  GLN 68  5446 5446 GLN GLN A . n 
A 1 69  ASN 69  5447 5447 ASN ASN A . n 
A 1 70  ARG 70  5448 5448 ARG ARG A . n 
A 1 71  GLY 71  5449 5449 GLY GLY A . n 
A 1 72  ILE 72  5450 5450 ILE ILE A . n 
A 1 73  TYR 73  5451 5451 TYR TYR A . n 
A 1 74  MET 74  5452 5452 MET MET A . n 
A 1 75  PHE 75  5453 5453 PHE PHE A . n 
A 1 76  ARG 76  5454 5454 ARG ARG A . n 
A 1 77  ILE 77  5455 5455 ILE ILE A . n 
A 1 78  ASN 78  5456 5456 ASN ASN A . n 
A 1 79  ASN 79  5457 5457 ASN ASN A . n 
A 1 80  GLU 80  5458 5458 GLU GLU A . n 
A 1 81  HIS 81  5459 5459 HIS HIS A . n 
A 1 82  VAL 82  5460 5460 VAL VAL A . n 
A 1 83  ILE 83  5461 5461 ILE ILE A . n 
A 1 84  ASP 84  5462 5462 ASP ASP A . n 
A 1 85  ALA 85  5463 5463 ALA ALA A . n 
A 1 86  THR 86  5464 5464 THR THR A . n 
A 1 87  LEU 87  5465 5465 LEU LEU A . n 
A 1 88  THR 88  5466 5466 THR THR A . n 
A 1 89  GLY 89  5467 5467 GLY GLY A . n 
A 1 90  GLY 90  5468 5468 GLY GLY A . n 
A 1 91  PRO 91  5469 5469 PRO PRO A . n 
A 1 92  ALA 92  5470 5470 ALA ALA A . n 
A 1 93  ARG 93  5471 5471 ARG ARG A . n 
A 1 94  TYR 94  5472 5472 TYR TYR A . n 
A 1 95  ILE 95  5473 5473 ILE ILE A . n 
A 1 96  ASN 96  5474 5474 ASN ASN A . n 
A 1 97  HIS 97  5475 5475 HIS HIS A . n 
A 1 98  SER 98  5476 5476 SER SER A . n 
A 1 99  CYS 99  5477 5477 CYS CYS A . n 
A 1 100 ALA 100 5478 5478 ALA ALA A . n 
A 1 101 PRO 101 5479 5479 PRO PRO A . n 
A 1 102 ASN 102 5480 5480 ASN ASN A . n 
A 1 103 CYS 103 5481 5481 CYS CYS A . n 
A 1 104 VAL 104 5482 5482 VAL VAL A . n 
A 1 105 ALA 105 5483 5483 ALA ALA A . n 
A 1 106 GLU 106 5484 5484 GLU GLU A . n 
A 1 107 VAL 107 5485 5485 VAL VAL A . n 
A 1 108 VAL 108 5486 5486 VAL VAL A . n 
A 1 109 THR 109 5487 5487 THR THR A . n 
A 1 110 PHE 110 5488 5488 PHE PHE A . n 
A 1 111 ASP 111 5489 5489 ASP ASP A . n 
A 1 112 LYS 112 5490 5490 LYS LYS A . n 
A 1 113 GLU 113 5491 5491 GLU GLU A . n 
A 1 114 ASP 114 5492 5492 ASP ASP A . n 
A 1 115 LYS 115 5493 5493 LYS LYS A . n 
A 1 116 ILE 116 5494 5494 ILE ILE A . n 
A 1 117 ILE 117 5495 5495 ILE ILE A . n 
A 1 118 ILE 118 5496 5496 ILE ILE A . n 
A 1 119 ILE 119 5497 5497 ILE ILE A . n 
A 1 120 SER 120 5498 5498 SER SER A . n 
A 1 121 SER 121 5499 5499 SER SER A . n 
A 1 122 ARG 122 5500 5500 ARG ARG A . n 
A 1 123 ARG 123 5501 5501 ARG ARG A . n 
A 1 124 ILE 124 5502 5502 ILE ILE A . n 
A 1 125 PRO 125 5503 5503 PRO PRO A . n 
A 1 126 LYS 126 5504 5504 LYS LYS A . n 
A 1 127 GLY 127 5505 5505 GLY GLY A . n 
A 1 128 GLU 128 5506 5506 GLU GLU A . n 
A 1 129 GLU 129 5507 5507 GLU GLU A . n 
A 1 130 LEU 130 5508 5508 LEU LEU A . n 
A 1 131 THR 131 5509 5509 THR THR A . n 
A 1 132 TYR 132 5510 5510 TYR TYR A . n 
A 1 133 ASP 133 5511 5511 ASP ASP A . n 
A 1 134 TYR 134 5512 5512 TYR TYR A . n 
A 1 135 GLN 135 5513 5513 GLN GLN A . n 
A 1 136 PHE 136 5514 5514 PHE PHE A . n 
A 1 137 ASP 137 5515 5515 ASP ASP A . n 
A 1 138 PHE 138 5516 5516 PHE PHE A . n 
A 1 139 GLU 139 5517 5517 GLU GLU A . n 
A 1 140 ASP 140 5518 5518 ASP ASP A . n 
A 1 141 ASP 141 5519 5519 ASP ASP A . n 
A 1 142 GLN 142 5520 5520 GLN GLN A . n 
A 1 143 HIS 143 5521 5521 HIS HIS A . n 
A 1 144 GLU 144 5522 5522 GLU GLU A . n 
A 1 145 ILE 145 5523 5523 ILE ILE A . n 
A 1 146 PRO 146 5524 5524 PRO PRO A . n 
A 1 147 CYS 147 5525 5525 CYS CYS A . n 
A 1 148 HIS 148 5526 5526 HIS HIS A . n 
A 1 149 CYS 149 5527 5527 CYS CYS A . n 
A 1 150 GLY 150 5528 5528 GLY GLY A . n 
A 1 151 ALA 151 5529 5529 ALA ALA A . n 
A 1 152 TRP 152 5530 5530 TRP TRP A . n 
A 1 153 ASN 153 5531 5531 ASN ASN A . n 
A 1 154 CYS 154 5532 5532 CYS CYS A . n 
A 1 155 ARG 155 5533 5533 ARG ARG A . n 
A 1 156 LYS 156 5534 5534 LYS LYS A . n 
A 1 157 TRP 157 5535 5535 TRP TRP A . n 
A 1 158 MET 158 5536 5536 MET MET A . n 
A 1 159 LYS 159 5537 5537 LYS LYS A . n 
A 1 160 GLY 160 5538 5538 GLY GLY A . n 
A 1 161 HIS 161 5539 5539 HIS HIS A . n 
A 1 162 HIS 162 5540 5540 HIS HIS A . n 
A 1 163 HIS 163 5541 ?    ?   ?   A . n 
A 1 164 HIS 164 5542 ?    ?   ?   A . n 
A 1 165 HIS 165 5543 ?    ?   ?   A . n 
A 1 166 HIS 166 5544 ?    ?   ?   A . n 
# 
loop_
_pdbx_nonpoly_scheme.asym_id 
_pdbx_nonpoly_scheme.entity_id 
_pdbx_nonpoly_scheme.mon_id 
_pdbx_nonpoly_scheme.ndb_seq_num 
_pdbx_nonpoly_scheme.pdb_seq_num 
_pdbx_nonpoly_scheme.auth_seq_num 
_pdbx_nonpoly_scheme.pdb_mon_id 
_pdbx_nonpoly_scheme.auth_mon_id 
_pdbx_nonpoly_scheme.pdb_strand_id 
_pdbx_nonpoly_scheme.pdb_ins_code 
B 2 ZN  1  5601 250 ZN  ZN  A . 
C 3 SAH 1  5602 500 SAH SAH A . 
D 4 HOH 1  5701 47  HOH HOH A . 
D 4 HOH 2  5702 84  HOH HOH A . 
D 4 HOH 3  5703 43  HOH HOH A . 
D 4 HOH 4  5704 32  HOH HOH A . 
D 4 HOH 5  5705 77  HOH HOH A . 
D 4 HOH 6  5706 3   HOH HOH A . 
D 4 HOH 7  5707 67  HOH HOH A . 
D 4 HOH 8  5708 13  HOH HOH A . 
D 4 HOH 9  5709 63  HOH HOH A . 
D 4 HOH 10 5710 48  HOH HOH A . 
D 4 HOH 11 5711 35  HOH HOH A . 
D 4 HOH 12 5712 15  HOH HOH A . 
D 4 HOH 13 5713 9   HOH HOH A . 
D 4 HOH 14 5714 18  HOH HOH A . 
D 4 HOH 15 5715 37  HOH HOH A . 
D 4 HOH 16 5716 4   HOH HOH A . 
D 4 HOH 17 5717 57  HOH HOH A . 
D 4 HOH 18 5718 19  HOH HOH A . 
D 4 HOH 19 5719 64  HOH HOH A . 
D 4 HOH 20 5720 80  HOH HOH A . 
D 4 HOH 21 5721 52  HOH HOH A . 
D 4 HOH 22 5722 6   HOH HOH A . 
D 4 HOH 23 5723 5   HOH HOH A . 
D 4 HOH 24 5724 16  HOH HOH A . 
D 4 HOH 25 5725 20  HOH HOH A . 
D 4 HOH 26 5726 1   HOH HOH A . 
D 4 HOH 27 5727 22  HOH HOH A . 
D 4 HOH 28 5728 12  HOH HOH A . 
D 4 HOH 29 5729 78  HOH HOH A . 
D 4 HOH 30 5730 10  HOH HOH A . 
D 4 HOH 31 5731 23  HOH HOH A . 
D 4 HOH 32 5732 69  HOH HOH A . 
D 4 HOH 33 5733 42  HOH HOH A . 
D 4 HOH 34 5734 38  HOH HOH A . 
D 4 HOH 35 5735 7   HOH HOH A . 
D 4 HOH 36 5736 25  HOH HOH A . 
D 4 HOH 37 5737 85  HOH HOH A . 
D 4 HOH 38 5738 59  HOH HOH A . 
D 4 HOH 39 5739 58  HOH HOH A . 
D 4 HOH 40 5740 44  HOH HOH A . 
D 4 HOH 41 5741 27  HOH HOH A . 
D 4 HOH 42 5742 8   HOH HOH A . 
D 4 HOH 43 5743 39  HOH HOH A . 
D 4 HOH 44 5744 33  HOH HOH A . 
D 4 HOH 45 5745 17  HOH HOH A . 
D 4 HOH 46 5746 34  HOH HOH A . 
D 4 HOH 47 5747 2   HOH HOH A . 
D 4 HOH 48 5748 56  HOH HOH A . 
D 4 HOH 49 5749 83  HOH HOH A . 
D 4 HOH 50 5750 79  HOH HOH A . 
D 4 HOH 51 5751 30  HOH HOH A . 
D 4 HOH 52 5752 26  HOH HOH A . 
D 4 HOH 53 5753 81  HOH HOH A . 
D 4 HOH 54 5754 82  HOH HOH A . 
D 4 HOH 55 5755 54  HOH HOH A . 
D 4 HOH 56 5756 75  HOH HOH A . 
D 4 HOH 57 5757 21  HOH HOH A . 
D 4 HOH 58 5758 28  HOH HOH A . 
D 4 HOH 59 5759 53  HOH HOH A . 
D 4 HOH 60 5760 11  HOH HOH A . 
# 
loop_
_software.citation_id 
_software.classification 
_software.compiler_name 
_software.compiler_version 
_software.contact_author 
_software.contact_author_email 
_software.date 
_software.description 
_software.dependencies 
_software.hardware 
_software.language 
_software.location 
_software.mods 
_software.name 
_software.os 
_software.os_version 
_software.type 
_software.version 
_software.pdbx_ordinal 
? refinement       ? ? ? ? ? ? ? ? ? ? ? REFMAC ? ? ? 5.8.0124 1 
? 'data reduction' ? ? ? ? ? ? ? ? ? ? ? XDS    ? ? ? .        2 
? 'data scaling'   ? ? ? ? ? ? ? ? ? ? ? SCALA  ? ? ? .        3 
? phasing          ? ? ? ? ? ? ? ? ? ? ? PHASER ? ? ? .        4 
# 
_cell.entry_id           4Z4P 
_cell.length_a           38.299 
_cell.length_b           40.692 
_cell.length_c           50.965 
_cell.angle_alpha        90.00 
_cell.angle_beta         109.78 
_cell.angle_gamma        90.00 
_cell.Z_PDB              2 
_cell.pdbx_unique_axis   ? 
# 
_symmetry.entry_id                         4Z4P 
_symmetry.space_group_name_H-M             'P 1 21 1' 
_symmetry.pdbx_full_space_group_name_H-M   ? 
_symmetry.cell_setting                     ? 
_symmetry.Int_Tables_number                4 
# 
_exptl.absorpt_coefficient_mu     ? 
_exptl.absorpt_correction_T_max   ? 
_exptl.absorpt_correction_T_min   ? 
_exptl.absorpt_correction_type    ? 
_exptl.absorpt_process_details    ? 
_exptl.entry_id                   4Z4P 
_exptl.crystals_number            ? 
_exptl.details                    ? 
_exptl.method                     'X-RAY DIFFRACTION' 
_exptl.method_details             ? 
# 
_exptl_crystal.colour                      ? 
_exptl_crystal.density_diffrn              ? 
_exptl_crystal.density_Matthews            1.90 
_exptl_crystal.density_method              ? 
_exptl_crystal.density_percent_sol         35.15 
_exptl_crystal.description                 ? 
_exptl_crystal.F_000                       ? 
_exptl_crystal.id                          1 
_exptl_crystal.preparation                 ? 
_exptl_crystal.size_max                    ? 
_exptl_crystal.size_mid                    ? 
_exptl_crystal.size_min                    ? 
_exptl_crystal.size_rad                    ? 
_exptl_crystal.colour_lustre               ? 
_exptl_crystal.colour_modifier             ? 
_exptl_crystal.colour_primary              ? 
_exptl_crystal.density_meas                ? 
_exptl_crystal.density_meas_esd            ? 
_exptl_crystal.density_meas_gt             ? 
_exptl_crystal.density_meas_lt             ? 
_exptl_crystal.density_meas_temp           ? 
_exptl_crystal.density_meas_temp_esd       ? 
_exptl_crystal.density_meas_temp_gt        ? 
_exptl_crystal.density_meas_temp_lt        ? 
_exptl_crystal.pdbx_crystal_image_url      ? 
_exptl_crystal.pdbx_crystal_image_format   ? 
_exptl_crystal.pdbx_mosaicity              ? 
_exptl_crystal.pdbx_mosaicity_esd          ? 
# 
_exptl_crystal_grow.apparatus       ? 
_exptl_crystal_grow.atmosphere      ? 
_exptl_crystal_grow.crystal_id      1 
_exptl_crystal_grow.details         ? 
_exptl_crystal_grow.method          'VAPOR DIFFUSION, SITTING DROP' 
_exptl_crystal_grow.method_ref      ? 
_exptl_crystal_grow.pH              8.5 
_exptl_crystal_grow.pressure        ? 
_exptl_crystal_grow.pressure_esd    ? 
_exptl_crystal_grow.seeding         ? 
_exptl_crystal_grow.seeding_ref     ? 
_exptl_crystal_grow.temp            295 
_exptl_crystal_grow.temp_details    ? 
_exptl_crystal_grow.temp_esd        ? 
_exptl_crystal_grow.time            ? 
_exptl_crystal_grow.pdbx_details    
;100 mM Tris-HCl
20 % Ethanol
;
_exptl_crystal_grow.pdbx_pH_range   ? 
# 
_diffrn.ambient_environment    ? 
_diffrn.ambient_temp           80 
_diffrn.ambient_temp_details   ? 
_diffrn.ambient_temp_esd       ? 
_diffrn.crystal_id             1 
_diffrn.crystal_support        ? 
_diffrn.crystal_treatment      ? 
_diffrn.details                ? 
_diffrn.id                     1 
_diffrn.ambient_pressure       ? 
_diffrn.ambient_pressure_esd   ? 
_diffrn.ambient_pressure_gt    ? 
_diffrn.ambient_pressure_lt    ? 
_diffrn.ambient_temp_gt        ? 
_diffrn.ambient_temp_lt        ? 
# 
_diffrn_detector.details                      ? 
_diffrn_detector.detector                     CCD 
_diffrn_detector.diffrn_id                    1 
_diffrn_detector.type                         'ADSC QUANTUM 315' 
_diffrn_detector.area_resol_mean              ? 
_diffrn_detector.dtime                        ? 
_diffrn_detector.pdbx_frames_total            ? 
_diffrn_detector.pdbx_collection_time_total   ? 
_diffrn_detector.pdbx_collection_date         2011-07-09 
# 
_diffrn_radiation.collimation                      ? 
_diffrn_radiation.diffrn_id                        1 
_diffrn_radiation.filter_edge                      ? 
_diffrn_radiation.inhomogeneity                    ? 
_diffrn_radiation.monochromator                    'Double Crystal' 
_diffrn_radiation.polarisn_norm                    ? 
_diffrn_radiation.polarisn_ratio                   ? 
_diffrn_radiation.probe                            ? 
_diffrn_radiation.type                             ? 
_diffrn_radiation.xray_symbol                      ? 
_diffrn_radiation.wavelength_id                    1 
_diffrn_radiation.pdbx_monochromatic_or_laue_m_l   M 
_diffrn_radiation.pdbx_wavelength_list             ? 
_diffrn_radiation.pdbx_wavelength                  ? 
_diffrn_radiation.pdbx_diffrn_protocol             'SINGLE WAVELENGTH' 
_diffrn_radiation.pdbx_analyzer                    ? 
_diffrn_radiation.pdbx_scattering_type             x-ray 
# 
_diffrn_radiation_wavelength.id           1 
_diffrn_radiation_wavelength.wavelength   0.9795 
_diffrn_radiation_wavelength.wt           1.0 
# 
_diffrn_source.current                     ? 
_diffrn_source.details                     ? 
_diffrn_source.diffrn_id                   1 
_diffrn_source.power                       ? 
_diffrn_source.size                        ? 
_diffrn_source.source                      SYNCHROTRON 
_diffrn_source.target                      ? 
_diffrn_source.type                        'DIAMOND BEAMLINE I02' 
_diffrn_source.voltage                     ? 
_diffrn_source.take-off_angle              ? 
_diffrn_source.pdbx_wavelength_list        0.9795 
_diffrn_source.pdbx_wavelength             ? 
_diffrn_source.pdbx_synchrotron_beamline   I02 
_diffrn_source.pdbx_synchrotron_site       Diamond 
# 
_reflns.B_iso_Wilson_estimate            ? 
_reflns.entry_id                         4Z4P 
_reflns.data_reduction_details           ? 
_reflns.data_reduction_method            ? 
_reflns.d_resolution_high                2.2 
_reflns.d_resolution_low                 47.96 
_reflns.details                          ? 
_reflns.limit_h_max                      ? 
_reflns.limit_h_min                      ? 
_reflns.limit_k_max                      ? 
_reflns.limit_k_min                      ? 
_reflns.limit_l_max                      ? 
_reflns.limit_l_min                      ? 
_reflns.number_all                       ? 
_reflns.number_obs                       7566 
_reflns.observed_criterion               ? 
_reflns.observed_criterion_F_max         ? 
_reflns.observed_criterion_F_min         ? 
_reflns.observed_criterion_I_max         ? 
_reflns.observed_criterion_I_min         ? 
_reflns.observed_criterion_sigma_F       ? 
_reflns.observed_criterion_sigma_I       ? 
_reflns.percent_possible_obs             98.9 
_reflns.R_free_details                   ? 
_reflns.Rmerge_F_all                     ? 
_reflns.Rmerge_F_obs                     ? 
_reflns.Friedel_coverage                 ? 
_reflns.number_gt                        ? 
_reflns.threshold_expression             ? 
_reflns.pdbx_redundancy                  5.4 
_reflns.pdbx_Rmerge_I_obs                0.063 
_reflns.pdbx_Rmerge_I_all                ? 
_reflns.pdbx_Rsym_value                  ? 
_reflns.pdbx_netI_over_av_sigmaI         ? 
_reflns.pdbx_netI_over_sigmaI            17.3 
_reflns.pdbx_res_netI_over_av_sigmaI_2   ? 
_reflns.pdbx_res_netI_over_sigmaI_2      ? 
_reflns.pdbx_chi_squared                 ? 
_reflns.pdbx_scaling_rejects             ? 
_reflns.pdbx_d_res_high_opt              ? 
_reflns.pdbx_d_res_low_opt               ? 
_reflns.pdbx_d_res_opt_method            ? 
_reflns.phase_calculation_details        ? 
_reflns.pdbx_Rrim_I_all                  ? 
_reflns.pdbx_Rpim_I_all                  ? 
_reflns.pdbx_d_opt                       ? 
_reflns.pdbx_number_measured_all         ? 
_reflns.pdbx_diffrn_id                   1 
_reflns.pdbx_ordinal                     1 
_reflns.pdbx_CC_half                     ? 
_reflns.pdbx_R_split                     ? 
# 
_reflns_shell.d_res_high                  2.2 
_reflns_shell.d_res_low                   2.3 
_reflns_shell.meanI_over_sigI_all         ? 
_reflns_shell.meanI_over_sigI_obs         8.3 
_reflns_shell.number_measured_all         ? 
_reflns_shell.number_measured_obs         ? 
_reflns_shell.number_possible             ? 
_reflns_shell.number_unique_all           ? 
_reflns_shell.number_unique_obs           ? 
_reflns_shell.percent_possible_all        98.5 
_reflns_shell.percent_possible_obs        ? 
_reflns_shell.Rmerge_F_all                ? 
_reflns_shell.Rmerge_F_obs                ? 
_reflns_shell.Rmerge_I_all                ? 
_reflns_shell.Rmerge_I_obs                0.21 
_reflns_shell.meanI_over_sigI_gt          ? 
_reflns_shell.meanI_over_uI_all           ? 
_reflns_shell.meanI_over_uI_gt            ? 
_reflns_shell.number_measured_gt          ? 
_reflns_shell.number_unique_gt            ? 
_reflns_shell.percent_possible_gt         ? 
_reflns_shell.Rmerge_F_gt                 ? 
_reflns_shell.Rmerge_I_gt                 ? 
_reflns_shell.pdbx_redundancy             5.5 
_reflns_shell.pdbx_Rsym_value             ? 
_reflns_shell.pdbx_chi_squared            ? 
_reflns_shell.pdbx_netI_over_sigmaI_all   ? 
_reflns_shell.pdbx_netI_over_sigmaI_obs   ? 
_reflns_shell.pdbx_Rrim_I_all             ? 
_reflns_shell.pdbx_Rpim_I_all             ? 
_reflns_shell.pdbx_rejects                ? 
_reflns_shell.pdbx_ordinal                1 
_reflns_shell.pdbx_diffrn_id              1 
_reflns_shell.pdbx_CC_half                ? 
_reflns_shell.pdbx_R_split                ? 
# 
_refine.pdbx_refine_id                           'X-RAY DIFFRACTION' 
_refine.entry_id                                 4Z4P 
_refine.pdbx_diffrn_id                           1 
_refine.pdbx_TLS_residual_ADP_flag               ? 
_refine.ls_number_reflns_obs                     7143 
_refine.ls_number_reflns_all                     ? 
_refine.pdbx_ls_sigma_I                          ? 
_refine.pdbx_ls_sigma_F                          ? 
_refine.pdbx_data_cutoff_high_absF               ? 
_refine.pdbx_data_cutoff_low_absF                ? 
_refine.pdbx_data_cutoff_high_rms_absF           ? 
_refine.ls_d_res_low                             47.96 
_refine.ls_d_res_high                            2.20 
_refine.ls_percent_reflns_obs                    98.04 
_refine.ls_R_factor_obs                          0.19567 
_refine.ls_R_factor_all                          ? 
_refine.ls_R_factor_R_work                       0.19348 
_refine.ls_R_factor_R_free                       0.24247 
_refine.ls_R_factor_R_free_error                 ? 
_refine.ls_R_factor_R_free_error_details         ? 
_refine.ls_percent_reflns_R_free                 4.9 
_refine.ls_number_reflns_R_free                  366 
_refine.ls_number_parameters                     ? 
_refine.ls_number_restraints                     ? 
_refine.occupancy_min                            ? 
_refine.occupancy_max                            ? 
_refine.correlation_coeff_Fo_to_Fc               0.946 
_refine.correlation_coeff_Fo_to_Fc_free          0.907 
_refine.B_iso_mean                               36.523 
_refine.aniso_B[1][1]                            -1.63 
_refine.aniso_B[2][2]                            -0.43 
_refine.aniso_B[3][3]                            1.55 
_refine.aniso_B[1][2]                            -0.00 
_refine.aniso_B[1][3]                            0.16 
_refine.aniso_B[2][3]                            -0.00 
_refine.solvent_model_details                    MASK 
_refine.solvent_model_param_ksol                 ? 
_refine.solvent_model_param_bsol                 ? 
_refine.pdbx_solvent_vdw_probe_radii             1.20 
_refine.pdbx_solvent_ion_probe_radii             0.80 
_refine.pdbx_solvent_shrinkage_radii             0.80 
_refine.pdbx_ls_cross_valid_method               THROUGHOUT 
_refine.details                                  'HYDROGENS HAVE BEEN ADDED IN THE RIDING POSITIONS' 
_refine.pdbx_starting_model                      1o9s 
_refine.pdbx_method_to_determine_struct          'MOLECULAR REPLACEMENT' 
_refine.pdbx_isotropic_thermal_model             ? 
_refine.pdbx_stereochemistry_target_values       'MAXIMUM LIKELIHOOD' 
_refine.pdbx_stereochem_target_val_spec_case     ? 
_refine.pdbx_R_Free_selection_details            RANDOM 
_refine.pdbx_overall_ESU_R                       0.194 
_refine.pdbx_overall_ESU_R_Free                  0.244 
_refine.overall_SU_ML                            0.000 
_refine.pdbx_overall_phase_error                 ? 
_refine.overall_SU_B                             0.017 
_refine.overall_SU_R_Cruickshank_DPI             ? 
_refine.pdbx_overall_SU_R_free_Cruickshank_DPI   ? 
_refine.pdbx_overall_SU_R_Blow_DPI               ? 
_refine.pdbx_overall_SU_R_free_Blow_DPI          ? 
# 
_refine_hist.pdbx_refine_id                   'X-RAY DIFFRACTION' 
_refine_hist.cycle_id                         LAST 
_refine_hist.pdbx_number_atoms_protein        1335 
_refine_hist.pdbx_number_atoms_nucleic_acid   0 
_refine_hist.pdbx_number_atoms_ligand         27 
_refine_hist.number_atoms_solvent             60 
_refine_hist.number_atoms_total               1422 
_refine_hist.d_res_high                       2.20 
_refine_hist.d_res_low                        47.96 
# 
_refine_ls_shell.pdbx_refine_id                   'X-RAY DIFFRACTION' 
_refine_ls_shell.pdbx_total_number_of_bins_used   20 
_refine_ls_shell.d_res_high                       2.200 
_refine_ls_shell.d_res_low                        2.257 
_refine_ls_shell.number_reflns_R_work             502 
_refine_ls_shell.R_factor_R_work                  0.203 
_refine_ls_shell.percent_reflns_obs               94.53 
_refine_ls_shell.R_factor_R_free                  0.167 
_refine_ls_shell.R_factor_R_free_error            ? 
_refine_ls_shell.percent_reflns_R_free            ? 
_refine_ls_shell.number_reflns_R_free             34 
_refine_ls_shell.number_reflns_all                ? 
_refine_ls_shell.R_factor_all                     ? 
_refine_ls_shell.R_factor_obs                     ? 
_refine_ls_shell.number_reflns_obs                ? 
# 
_struct.entry_id                     4Z4P 
_struct.title                        'Structure of the MLL4 SET Domain' 
_struct.pdbx_model_details           ? 
_struct.pdbx_formula_weight          ? 
_struct.pdbx_formula_weight_method   ? 
_struct.pdbx_model_type_details      ? 
_struct.pdbx_CASP_flag               ? 
# 
_struct_keywords.entry_id        4Z4P 
_struct_keywords.text            'transferase, SET Domain Methyltransferase' 
_struct_keywords.pdbx_keywords   TRANSFERASE 
# 
loop_
_struct_asym.id 
_struct_asym.pdbx_blank_PDB_chainid_flag 
_struct_asym.pdbx_modified 
_struct_asym.entity_id 
_struct_asym.details 
A N N 1 ? 
B N N 2 ? 
C N N 3 ? 
D N N 4 ? 
# 
_struct_ref.id                         1 
_struct_ref.db_name                    UNP 
_struct_ref.db_code                    KMT2D_HUMAN 
_struct_ref.pdbx_db_accession          O14686 
_struct_ref.pdbx_db_isoform            O14686-3 
_struct_ref.entity_id                  1 
_struct_ref.pdbx_seq_one_letter_code   
;HSKSSQYRRLRTEWKNNVYLARSRIQGLGLYAAKDLEKHTMVIEYIGTIIRNEVANRREKIYEEQNRGIYMFRINNEHVI
DATLTGGPARYINHSCAPNCVAEVVTFDKEDKIIIISSRRIPKGEELTYDYQFDFEDDQHKIPCHCGAWNCRKWM
;
_struct_ref.pdbx_align_begin           5385 
# 
_struct_ref_seq.align_id                      1 
_struct_ref_seq.ref_id                        1 
_struct_ref_seq.pdbx_PDB_id_code              4Z4P 
_struct_ref_seq.pdbx_strand_id                A 
_struct_ref_seq.seq_align_beg                 4 
_struct_ref_seq.pdbx_seq_align_beg_ins_code   ? 
_struct_ref_seq.seq_align_end                 158 
_struct_ref_seq.pdbx_seq_align_end_ins_code   ? 
_struct_ref_seq.pdbx_db_accession             O14686 
_struct_ref_seq.db_align_beg                  5385 
_struct_ref_seq.pdbx_db_align_beg_ins_code    ? 
_struct_ref_seq.db_align_end                  5539 
_struct_ref_seq.pdbx_db_align_end_ins_code    ? 
_struct_ref_seq.pdbx_auth_seq_align_beg       5382 
_struct_ref_seq.pdbx_auth_seq_align_end       5536 
# 
loop_
_struct_ref_seq_dif.align_id 
_struct_ref_seq_dif.pdbx_pdb_id_code 
_struct_ref_seq_dif.mon_id 
_struct_ref_seq_dif.pdbx_pdb_strand_id 
_struct_ref_seq_dif.seq_num 
_struct_ref_seq_dif.pdbx_pdb_ins_code 
_struct_ref_seq_dif.pdbx_seq_db_name 
_struct_ref_seq_dif.pdbx_seq_db_accession_code 
_struct_ref_seq_dif.db_mon_id 
_struct_ref_seq_dif.pdbx_seq_db_seq_num 
_struct_ref_seq_dif.details 
_struct_ref_seq_dif.pdbx_auth_seq_num 
_struct_ref_seq_dif.pdbx_ordinal 
1 4Z4P MET A 1   ? UNP O14686 ?   ?    'initiating methionine' 5379 1  
1 4Z4P THR A 2   ? UNP O14686 ?   ?    'expression tag'        5380 2  
1 4Z4P LEU A 3   ? UNP O14686 ?   ?    'expression tag'        5381 3  
1 4Z4P GLU A 144 ? UNP O14686 LYS 5525 'engineered mutation'   5522 4  
1 4Z4P LYS A 159 ? UNP O14686 ?   ?    'expression tag'        5537 5  
1 4Z4P GLY A 160 ? UNP O14686 ?   ?    'expression tag'        5538 6  
1 4Z4P HIS A 161 ? UNP O14686 ?   ?    'expression tag'        5539 7  
1 4Z4P HIS A 162 ? UNP O14686 ?   ?    'expression tag'        5540 8  
1 4Z4P HIS A 163 ? UNP O14686 ?   ?    'expression tag'        5541 9  
1 4Z4P HIS A 164 ? UNP O14686 ?   ?    'expression tag'        5542 10 
1 4Z4P HIS A 165 ? UNP O14686 ?   ?    'expression tag'        5543 11 
1 4Z4P HIS A 166 ? UNP O14686 ?   ?    'expression tag'        5544 12 
# 
_pdbx_struct_assembly.id                   1 
_pdbx_struct_assembly.details              author_and_software_defined_assembly 
_pdbx_struct_assembly.method_details       PISA 
_pdbx_struct_assembly.oligomeric_details   monomeric 
_pdbx_struct_assembly.oligomeric_count     1 
# 
loop_
_pdbx_struct_assembly_prop.biol_id 
_pdbx_struct_assembly_prop.type 
_pdbx_struct_assembly_prop.value 
_pdbx_struct_assembly_prop.details 
1 'ABSA (A^2)' 0    ? 
1 MORE         0    ? 
1 'SSA (A^2)'  9770 ? 
# 
_pdbx_struct_assembly_gen.assembly_id       1 
_pdbx_struct_assembly_gen.oper_expression   1 
_pdbx_struct_assembly_gen.asym_id_list      A,B,C,D 
# 
_pdbx_struct_oper_list.id                   1 
_pdbx_struct_oper_list.type                 'identity operation' 
_pdbx_struct_oper_list.name                 1_555 
_pdbx_struct_oper_list.symmetry_operation   x,y,z 
_pdbx_struct_oper_list.matrix[1][1]         1.0000000000 
_pdbx_struct_oper_list.matrix[1][2]         0.0000000000 
_pdbx_struct_oper_list.matrix[1][3]         0.0000000000 
_pdbx_struct_oper_list.vector[1]            0.0000000000 
_pdbx_struct_oper_list.matrix[2][1]         0.0000000000 
_pdbx_struct_oper_list.matrix[2][2]         1.0000000000 
_pdbx_struct_oper_list.matrix[2][3]         0.0000000000 
_pdbx_struct_oper_list.vector[2]            0.0000000000 
_pdbx_struct_oper_list.matrix[3][1]         0.0000000000 
_pdbx_struct_oper_list.matrix[3][2]         0.0000000000 
_pdbx_struct_oper_list.matrix[3][3]         1.0000000000 
_pdbx_struct_oper_list.vector[3]            0.0000000000 
# 
loop_
_struct_conf.conf_type_id 
_struct_conf.id 
_struct_conf.pdbx_PDB_helix_id 
_struct_conf.beg_label_comp_id 
_struct_conf.beg_label_asym_id 
_struct_conf.beg_label_seq_id 
_struct_conf.pdbx_beg_PDB_ins_code 
_struct_conf.end_label_comp_id 
_struct_conf.end_label_asym_id 
_struct_conf.end_label_seq_id 
_struct_conf.pdbx_end_PDB_ins_code 
_struct_conf.beg_auth_comp_id 
_struct_conf.beg_auth_asym_id 
_struct_conf.beg_auth_seq_id 
_struct_conf.end_auth_comp_id 
_struct_conf.end_auth_asym_id 
_struct_conf.end_auth_seq_id 
_struct_conf.pdbx_PDB_helix_class 
_struct_conf.details 
_struct_conf.pdbx_PDB_helix_length 
HELX_P HELX_P1 AA1 SER A 5  ? ASN A 20 ? SER A 5383 ASN A 5398 1 ? 16 
HELX_P HELX_P2 AA2 ASN A 55 ? GLU A 67 ? ASN A 5433 GLU A 5445 1 ? 13 
HELX_P HELX_P3 AA3 GLY A 90 ? ILE A 95 ? GLY A 5468 ILE A 5473 5 ? 6  
# 
_struct_conf_type.id          HELX_P 
_struct_conf_type.criteria    ? 
_struct_conf_type.reference   ? 
# 
loop_
_struct_conn.id 
_struct_conn.conn_type_id 
_struct_conn.pdbx_leaving_atom_flag 
_struct_conn.pdbx_PDB_id 
_struct_conn.ptnr1_label_asym_id 
_struct_conn.ptnr1_label_comp_id 
_struct_conn.ptnr1_label_seq_id 
_struct_conn.ptnr1_label_atom_id 
_struct_conn.pdbx_ptnr1_label_alt_id 
_struct_conn.pdbx_ptnr1_PDB_ins_code 
_struct_conn.pdbx_ptnr1_standard_comp_id 
_struct_conn.ptnr1_symmetry 
_struct_conn.ptnr2_label_asym_id 
_struct_conn.ptnr2_label_comp_id 
_struct_conn.ptnr2_label_seq_id 
_struct_conn.ptnr2_label_atom_id 
_struct_conn.pdbx_ptnr2_label_alt_id 
_struct_conn.pdbx_ptnr2_PDB_ins_code 
_struct_conn.ptnr1_auth_asym_id 
_struct_conn.ptnr1_auth_comp_id 
_struct_conn.ptnr1_auth_seq_id 
_struct_conn.ptnr2_auth_asym_id 
_struct_conn.ptnr2_auth_comp_id 
_struct_conn.ptnr2_auth_seq_id 
_struct_conn.ptnr2_symmetry 
_struct_conn.pdbx_ptnr3_label_atom_id 
_struct_conn.pdbx_ptnr3_label_seq_id 
_struct_conn.pdbx_ptnr3_label_comp_id 
_struct_conn.pdbx_ptnr3_label_asym_id 
_struct_conn.pdbx_ptnr3_label_alt_id 
_struct_conn.pdbx_ptnr3_PDB_ins_code 
_struct_conn.details 
_struct_conn.pdbx_dist_value 
_struct_conn.pdbx_value_order 
_struct_conn.pdbx_role 
metalc1 metalc ? ? A CYS 99  SG ? ? ? 1_555 B ZN . ZN ? ? A CYS 5477 A ZN 5601 1_555 ? ? ? ? ? ? ? 2.526 ? ? 
metalc2 metalc ? ? A CYS 147 SG ? ? ? 1_555 B ZN . ZN ? ? A CYS 5525 A ZN 5601 1_555 ? ? ? ? ? ? ? 2.240 ? ? 
metalc3 metalc ? ? A CYS 149 SG ? ? ? 1_555 B ZN . ZN ? ? A CYS 5527 A ZN 5601 1_555 ? ? ? ? ? ? ? 2.235 ? ? 
metalc4 metalc ? ? A CYS 154 SG ? ? ? 1_555 B ZN . ZN ? ? A CYS 5532 A ZN 5601 1_555 ? ? ? ? ? ? ? 2.421 ? ? 
# 
_struct_conn_type.id          metalc 
_struct_conn_type.criteria    ? 
_struct_conn_type.reference   ? 
# 
loop_
_pdbx_struct_conn_angle.id 
_pdbx_struct_conn_angle.ptnr1_label_atom_id 
_pdbx_struct_conn_angle.ptnr1_label_alt_id 
_pdbx_struct_conn_angle.ptnr1_label_asym_id 
_pdbx_struct_conn_angle.ptnr1_label_comp_id 
_pdbx_struct_conn_angle.ptnr1_label_seq_id 
_pdbx_struct_conn_angle.ptnr1_auth_atom_id 
_pdbx_struct_conn_angle.ptnr1_auth_asym_id 
_pdbx_struct_conn_angle.ptnr1_auth_comp_id 
_pdbx_struct_conn_angle.ptnr1_auth_seq_id 
_pdbx_struct_conn_angle.ptnr1_PDB_ins_code 
_pdbx_struct_conn_angle.ptnr1_symmetry 
_pdbx_struct_conn_angle.ptnr2_label_atom_id 
_pdbx_struct_conn_angle.ptnr2_label_alt_id 
_pdbx_struct_conn_angle.ptnr2_label_asym_id 
_pdbx_struct_conn_angle.ptnr2_label_comp_id 
_pdbx_struct_conn_angle.ptnr2_label_seq_id 
_pdbx_struct_conn_angle.ptnr2_auth_atom_id 
_pdbx_struct_conn_angle.ptnr2_auth_asym_id 
_pdbx_struct_conn_angle.ptnr2_auth_comp_id 
_pdbx_struct_conn_angle.ptnr2_auth_seq_id 
_pdbx_struct_conn_angle.ptnr2_PDB_ins_code 
_pdbx_struct_conn_angle.ptnr2_symmetry 
_pdbx_struct_conn_angle.ptnr3_label_atom_id 
_pdbx_struct_conn_angle.ptnr3_label_alt_id 
_pdbx_struct_conn_angle.ptnr3_label_asym_id 
_pdbx_struct_conn_angle.ptnr3_label_comp_id 
_pdbx_struct_conn_angle.ptnr3_label_seq_id 
_pdbx_struct_conn_angle.ptnr3_auth_atom_id 
_pdbx_struct_conn_angle.ptnr3_auth_asym_id 
_pdbx_struct_conn_angle.ptnr3_auth_comp_id 
_pdbx_struct_conn_angle.ptnr3_auth_seq_id 
_pdbx_struct_conn_angle.ptnr3_PDB_ins_code 
_pdbx_struct_conn_angle.ptnr3_symmetry 
_pdbx_struct_conn_angle.value 
_pdbx_struct_conn_angle.value_esd 
1 SG ? A CYS 99  ? A CYS 5477 ? 1_555 ZN ? B ZN . ? A ZN 5601 ? 1_555 SG ? A CYS 147 ? A CYS 5525 ? 1_555 112.2 ? 
2 SG ? A CYS 99  ? A CYS 5477 ? 1_555 ZN ? B ZN . ? A ZN 5601 ? 1_555 SG ? A CYS 149 ? A CYS 5527 ? 1_555 106.9 ? 
3 SG ? A CYS 147 ? A CYS 5525 ? 1_555 ZN ? B ZN . ? A ZN 5601 ? 1_555 SG ? A CYS 149 ? A CYS 5527 ? 1_555 113.1 ? 
4 SG ? A CYS 99  ? A CYS 5477 ? 1_555 ZN ? B ZN . ? A ZN 5601 ? 1_555 SG ? A CYS 154 ? A CYS 5532 ? 1_555 110.2 ? 
5 SG ? A CYS 147 ? A CYS 5525 ? 1_555 ZN ? B ZN . ? A ZN 5601 ? 1_555 SG ? A CYS 154 ? A CYS 5532 ? 1_555 103.5 ? 
6 SG ? A CYS 149 ? A CYS 5527 ? 1_555 ZN ? B ZN . ? A ZN 5601 ? 1_555 SG ? A CYS 154 ? A CYS 5532 ? 1_555 111.0 ? 
# 
loop_
_struct_sheet.id 
_struct_sheet.type 
_struct_sheet.number_strands 
_struct_sheet.details 
AA1 ? 2 ? 
AA2 ? 3 ? 
AA3 ? 3 ? 
AA4 ? 2 ? 
AA5 ? 2 ? 
# 
loop_
_struct_sheet_order.sheet_id 
_struct_sheet_order.range_id_1 
_struct_sheet_order.range_id_2 
_struct_sheet_order.offset 
_struct_sheet_order.sense 
AA1 1 2 ? anti-parallel 
AA2 1 2 ? anti-parallel 
AA2 2 3 ? anti-parallel 
AA3 1 2 ? anti-parallel 
AA3 2 3 ? anti-parallel 
AA4 1 2 ? parallel      
AA5 1 2 ? anti-parallel 
# 
loop_
_struct_sheet_range.sheet_id 
_struct_sheet_range.id 
_struct_sheet_range.beg_label_comp_id 
_struct_sheet_range.beg_label_asym_id 
_struct_sheet_range.beg_label_seq_id 
_struct_sheet_range.pdbx_beg_PDB_ins_code 
_struct_sheet_range.end_label_comp_id 
_struct_sheet_range.end_label_asym_id 
_struct_sheet_range.end_label_seq_id 
_struct_sheet_range.pdbx_end_PDB_ins_code 
_struct_sheet_range.beg_auth_comp_id 
_struct_sheet_range.beg_auth_asym_id 
_struct_sheet_range.beg_auth_seq_id 
_struct_sheet_range.end_auth_comp_id 
_struct_sheet_range.end_auth_asym_id 
_struct_sheet_range.end_auth_seq_id 
AA1 1 VAL A 21  ? ARG A 25  ? VAL A 5399 ARG A 5403 
AA1 2 LEU A 31  ? ALA A 35  ? LEU A 5409 ALA A 5413 
AA2 1 MET A 44  ? GLU A 47  ? MET A 5422 GLU A 5425 
AA2 2 GLU A 113 ? SER A 120 ? GLU A 5491 SER A 5498 
AA2 3 CYS A 103 ? PHE A 110 ? CYS A 5481 PHE A 5488 
AA3 1 THR A 51  ? ARG A 54  ? THR A 5429 ARG A 5432 
AA3 2 HIS A 81  ? ASP A 84  ? HIS A 5459 ASP A 5462 
AA3 3 MET A 74  ? ARG A 76  ? MET A 5452 ARG A 5454 
AA4 1 ASN A 96  ? HIS A 97  ? ASN A 5474 HIS A 5475 
AA4 2 THR A 131 ? TYR A 132 ? THR A 5509 TYR A 5510 
AA5 1 ILE A 145 ? PRO A 146 ? ILE A 5523 PRO A 5524 
AA5 2 TRP A 157 ? MET A 158 ? TRP A 5535 MET A 5536 
# 
loop_
_pdbx_struct_sheet_hbond.sheet_id 
_pdbx_struct_sheet_hbond.range_id_1 
_pdbx_struct_sheet_hbond.range_id_2 
_pdbx_struct_sheet_hbond.range_1_label_atom_id 
_pdbx_struct_sheet_hbond.range_1_label_comp_id 
_pdbx_struct_sheet_hbond.range_1_label_asym_id 
_pdbx_struct_sheet_hbond.range_1_label_seq_id 
_pdbx_struct_sheet_hbond.range_1_PDB_ins_code 
_pdbx_struct_sheet_hbond.range_1_auth_atom_id 
_pdbx_struct_sheet_hbond.range_1_auth_comp_id 
_pdbx_struct_sheet_hbond.range_1_auth_asym_id 
_pdbx_struct_sheet_hbond.range_1_auth_seq_id 
_pdbx_struct_sheet_hbond.range_2_label_atom_id 
_pdbx_struct_sheet_hbond.range_2_label_comp_id 
_pdbx_struct_sheet_hbond.range_2_label_asym_id 
_pdbx_struct_sheet_hbond.range_2_label_seq_id 
_pdbx_struct_sheet_hbond.range_2_PDB_ins_code 
_pdbx_struct_sheet_hbond.range_2_auth_atom_id 
_pdbx_struct_sheet_hbond.range_2_auth_comp_id 
_pdbx_struct_sheet_hbond.range_2_auth_asym_id 
_pdbx_struct_sheet_hbond.range_2_auth_seq_id 
AA1 1 2 N ALA A 24  ? N ALA A 5402 O GLY A 32  ? O GLY A 5410 
AA2 1 2 N VAL A 45  ? N VAL A 5423 O ILE A 118 ? O ILE A 5496 
AA2 2 3 O ILE A 119 ? O ILE A 5497 N VAL A 104 ? N VAL A 5482 
AA3 1 2 N ILE A 53  ? N ILE A 5431 O VAL A 82  ? O VAL A 5460 
AA3 2 3 O ILE A 83  ? O ILE A 5461 N PHE A 75  ? N PHE A 5453 
AA4 1 2 N ASN A 96  ? N ASN A 5474 O TYR A 132 ? O TYR A 5510 
AA5 1 2 N ILE A 145 ? N ILE A 5523 O MET A 158 ? O MET A 5536 
# 
loop_
_struct_site.id 
_struct_site.pdbx_evidence_code 
_struct_site.pdbx_auth_asym_id 
_struct_site.pdbx_auth_comp_id 
_struct_site.pdbx_auth_seq_id 
_struct_site.pdbx_auth_ins_code 
_struct_site.pdbx_num_residues 
_struct_site.details 
AC1 Software A ZN  5601 ? 4  'binding site for residue ZN A 5601'  
AC2 Software A SAH 5602 ? 17 'binding site for residue SAH A 5602' 
# 
loop_
_struct_site_gen.id 
_struct_site_gen.site_id 
_struct_site_gen.pdbx_num_res 
_struct_site_gen.label_comp_id 
_struct_site_gen.label_asym_id 
_struct_site_gen.label_seq_id 
_struct_site_gen.pdbx_auth_ins_code 
_struct_site_gen.auth_comp_id 
_struct_site_gen.auth_asym_id 
_struct_site_gen.auth_seq_id 
_struct_site_gen.label_atom_id 
_struct_site_gen.label_alt_id 
_struct_site_gen.symmetry 
_struct_site_gen.details 
1  AC1 4  CYS A 99  ? CYS A 5477 . ? 1_555 ? 
2  AC1 4  CYS A 147 ? CYS A 5525 . ? 1_555 ? 
3  AC1 4  CYS A 149 ? CYS A 5527 . ? 1_555 ? 
4  AC1 4  CYS A 154 ? CYS A 5532 . ? 1_555 ? 
5  AC2 17 ILE A 28  ? ILE A 5406 . ? 1_555 ? 
6  AC2 17 GLN A 29  ? GLN A 5407 . ? 1_555 ? 
7  AC2 17 GLY A 30  ? GLY A 5408 . ? 1_555 ? 
8  AC2 17 LEU A 31  ? LEU A 5409 . ? 1_555 ? 
9  AC2 17 TYR A 73  ? TYR A 5451 . ? 1_555 ? 
10 AC2 17 ARG A 93  ? ARG A 5471 . ? 1_555 ? 
11 AC2 17 TYR A 94  ? TYR A 5472 . ? 1_555 ? 
12 AC2 17 ASN A 96  ? ASN A 5474 . ? 1_555 ? 
13 AC2 17 HIS A 97  ? HIS A 5475 . ? 1_555 ? 
14 AC2 17 TYR A 134 ? TYR A 5512 . ? 1_555 ? 
15 AC2 17 ILE A 145 ? ILE A 5523 . ? 1_555 ? 
16 AC2 17 PRO A 146 ? PRO A 5524 . ? 1_555 ? 
17 AC2 17 CYS A 147 ? CYS A 5525 . ? 1_555 ? 
18 AC2 17 HIS A 148 ? HIS A 5526 . ? 1_555 ? 
19 AC2 17 CYS A 149 ? CYS A 5527 . ? 1_555 ? 
20 AC2 17 MET A 158 ? MET A 5536 . ? 1_555 ? 
21 AC2 17 HIS A 161 ? HIS A 5539 . ? 1_555 ? 
# 
_pdbx_entry_details.entry_id                   4Z4P 
_pdbx_entry_details.compound_details           ? 
_pdbx_entry_details.source_details             ? 
_pdbx_entry_details.nonpolymer_details         ? 
_pdbx_entry_details.sequence_details           ? 
_pdbx_entry_details.has_ligand_of_interest     ? 
_pdbx_entry_details.has_protein_modification   N 
# 
loop_
_pdbx_validate_torsion.id 
_pdbx_validate_torsion.PDB_model_num 
_pdbx_validate_torsion.auth_comp_id 
_pdbx_validate_torsion.auth_asym_id 
_pdbx_validate_torsion.auth_seq_id 
_pdbx_validate_torsion.PDB_ins_code 
_pdbx_validate_torsion.label_alt_id 
_pdbx_validate_torsion.phi 
_pdbx_validate_torsion.psi 
1 1 ILE A 5406 ? ? -108.79 -62.16  
2 1 ASN A 5456 ? ? -161.82 -165.51 
3 1 ASP A 5489 ? ? 35.65   65.31   
4 1 GLN A 5513 ? ? 73.23   51.52   
5 1 GLU A 5517 ? ? -53.41  71.59   
6 1 ASP A 5518 ? ? 40.75   -123.67 
7 1 ASP A 5519 ? ? 76.15   -71.91  
8 1 GLU A 5522 ? ? -176.80 141.33  
9 1 LYS A 5534 ? ? 62.17   -5.71   
# 
loop_
_pdbx_unobs_or_zero_occ_residues.id 
_pdbx_unobs_or_zero_occ_residues.PDB_model_num 
_pdbx_unobs_or_zero_occ_residues.polymer_flag 
_pdbx_unobs_or_zero_occ_residues.occupancy_flag 
_pdbx_unobs_or_zero_occ_residues.auth_asym_id 
_pdbx_unobs_or_zero_occ_residues.auth_comp_id 
_pdbx_unobs_or_zero_occ_residues.auth_seq_id 
_pdbx_unobs_or_zero_occ_residues.PDB_ins_code 
_pdbx_unobs_or_zero_occ_residues.label_asym_id 
_pdbx_unobs_or_zero_occ_residues.label_comp_id 
_pdbx_unobs_or_zero_occ_residues.label_seq_id 
1 1 Y 1 A MET 5379 ? A MET 1   
2 1 Y 1 A HIS 5541 ? A HIS 163 
3 1 Y 1 A HIS 5542 ? A HIS 164 
4 1 Y 1 A HIS 5543 ? A HIS 165 
5 1 Y 1 A HIS 5544 ? A HIS 166 
# 
loop_
_chem_comp_atom.comp_id 
_chem_comp_atom.atom_id 
_chem_comp_atom.type_symbol 
_chem_comp_atom.pdbx_aromatic_flag 
_chem_comp_atom.pdbx_stereo_config 
_chem_comp_atom.pdbx_ordinal 
ALA N      N  N N 1   
ALA CA     C  N S 2   
ALA C      C  N N 3   
ALA O      O  N N 4   
ALA CB     C  N N 5   
ALA OXT    O  N N 6   
ALA H      H  N N 7   
ALA H2     H  N N 8   
ALA HA     H  N N 9   
ALA HB1    H  N N 10  
ALA HB2    H  N N 11  
ALA HB3    H  N N 12  
ALA HXT    H  N N 13  
ARG N      N  N N 14  
ARG CA     C  N S 15  
ARG C      C  N N 16  
ARG O      O  N N 17  
ARG CB     C  N N 18  
ARG CG     C  N N 19  
ARG CD     C  N N 20  
ARG NE     N  N N 21  
ARG CZ     C  N N 22  
ARG NH1    N  N N 23  
ARG NH2    N  N N 24  
ARG OXT    O  N N 25  
ARG H      H  N N 26  
ARG H2     H  N N 27  
ARG HA     H  N N 28  
ARG HB2    H  N N 29  
ARG HB3    H  N N 30  
ARG HG2    H  N N 31  
ARG HG3    H  N N 32  
ARG HD2    H  N N 33  
ARG HD3    H  N N 34  
ARG HE     H  N N 35  
ARG HH11   H  N N 36  
ARG HH12   H  N N 37  
ARG HH21   H  N N 38  
ARG HH22   H  N N 39  
ARG HXT    H  N N 40  
ASN N      N  N N 41  
ASN CA     C  N S 42  
ASN C      C  N N 43  
ASN O      O  N N 44  
ASN CB     C  N N 45  
ASN CG     C  N N 46  
ASN OD1    O  N N 47  
ASN ND2    N  N N 48  
ASN OXT    O  N N 49  
ASN H      H  N N 50  
ASN H2     H  N N 51  
ASN HA     H  N N 52  
ASN HB2    H  N N 53  
ASN HB3    H  N N 54  
ASN HD21   H  N N 55  
ASN HD22   H  N N 56  
ASN HXT    H  N N 57  
ASP N      N  N N 58  
ASP CA     C  N S 59  
ASP C      C  N N 60  
ASP O      O  N N 61  
ASP CB     C  N N 62  
ASP CG     C  N N 63  
ASP OD1    O  N N 64  
ASP OD2    O  N N 65  
ASP OXT    O  N N 66  
ASP H      H  N N 67  
ASP H2     H  N N 68  
ASP HA     H  N N 69  
ASP HB2    H  N N 70  
ASP HB3    H  N N 71  
ASP HD2    H  N N 72  
ASP HXT    H  N N 73  
CYS N      N  N N 74  
CYS CA     C  N R 75  
CYS C      C  N N 76  
CYS O      O  N N 77  
CYS CB     C  N N 78  
CYS SG     S  N N 79  
CYS OXT    O  N N 80  
CYS H      H  N N 81  
CYS H2     H  N N 82  
CYS HA     H  N N 83  
CYS HB2    H  N N 84  
CYS HB3    H  N N 85  
CYS HG     H  N N 86  
CYS HXT    H  N N 87  
GLN N      N  N N 88  
GLN CA     C  N S 89  
GLN C      C  N N 90  
GLN O      O  N N 91  
GLN CB     C  N N 92  
GLN CG     C  N N 93  
GLN CD     C  N N 94  
GLN OE1    O  N N 95  
GLN NE2    N  N N 96  
GLN OXT    O  N N 97  
GLN H      H  N N 98  
GLN H2     H  N N 99  
GLN HA     H  N N 100 
GLN HB2    H  N N 101 
GLN HB3    H  N N 102 
GLN HG2    H  N N 103 
GLN HG3    H  N N 104 
GLN HE21   H  N N 105 
GLN HE22   H  N N 106 
GLN HXT    H  N N 107 
GLU N      N  N N 108 
GLU CA     C  N S 109 
GLU C      C  N N 110 
GLU O      O  N N 111 
GLU CB     C  N N 112 
GLU CG     C  N N 113 
GLU CD     C  N N 114 
GLU OE1    O  N N 115 
GLU OE2    O  N N 116 
GLU OXT    O  N N 117 
GLU H      H  N N 118 
GLU H2     H  N N 119 
GLU HA     H  N N 120 
GLU HB2    H  N N 121 
GLU HB3    H  N N 122 
GLU HG2    H  N N 123 
GLU HG3    H  N N 124 
GLU HE2    H  N N 125 
GLU HXT    H  N N 126 
GLY N      N  N N 127 
GLY CA     C  N N 128 
GLY C      C  N N 129 
GLY O      O  N N 130 
GLY OXT    O  N N 131 
GLY H      H  N N 132 
GLY H2     H  N N 133 
GLY HA2    H  N N 134 
GLY HA3    H  N N 135 
GLY HXT    H  N N 136 
HIS N      N  N N 137 
HIS CA     C  N S 138 
HIS C      C  N N 139 
HIS O      O  N N 140 
HIS CB     C  N N 141 
HIS CG     C  Y N 142 
HIS ND1    N  Y N 143 
HIS CD2    C  Y N 144 
HIS CE1    C  Y N 145 
HIS NE2    N  Y N 146 
HIS OXT    O  N N 147 
HIS H      H  N N 148 
HIS H2     H  N N 149 
HIS HA     H  N N 150 
HIS HB2    H  N N 151 
HIS HB3    H  N N 152 
HIS HD1    H  N N 153 
HIS HD2    H  N N 154 
HIS HE1    H  N N 155 
HIS HE2    H  N N 156 
HIS HXT    H  N N 157 
HOH O      O  N N 158 
HOH H1     H  N N 159 
HOH H2     H  N N 160 
ILE N      N  N N 161 
ILE CA     C  N S 162 
ILE C      C  N N 163 
ILE O      O  N N 164 
ILE CB     C  N S 165 
ILE CG1    C  N N 166 
ILE CG2    C  N N 167 
ILE CD1    C  N N 168 
ILE OXT    O  N N 169 
ILE H      H  N N 170 
ILE H2     H  N N 171 
ILE HA     H  N N 172 
ILE HB     H  N N 173 
ILE HG12   H  N N 174 
ILE HG13   H  N N 175 
ILE HG21   H  N N 176 
ILE HG22   H  N N 177 
ILE HG23   H  N N 178 
ILE HD11   H  N N 179 
ILE HD12   H  N N 180 
ILE HD13   H  N N 181 
ILE HXT    H  N N 182 
LEU N      N  N N 183 
LEU CA     C  N S 184 
LEU C      C  N N 185 
LEU O      O  N N 186 
LEU CB     C  N N 187 
LEU CG     C  N N 188 
LEU CD1    C  N N 189 
LEU CD2    C  N N 190 
LEU OXT    O  N N 191 
LEU H      H  N N 192 
LEU H2     H  N N 193 
LEU HA     H  N N 194 
LEU HB2    H  N N 195 
LEU HB3    H  N N 196 
LEU HG     H  N N 197 
LEU HD11   H  N N 198 
LEU HD12   H  N N 199 
LEU HD13   H  N N 200 
LEU HD21   H  N N 201 
LEU HD22   H  N N 202 
LEU HD23   H  N N 203 
LEU HXT    H  N N 204 
LYS N      N  N N 205 
LYS CA     C  N S 206 
LYS C      C  N N 207 
LYS O      O  N N 208 
LYS CB     C  N N 209 
LYS CG     C  N N 210 
LYS CD     C  N N 211 
LYS CE     C  N N 212 
LYS NZ     N  N N 213 
LYS OXT    O  N N 214 
LYS H      H  N N 215 
LYS H2     H  N N 216 
LYS HA     H  N N 217 
LYS HB2    H  N N 218 
LYS HB3    H  N N 219 
LYS HG2    H  N N 220 
LYS HG3    H  N N 221 
LYS HD2    H  N N 222 
LYS HD3    H  N N 223 
LYS HE2    H  N N 224 
LYS HE3    H  N N 225 
LYS HZ1    H  N N 226 
LYS HZ2    H  N N 227 
LYS HZ3    H  N N 228 
LYS HXT    H  N N 229 
MET N      N  N N 230 
MET CA     C  N S 231 
MET C      C  N N 232 
MET O      O  N N 233 
MET CB     C  N N 234 
MET CG     C  N N 235 
MET SD     S  N N 236 
MET CE     C  N N 237 
MET OXT    O  N N 238 
MET H      H  N N 239 
MET H2     H  N N 240 
MET HA     H  N N 241 
MET HB2    H  N N 242 
MET HB3    H  N N 243 
MET HG2    H  N N 244 
MET HG3    H  N N 245 
MET HE1    H  N N 246 
MET HE2    H  N N 247 
MET HE3    H  N N 248 
MET HXT    H  N N 249 
PHE N      N  N N 250 
PHE CA     C  N S 251 
PHE C      C  N N 252 
PHE O      O  N N 253 
PHE CB     C  N N 254 
PHE CG     C  Y N 255 
PHE CD1    C  Y N 256 
PHE CD2    C  Y N 257 
PHE CE1    C  Y N 258 
PHE CE2    C  Y N 259 
PHE CZ     C  Y N 260 
PHE OXT    O  N N 261 
PHE H      H  N N 262 
PHE H2     H  N N 263 
PHE HA     H  N N 264 
PHE HB2    H  N N 265 
PHE HB3    H  N N 266 
PHE HD1    H  N N 267 
PHE HD2    H  N N 268 
PHE HE1    H  N N 269 
PHE HE2    H  N N 270 
PHE HZ     H  N N 271 
PHE HXT    H  N N 272 
PRO N      N  N N 273 
PRO CA     C  N S 274 
PRO C      C  N N 275 
PRO O      O  N N 276 
PRO CB     C  N N 277 
PRO CG     C  N N 278 
PRO CD     C  N N 279 
PRO OXT    O  N N 280 
PRO H      H  N N 281 
PRO HA     H  N N 282 
PRO HB2    H  N N 283 
PRO HB3    H  N N 284 
PRO HG2    H  N N 285 
PRO HG3    H  N N 286 
PRO HD2    H  N N 287 
PRO HD3    H  N N 288 
PRO HXT    H  N N 289 
SAH N      N  N N 290 
SAH CA     C  N S 291 
SAH CB     C  N N 292 
SAH CG     C  N N 293 
SAH SD     S  N N 294 
SAH C      C  N N 295 
SAH O      O  N N 296 
SAH OXT    O  N N 297 
SAH "C5'"  C  N N 298 
SAH "C4'"  C  N S 299 
SAH "O4'"  O  N N 300 
SAH "C3'"  C  N S 301 
SAH "O3'"  O  N N 302 
SAH "C2'"  C  N R 303 
SAH "O2'"  O  N N 304 
SAH "C1'"  C  N R 305 
SAH N9     N  Y N 306 
SAH C8     C  Y N 307 
SAH N7     N  Y N 308 
SAH C5     C  Y N 309 
SAH C6     C  Y N 310 
SAH N6     N  N N 311 
SAH N1     N  Y N 312 
SAH C2     C  Y N 313 
SAH N3     N  Y N 314 
SAH C4     C  Y N 315 
SAH HN1    H  N N 316 
SAH HN2    H  N N 317 
SAH HA     H  N N 318 
SAH HB1    H  N N 319 
SAH HB2    H  N N 320 
SAH HG1    H  N N 321 
SAH HG2    H  N N 322 
SAH HXT    H  N N 323 
SAH "H5'1" H  N N 324 
SAH "H5'2" H  N N 325 
SAH "H4'"  H  N N 326 
SAH "H3'"  H  N N 327 
SAH "HO3'" H  N N 328 
SAH "H2'"  H  N N 329 
SAH "HO2'" H  N N 330 
SAH "H1'"  H  N N 331 
SAH H8     H  N N 332 
SAH HN61   H  N N 333 
SAH HN62   H  N N 334 
SAH H2     H  N N 335 
SER N      N  N N 336 
SER CA     C  N S 337 
SER C      C  N N 338 
SER O      O  N N 339 
SER CB     C  N N 340 
SER OG     O  N N 341 
SER OXT    O  N N 342 
SER H      H  N N 343 
SER H2     H  N N 344 
SER HA     H  N N 345 
SER HB2    H  N N 346 
SER HB3    H  N N 347 
SER HG     H  N N 348 
SER HXT    H  N N 349 
THR N      N  N N 350 
THR CA     C  N S 351 
THR C      C  N N 352 
THR O      O  N N 353 
THR CB     C  N R 354 
THR OG1    O  N N 355 
THR CG2    C  N N 356 
THR OXT    O  N N 357 
THR H      H  N N 358 
THR H2     H  N N 359 
THR HA     H  N N 360 
THR HB     H  N N 361 
THR HG1    H  N N 362 
THR HG21   H  N N 363 
THR HG22   H  N N 364 
THR HG23   H  N N 365 
THR HXT    H  N N 366 
TRP N      N  N N 367 
TRP CA     C  N S 368 
TRP C      C  N N 369 
TRP O      O  N N 370 
TRP CB     C  N N 371 
TRP CG     C  Y N 372 
TRP CD1    C  Y N 373 
TRP CD2    C  Y N 374 
TRP NE1    N  Y N 375 
TRP CE2    C  Y N 376 
TRP CE3    C  Y N 377 
TRP CZ2    C  Y N 378 
TRP CZ3    C  Y N 379 
TRP CH2    C  Y N 380 
TRP OXT    O  N N 381 
TRP H      H  N N 382 
TRP H2     H  N N 383 
TRP HA     H  N N 384 
TRP HB2    H  N N 385 
TRP HB3    H  N N 386 
TRP HD1    H  N N 387 
TRP HE1    H  N N 388 
TRP HE3    H  N N 389 
TRP HZ2    H  N N 390 
TRP HZ3    H  N N 391 
TRP HH2    H  N N 392 
TRP HXT    H  N N 393 
TYR N      N  N N 394 
TYR CA     C  N S 395 
TYR C      C  N N 396 
TYR O      O  N N 397 
TYR CB     C  N N 398 
TYR CG     C  Y N 399 
TYR CD1    C  Y N 400 
TYR CD2    C  Y N 401 
TYR CE1    C  Y N 402 
TYR CE2    C  Y N 403 
TYR CZ     C  Y N 404 
TYR OH     O  N N 405 
TYR OXT    O  N N 406 
TYR H      H  N N 407 
TYR H2     H  N N 408 
TYR HA     H  N N 409 
TYR HB2    H  N N 410 
TYR HB3    H  N N 411 
TYR HD1    H  N N 412 
TYR HD2    H  N N 413 
TYR HE1    H  N N 414 
TYR HE2    H  N N 415 
TYR HH     H  N N 416 
TYR HXT    H  N N 417 
VAL N      N  N N 418 
VAL CA     C  N S 419 
VAL C      C  N N 420 
VAL O      O  N N 421 
VAL CB     C  N N 422 
VAL CG1    C  N N 423 
VAL CG2    C  N N 424 
VAL OXT    O  N N 425 
VAL H      H  N N 426 
VAL H2     H  N N 427 
VAL HA     H  N N 428 
VAL HB     H  N N 429 
VAL HG11   H  N N 430 
VAL HG12   H  N N 431 
VAL HG13   H  N N 432 
VAL HG21   H  N N 433 
VAL HG22   H  N N 434 
VAL HG23   H  N N 435 
VAL HXT    H  N N 436 
ZN  ZN     ZN N N 437 
# 
loop_
_chem_comp_bond.comp_id 
_chem_comp_bond.atom_id_1 
_chem_comp_bond.atom_id_2 
_chem_comp_bond.value_order 
_chem_comp_bond.pdbx_aromatic_flag 
_chem_comp_bond.pdbx_stereo_config 
_chem_comp_bond.pdbx_ordinal 
ALA N     CA     sing N N 1   
ALA N     H      sing N N 2   
ALA N     H2     sing N N 3   
ALA CA    C      sing N N 4   
ALA CA    CB     sing N N 5   
ALA CA    HA     sing N N 6   
ALA C     O      doub N N 7   
ALA C     OXT    sing N N 8   
ALA CB    HB1    sing N N 9   
ALA CB    HB2    sing N N 10  
ALA CB    HB3    sing N N 11  
ALA OXT   HXT    sing N N 12  
ARG N     CA     sing N N 13  
ARG N     H      sing N N 14  
ARG N     H2     sing N N 15  
ARG CA    C      sing N N 16  
ARG CA    CB     sing N N 17  
ARG CA    HA     sing N N 18  
ARG C     O      doub N N 19  
ARG C     OXT    sing N N 20  
ARG CB    CG     sing N N 21  
ARG CB    HB2    sing N N 22  
ARG CB    HB3    sing N N 23  
ARG CG    CD     sing N N 24  
ARG CG    HG2    sing N N 25  
ARG CG    HG3    sing N N 26  
ARG CD    NE     sing N N 27  
ARG CD    HD2    sing N N 28  
ARG CD    HD3    sing N N 29  
ARG NE    CZ     sing N N 30  
ARG NE    HE     sing N N 31  
ARG CZ    NH1    sing N N 32  
ARG CZ    NH2    doub N N 33  
ARG NH1   HH11   sing N N 34  
ARG NH1   HH12   sing N N 35  
ARG NH2   HH21   sing N N 36  
ARG NH2   HH22   sing N N 37  
ARG OXT   HXT    sing N N 38  
ASN N     CA     sing N N 39  
ASN N     H      sing N N 40  
ASN N     H2     sing N N 41  
ASN CA    C      sing N N 42  
ASN CA    CB     sing N N 43  
ASN CA    HA     sing N N 44  
ASN C     O      doub N N 45  
ASN C     OXT    sing N N 46  
ASN CB    CG     sing N N 47  
ASN CB    HB2    sing N N 48  
ASN CB    HB3    sing N N 49  
ASN CG    OD1    doub N N 50  
ASN CG    ND2    sing N N 51  
ASN ND2   HD21   sing N N 52  
ASN ND2   HD22   sing N N 53  
ASN OXT   HXT    sing N N 54  
ASP N     CA     sing N N 55  
ASP N     H      sing N N 56  
ASP N     H2     sing N N 57  
ASP CA    C      sing N N 58  
ASP CA    CB     sing N N 59  
ASP CA    HA     sing N N 60  
ASP C     O      doub N N 61  
ASP C     OXT    sing N N 62  
ASP CB    CG     sing N N 63  
ASP CB    HB2    sing N N 64  
ASP CB    HB3    sing N N 65  
ASP CG    OD1    doub N N 66  
ASP CG    OD2    sing N N 67  
ASP OD2   HD2    sing N N 68  
ASP OXT   HXT    sing N N 69  
CYS N     CA     sing N N 70  
CYS N     H      sing N N 71  
CYS N     H2     sing N N 72  
CYS CA    C      sing N N 73  
CYS CA    CB     sing N N 74  
CYS CA    HA     sing N N 75  
CYS C     O      doub N N 76  
CYS C     OXT    sing N N 77  
CYS CB    SG     sing N N 78  
CYS CB    HB2    sing N N 79  
CYS CB    HB3    sing N N 80  
CYS SG    HG     sing N N 81  
CYS OXT   HXT    sing N N 82  
GLN N     CA     sing N N 83  
GLN N     H      sing N N 84  
GLN N     H2     sing N N 85  
GLN CA    C      sing N N 86  
GLN CA    CB     sing N N 87  
GLN CA    HA     sing N N 88  
GLN C     O      doub N N 89  
GLN C     OXT    sing N N 90  
GLN CB    CG     sing N N 91  
GLN CB    HB2    sing N N 92  
GLN CB    HB3    sing N N 93  
GLN CG    CD     sing N N 94  
GLN CG    HG2    sing N N 95  
GLN CG    HG3    sing N N 96  
GLN CD    OE1    doub N N 97  
GLN CD    NE2    sing N N 98  
GLN NE2   HE21   sing N N 99  
GLN NE2   HE22   sing N N 100 
GLN OXT   HXT    sing N N 101 
GLU N     CA     sing N N 102 
GLU N     H      sing N N 103 
GLU N     H2     sing N N 104 
GLU CA    C      sing N N 105 
GLU CA    CB     sing N N 106 
GLU CA    HA     sing N N 107 
GLU C     O      doub N N 108 
GLU C     OXT    sing N N 109 
GLU CB    CG     sing N N 110 
GLU CB    HB2    sing N N 111 
GLU CB    HB3    sing N N 112 
GLU CG    CD     sing N N 113 
GLU CG    HG2    sing N N 114 
GLU CG    HG3    sing N N 115 
GLU CD    OE1    doub N N 116 
GLU CD    OE2    sing N N 117 
GLU OE2   HE2    sing N N 118 
GLU OXT   HXT    sing N N 119 
GLY N     CA     sing N N 120 
GLY N     H      sing N N 121 
GLY N     H2     sing N N 122 
GLY CA    C      sing N N 123 
GLY CA    HA2    sing N N 124 
GLY CA    HA3    sing N N 125 
GLY C     O      doub N N 126 
GLY C     OXT    sing N N 127 
GLY OXT   HXT    sing N N 128 
HIS N     CA     sing N N 129 
HIS N     H      sing N N 130 
HIS N     H2     sing N N 131 
HIS CA    C      sing N N 132 
HIS CA    CB     sing N N 133 
HIS CA    HA     sing N N 134 
HIS C     O      doub N N 135 
HIS C     OXT    sing N N 136 
HIS CB    CG     sing N N 137 
HIS CB    HB2    sing N N 138 
HIS CB    HB3    sing N N 139 
HIS CG    ND1    sing Y N 140 
HIS CG    CD2    doub Y N 141 
HIS ND1   CE1    doub Y N 142 
HIS ND1   HD1    sing N N 143 
HIS CD2   NE2    sing Y N 144 
HIS CD2   HD2    sing N N 145 
HIS CE1   NE2    sing Y N 146 
HIS CE1   HE1    sing N N 147 
HIS NE2   HE2    sing N N 148 
HIS OXT   HXT    sing N N 149 
HOH O     H1     sing N N 150 
HOH O     H2     sing N N 151 
ILE N     CA     sing N N 152 
ILE N     H      sing N N 153 
ILE N     H2     sing N N 154 
ILE CA    C      sing N N 155 
ILE CA    CB     sing N N 156 
ILE CA    HA     sing N N 157 
ILE C     O      doub N N 158 
ILE C     OXT    sing N N 159 
ILE CB    CG1    sing N N 160 
ILE CB    CG2    sing N N 161 
ILE CB    HB     sing N N 162 
ILE CG1   CD1    sing N N 163 
ILE CG1   HG12   sing N N 164 
ILE CG1   HG13   sing N N 165 
ILE CG2   HG21   sing N N 166 
ILE CG2   HG22   sing N N 167 
ILE CG2   HG23   sing N N 168 
ILE CD1   HD11   sing N N 169 
ILE CD1   HD12   sing N N 170 
ILE CD1   HD13   sing N N 171 
ILE OXT   HXT    sing N N 172 
LEU N     CA     sing N N 173 
LEU N     H      sing N N 174 
LEU N     H2     sing N N 175 
LEU CA    C      sing N N 176 
LEU CA    CB     sing N N 177 
LEU CA    HA     sing N N 178 
LEU C     O      doub N N 179 
LEU C     OXT    sing N N 180 
LEU CB    CG     sing N N 181 
LEU CB    HB2    sing N N 182 
LEU CB    HB3    sing N N 183 
LEU CG    CD1    sing N N 184 
LEU CG    CD2    sing N N 185 
LEU CG    HG     sing N N 186 
LEU CD1   HD11   sing N N 187 
LEU CD1   HD12   sing N N 188 
LEU CD1   HD13   sing N N 189 
LEU CD2   HD21   sing N N 190 
LEU CD2   HD22   sing N N 191 
LEU CD2   HD23   sing N N 192 
LEU OXT   HXT    sing N N 193 
LYS N     CA     sing N N 194 
LYS N     H      sing N N 195 
LYS N     H2     sing N N 196 
LYS CA    C      sing N N 197 
LYS CA    CB     sing N N 198 
LYS CA    HA     sing N N 199 
LYS C     O      doub N N 200 
LYS C     OXT    sing N N 201 
LYS CB    CG     sing N N 202 
LYS CB    HB2    sing N N 203 
LYS CB    HB3    sing N N 204 
LYS CG    CD     sing N N 205 
LYS CG    HG2    sing N N 206 
LYS CG    HG3    sing N N 207 
LYS CD    CE     sing N N 208 
LYS CD    HD2    sing N N 209 
LYS CD    HD3    sing N N 210 
LYS CE    NZ     sing N N 211 
LYS CE    HE2    sing N N 212 
LYS CE    HE3    sing N N 213 
LYS NZ    HZ1    sing N N 214 
LYS NZ    HZ2    sing N N 215 
LYS NZ    HZ3    sing N N 216 
LYS OXT   HXT    sing N N 217 
MET N     CA     sing N N 218 
MET N     H      sing N N 219 
MET N     H2     sing N N 220 
MET CA    C      sing N N 221 
MET CA    CB     sing N N 222 
MET CA    HA     sing N N 223 
MET C     O      doub N N 224 
MET C     OXT    sing N N 225 
MET CB    CG     sing N N 226 
MET CB    HB2    sing N N 227 
MET CB    HB3    sing N N 228 
MET CG    SD     sing N N 229 
MET CG    HG2    sing N N 230 
MET CG    HG3    sing N N 231 
MET SD    CE     sing N N 232 
MET CE    HE1    sing N N 233 
MET CE    HE2    sing N N 234 
MET CE    HE3    sing N N 235 
MET OXT   HXT    sing N N 236 
PHE N     CA     sing N N 237 
PHE N     H      sing N N 238 
PHE N     H2     sing N N 239 
PHE CA    C      sing N N 240 
PHE CA    CB     sing N N 241 
PHE CA    HA     sing N N 242 
PHE C     O      doub N N 243 
PHE C     OXT    sing N N 244 
PHE CB    CG     sing N N 245 
PHE CB    HB2    sing N N 246 
PHE CB    HB3    sing N N 247 
PHE CG    CD1    doub Y N 248 
PHE CG    CD2    sing Y N 249 
PHE CD1   CE1    sing Y N 250 
PHE CD1   HD1    sing N N 251 
PHE CD2   CE2    doub Y N 252 
PHE CD2   HD2    sing N N 253 
PHE CE1   CZ     doub Y N 254 
PHE CE1   HE1    sing N N 255 
PHE CE2   CZ     sing Y N 256 
PHE CE2   HE2    sing N N 257 
PHE CZ    HZ     sing N N 258 
PHE OXT   HXT    sing N N 259 
PRO N     CA     sing N N 260 
PRO N     CD     sing N N 261 
PRO N     H      sing N N 262 
PRO CA    C      sing N N 263 
PRO CA    CB     sing N N 264 
PRO CA    HA     sing N N 265 
PRO C     O      doub N N 266 
PRO C     OXT    sing N N 267 
PRO CB    CG     sing N N 268 
PRO CB    HB2    sing N N 269 
PRO CB    HB3    sing N N 270 
PRO CG    CD     sing N N 271 
PRO CG    HG2    sing N N 272 
PRO CG    HG3    sing N N 273 
PRO CD    HD2    sing N N 274 
PRO CD    HD3    sing N N 275 
PRO OXT   HXT    sing N N 276 
SAH N     CA     sing N N 277 
SAH N     HN1    sing N N 278 
SAH N     HN2    sing N N 279 
SAH CA    CB     sing N N 280 
SAH CA    C      sing N N 281 
SAH CA    HA     sing N N 282 
SAH CB    CG     sing N N 283 
SAH CB    HB1    sing N N 284 
SAH CB    HB2    sing N N 285 
SAH CG    SD     sing N N 286 
SAH CG    HG1    sing N N 287 
SAH CG    HG2    sing N N 288 
SAH SD    "C5'"  sing N N 289 
SAH C     O      doub N N 290 
SAH C     OXT    sing N N 291 
SAH OXT   HXT    sing N N 292 
SAH "C5'" "C4'"  sing N N 293 
SAH "C5'" "H5'1" sing N N 294 
SAH "C5'" "H5'2" sing N N 295 
SAH "C4'" "O4'"  sing N N 296 
SAH "C4'" "C3'"  sing N N 297 
SAH "C4'" "H4'"  sing N N 298 
SAH "O4'" "C1'"  sing N N 299 
SAH "C3'" "O3'"  sing N N 300 
SAH "C3'" "C2'"  sing N N 301 
SAH "C3'" "H3'"  sing N N 302 
SAH "O3'" "HO3'" sing N N 303 
SAH "C2'" "O2'"  sing N N 304 
SAH "C2'" "C1'"  sing N N 305 
SAH "C2'" "H2'"  sing N N 306 
SAH "O2'" "HO2'" sing N N 307 
SAH "C1'" N9     sing N N 308 
SAH "C1'" "H1'"  sing N N 309 
SAH N9    C8     sing Y N 310 
SAH N9    C4     sing Y N 311 
SAH C8    N7     doub Y N 312 
SAH C8    H8     sing N N 313 
SAH N7    C5     sing Y N 314 
SAH C5    C6     sing Y N 315 
SAH C5    C4     doub Y N 316 
SAH C6    N6     sing N N 317 
SAH C6    N1     doub Y N 318 
SAH N6    HN61   sing N N 319 
SAH N6    HN62   sing N N 320 
SAH N1    C2     sing Y N 321 
SAH C2    N3     doub Y N 322 
SAH C2    H2     sing N N 323 
SAH N3    C4     sing Y N 324 
SER N     CA     sing N N 325 
SER N     H      sing N N 326 
SER N     H2     sing N N 327 
SER CA    C      sing N N 328 
SER CA    CB     sing N N 329 
SER CA    HA     sing N N 330 
SER C     O      doub N N 331 
SER C     OXT    sing N N 332 
SER CB    OG     sing N N 333 
SER CB    HB2    sing N N 334 
SER CB    HB3    sing N N 335 
SER OG    HG     sing N N 336 
SER OXT   HXT    sing N N 337 
THR N     CA     sing N N 338 
THR N     H      sing N N 339 
THR N     H2     sing N N 340 
THR CA    C      sing N N 341 
THR CA    CB     sing N N 342 
THR CA    HA     sing N N 343 
THR C     O      doub N N 344 
THR C     OXT    sing N N 345 
THR CB    OG1    sing N N 346 
THR CB    CG2    sing N N 347 
THR CB    HB     sing N N 348 
THR OG1   HG1    sing N N 349 
THR CG2   HG21   sing N N 350 
THR CG2   HG22   sing N N 351 
THR CG2   HG23   sing N N 352 
THR OXT   HXT    sing N N 353 
TRP N     CA     sing N N 354 
TRP N     H      sing N N 355 
TRP N     H2     sing N N 356 
TRP CA    C      sing N N 357 
TRP CA    CB     sing N N 358 
TRP CA    HA     sing N N 359 
TRP C     O      doub N N 360 
TRP C     OXT    sing N N 361 
TRP CB    CG     sing N N 362 
TRP CB    HB2    sing N N 363 
TRP CB    HB3    sing N N 364 
TRP CG    CD1    doub Y N 365 
TRP CG    CD2    sing Y N 366 
TRP CD1   NE1    sing Y N 367 
TRP CD1   HD1    sing N N 368 
TRP CD2   CE2    doub Y N 369 
TRP CD2   CE3    sing Y N 370 
TRP NE1   CE2    sing Y N 371 
TRP NE1   HE1    sing N N 372 
TRP CE2   CZ2    sing Y N 373 
TRP CE3   CZ3    doub Y N 374 
TRP CE3   HE3    sing N N 375 
TRP CZ2   CH2    doub Y N 376 
TRP CZ2   HZ2    sing N N 377 
TRP CZ3   CH2    sing Y N 378 
TRP CZ3   HZ3    sing N N 379 
TRP CH2   HH2    sing N N 380 
TRP OXT   HXT    sing N N 381 
TYR N     CA     sing N N 382 
TYR N     H      sing N N 383 
TYR N     H2     sing N N 384 
TYR CA    C      sing N N 385 
TYR CA    CB     sing N N 386 
TYR CA    HA     sing N N 387 
TYR C     O      doub N N 388 
TYR C     OXT    sing N N 389 
TYR CB    CG     sing N N 390 
TYR CB    HB2    sing N N 391 
TYR CB    HB3    sing N N 392 
TYR CG    CD1    doub Y N 393 
TYR CG    CD2    sing Y N 394 
TYR CD1   CE1    sing Y N 395 
TYR CD1   HD1    sing N N 396 
TYR CD2   CE2    doub Y N 397 
TYR CD2   HD2    sing N N 398 
TYR CE1   CZ     doub Y N 399 
TYR CE1   HE1    sing N N 400 
TYR CE2   CZ     sing Y N 401 
TYR CE2   HE2    sing N N 402 
TYR CZ    OH     sing N N 403 
TYR OH    HH     sing N N 404 
TYR OXT   HXT    sing N N 405 
VAL N     CA     sing N N 406 
VAL N     H      sing N N 407 
VAL N     H2     sing N N 408 
VAL CA    C      sing N N 409 
VAL CA    CB     sing N N 410 
VAL CA    HA     sing N N 411 
VAL C     O      doub N N 412 
VAL C     OXT    sing N N 413 
VAL CB    CG1    sing N N 414 
VAL CB    CG2    sing N N 415 
VAL CB    HB     sing N N 416 
VAL CG1   HG11   sing N N 417 
VAL CG1   HG12   sing N N 418 
VAL CG1   HG13   sing N N 419 
VAL CG2   HG21   sing N N 420 
VAL CG2   HG22   sing N N 421 
VAL CG2   HG23   sing N N 422 
VAL OXT   HXT    sing N N 423 
# 
_pdbx_initial_refinement_model.id               1 
_pdbx_initial_refinement_model.entity_id_list   ? 
_pdbx_initial_refinement_model.type             'experimental model' 
_pdbx_initial_refinement_model.source_name      PDB 
_pdbx_initial_refinement_model.accession_code   1O9S 
_pdbx_initial_refinement_model.details          ? 
# 
_atom_sites.entry_id                    4Z4P 
_atom_sites.fract_transf_matrix[1][1]   0.00902929 
_atom_sites.fract_transf_matrix[1][2]   -0.00759843 
_atom_sites.fract_transf_matrix[1][3]   0.02511255 
_atom_sites.fract_transf_matrix[2][1]   0.01209820 
_atom_sites.fract_transf_matrix[2][2]   -0.01887668 
_atom_sites.fract_transf_matrix[2][3]   -0.01006156 
_atom_sites.fract_transf_matrix[3][1]   0.01813709 
_atom_sites.fract_transf_matrix[3][2]   0.00942432 
_atom_sites.fract_transf_matrix[3][3]   0.00412723 
_atom_sites.fract_transf_vector[1]      -0.211486 
_atom_sites.fract_transf_vector[2]      -0.008207 
_atom_sites.fract_transf_vector[3]      -0.231448 
# 
loop_
_atom_type.symbol 
C  
N  
O  
S  
ZN 
# 
loop_
_atom_site.group_PDB 
_atom_site.id 
_atom_site.type_symbol 
_atom_site.label_atom_id 
_atom_site.label_alt_id 
_atom_site.label_comp_id 
_atom_site.label_asym_id 
_atom_site.label_entity_id 
_atom_site.label_seq_id 
_atom_site.pdbx_PDB_ins_code 
_atom_site.Cartn_x 
_atom_site.Cartn_y 
_atom_site.Cartn_z 
_atom_site.occupancy 
_atom_site.B_iso_or_equiv 
_atom_site.pdbx_formal_charge 
_atom_site.auth_seq_id 
_atom_site.auth_comp_id 
_atom_site.auth_asym_id 
_atom_site.auth_atom_id 
_atom_site.pdbx_PDB_model_num 
ATOM   1    N  N     . THR A 1 2   ? -27.154 2.931   3.674   1.00 42.89  ? 5380 THR A N     1 
ATOM   2    C  CA    . THR A 1 2   ? -27.063 1.479   3.721   1.00 36.36  ? 5380 THR A CA    1 
ATOM   3    C  C     . THR A 1 2   ? -25.742 1.048   4.356   1.00 40.18  ? 5380 THR A C     1 
ATOM   4    O  O     . THR A 1 2   ? -24.675 1.565   4.016   1.00 36.40  ? 5380 THR A O     1 
ATOM   5    C  CB    . THR A 1 2   ? -27.216 0.869   2.309   1.00 44.01  ? 5380 THR A CB    1 
ATOM   6    O  OG1   . THR A 1 2   ? -28.610 0.687   2.026   1.00 47.59  ? 5380 THR A OG1   1 
ATOM   7    C  CG2   . THR A 1 2   ? -26.512 -0.476  2.201   1.00 48.23  ? 5380 THR A CG2   1 
ATOM   8    N  N     . LEU A 1 3   ? -25.834 0.101   5.286   1.00 39.10  ? 5381 LEU A N     1 
ATOM   9    C  CA    . LEU A 1 3   ? -24.688 -0.362  6.055   1.00 40.59  ? 5381 LEU A CA    1 
ATOM   10   C  C     . LEU A 1 3   ? -23.554 -0.889  5.171   1.00 39.77  ? 5381 LEU A C     1 
ATOM   11   O  O     . LEU A 1 3   ? -22.381 -0.696  5.490   1.00 35.80  ? 5381 LEU A O     1 
ATOM   12   C  CB    . LEU A 1 3   ? -25.128 -1.447  7.047   1.00 36.96  ? 5381 LEU A CB    1 
ATOM   13   C  CG    . LEU A 1 3   ? -24.027 -2.155  7.844   1.00 39.27  ? 5381 LEU A CG    1 
ATOM   14   C  CD1   . LEU A 1 3   ? -23.308 -1.169  8.743   1.00 31.53  ? 5381 LEU A CD1   1 
ATOM   15   C  CD2   . LEU A 1 3   ? -24.593 -3.315  8.663   1.00 37.29  ? 5381 LEU A CD2   1 
ATOM   16   N  N     . HIS A 1 4   ? -23.892 -1.544  4.065   1.00 38.30  ? 5382 HIS A N     1 
ATOM   17   C  CA    . HIS A 1 4   ? -22.860 -2.174  3.249   1.00 39.74  ? 5382 HIS A CA    1 
ATOM   18   C  C     . HIS A 1 4   ? -22.489 -1.415  1.976   1.00 41.15  ? 5382 HIS A C     1 
ATOM   19   O  O     . HIS A 1 4   ? -21.766 -1.947  1.134   1.00 41.69  ? 5382 HIS A O     1 
ATOM   20   C  CB    . HIS A 1 4   ? -23.279 -3.601  2.886   1.00 52.14  ? 5382 HIS A CB    1 
ATOM   21   C  CG    . HIS A 1 4   ? -23.039 -4.588  3.986   1.00 58.00  ? 5382 HIS A CG    1 
ATOM   22   N  ND1   . HIS A 1 4   ? -23.898 -4.732  5.055   1.00 60.62  ? 5382 HIS A ND1   1 
ATOM   23   C  CD2   . HIS A 1 4   ? -22.026 -5.458  4.195   1.00 61.14  ? 5382 HIS A CD2   1 
ATOM   24   C  CE1   . HIS A 1 4   ? -23.428 -5.657  5.871   1.00 59.66  ? 5382 HIS A CE1   1 
ATOM   25   N  NE2   . HIS A 1 4   ? -22.294 -6.116  5.373   1.00 66.04  ? 5382 HIS A NE2   1 
ATOM   26   N  N     . SER A 1 5   ? -22.955 -0.178  1.830   1.00 38.25  ? 5383 SER A N     1 
ATOM   27   C  CA    . SER A 1 5   ? -22.571 0.615   0.662   1.00 36.40  ? 5383 SER A CA    1 
ATOM   28   C  C     . SER A 1 5   ? -21.121 1.059   0.792   1.00 35.06  ? 5383 SER A C     1 
ATOM   29   O  O     . SER A 1 5   ? -20.564 1.084   1.892   1.00 31.83  ? 5383 SER A O     1 
ATOM   30   C  CB    . SER A 1 5   ? -23.476 1.834   0.491   1.00 36.00  ? 5383 SER A CB    1 
ATOM   31   O  OG    . SER A 1 5   ? -23.134 2.839   1.421   1.00 34.34  ? 5383 SER A OG    1 
ATOM   32   N  N     . LYS A 1 6   ? -20.524 1.408   -0.340  1.00 33.72  ? 5384 LYS A N     1 
ATOM   33   C  CA    . LYS A 1 6   ? -19.128 1.819   -0.406  1.00 34.70  ? 5384 LYS A CA    1 
ATOM   34   C  C     . LYS A 1 6   ? -18.865 3.075   0.434   1.00 34.96  ? 5384 LYS A C     1 
ATOM   35   O  O     . LYS A 1 6   ? -17.897 3.138   1.198   1.00 29.46  ? 5384 LYS A O     1 
ATOM   36   C  CB    . LYS A 1 6   ? -18.730 2.047   -1.865  1.00 33.82  ? 5384 LYS A CB    1 
ATOM   37   C  CG    . LYS A 1 6   ? -17.427 1.406   -2.283  1.00 39.43  ? 5384 LYS A CG    1 
ATOM   38   C  CD    . LYS A 1 6   ? -17.423 -0.112  -2.125  1.00 37.22  ? 5384 LYS A CD    1 
ATOM   39   C  CE    . LYS A 1 6   ? -16.000 -0.650  -2.353  1.00 43.65  ? 5384 LYS A CE    1 
ATOM   40   N  NZ    . LYS A 1 6   ? -15.778 -2.090  -1.983  1.00 44.22  ? 5384 LYS A NZ    1 
ATOM   41   N  N     . SER A 1 7   ? -19.740 4.067   0.316   1.00 33.46  ? 5385 SER A N     1 
ATOM   42   C  CA    . SER A 1 7   ? -19.570 5.287   1.085   1.00 31.43  ? 5385 SER A CA    1 
ATOM   43   C  C     . SER A 1 7   ? -19.698 5.015   2.585   1.00 33.47  ? 5385 SER A C     1 
ATOM   44   O  O     . SER A 1 7   ? -18.986 5.617   3.384   1.00 29.64  ? 5385 SER A O     1 
ATOM   45   C  CB    . SER A 1 7   ? -20.576 6.351   0.645   1.00 40.51  ? 5385 SER A CB    1 
ATOM   46   O  OG    . SER A 1 7   ? -21.900 5.945   0.937   1.00 43.44  ? 5385 SER A OG    1 
ATOM   47   N  N     . SER A 1 8   ? -20.592 4.111   2.973   1.00 30.36  ? 5386 SER A N     1 
ATOM   48   C  CA    . SER A 1 8   ? -20.724 3.760   4.392   1.00 35.04  ? 5386 SER A CA    1 
ATOM   49   C  C     . SER A 1 8   ? -19.529 2.945   4.879   1.00 30.87  ? 5386 SER A C     1 
ATOM   50   O  O     . SER A 1 8   ? -19.107 3.078   6.021   1.00 33.18  ? 5386 SER A O     1 
ATOM   51   C  CB    . SER A 1 8   ? -22.011 2.984   4.655   1.00 35.21  ? 5386 SER A CB    1 
ATOM   52   O  OG    . SER A 1 8   ? -23.134 3.848   4.732   1.00 41.79  ? 5386 SER A OG    1 
ATOM   53   N  N     . GLN A 1 9   ? -18.984 2.103   4.007   1.00 30.62  ? 5387 GLN A N     1 
ATOM   54   C  CA    . GLN A 1 9   ? -17.791 1.341   4.349   1.00 29.85  ? 5387 GLN A CA    1 
ATOM   55   C  C     . GLN A 1 9   ? -16.612 2.270   4.591   1.00 28.15  ? 5387 GLN A C     1 
ATOM   56   O  O     . GLN A 1 9   ? -15.810 2.047   5.497   1.00 25.17  ? 5387 GLN A O     1 
ATOM   57   C  CB    . GLN A 1 9   ? -17.444 0.352   3.239   1.00 26.07  ? 5387 GLN A CB    1 
ATOM   58   C  CG    . GLN A 1 9   ? -18.366 -0.839  3.151   1.00 24.76  ? 5387 GLN A CG    1 
ATOM   59   C  CD    . GLN A 1 9   ? -17.876 -1.849  2.140   1.00 32.99  ? 5387 GLN A CD    1 
ATOM   60   O  OE1   . GLN A 1 9   ? -16.678 -2.105  2.049   1.00 32.41  ? 5387 GLN A OE1   1 
ATOM   61   N  NE2   . GLN A 1 9   ? -18.796 -2.425  1.366   1.00 33.33  ? 5387 GLN A NE2   1 
ATOM   62   N  N     . TYR A 1 10  ? -16.501 3.298   3.751   1.00 28.63  ? 5388 TYR A N     1 
ATOM   63   C  CA    . TYR A 1 10  ? -15.430 4.268   3.872   1.00 26.15  ? 5388 TYR A CA    1 
ATOM   64   C  C     . TYR A 1 10  ? -15.603 5.104   5.142   1.00 29.04  ? 5388 TYR A C     1 
ATOM   65   O  O     . TYR A 1 10  ? -14.635 5.459   5.818   1.00 24.88  ? 5388 TYR A O     1 
ATOM   66   C  CB    . TYR A 1 10  ? -15.363 5.177   2.633   1.00 32.01  ? 5388 TYR A CB    1 
ATOM   67   C  CG    . TYR A 1 10  ? -14.236 6.152   2.778   1.00 28.35  ? 5388 TYR A CG    1 
ATOM   68   C  CD1   . TYR A 1 10  ? -12.925 5.720   2.682   1.00 27.00  ? 5388 TYR A CD1   1 
ATOM   69   C  CD2   . TYR A 1 10  ? -14.473 7.489   3.066   1.00 32.33  ? 5388 TYR A CD2   1 
ATOM   70   C  CE1   . TYR A 1 10  ? -11.877 6.587   2.851   1.00 31.50  ? 5388 TYR A CE1   1 
ATOM   71   C  CE2   . TYR A 1 10  ? -13.426 8.368   3.238   1.00 32.32  ? 5388 TYR A CE2   1 
ATOM   72   C  CZ    . TYR A 1 10  ? -12.124 7.905   3.132   1.00 30.20  ? 5388 TYR A CZ    1 
ATOM   73   O  OH    . TYR A 1 10  ? -11.043 8.746   3.300   1.00 32.48  ? 5388 TYR A OH    1 
ATOM   74   N  N     . ARG A 1 11  ? -16.844 5.437   5.464   1.00 26.32  ? 5389 ARG A N     1 
ATOM   75   C  CA    . ARG A 1 11  ? -17.097 6.224   6.660   1.00 28.30  ? 5389 ARG A CA    1 
ATOM   76   C  C     . ARG A 1 11  ? -16.741 5.420   7.904   1.00 30.67  ? 5389 ARG A C     1 
ATOM   77   O  O     . ARG A 1 11  ? -16.249 5.959   8.886   1.00 31.60  ? 5389 ARG A O     1 
ATOM   78   C  CB    . ARG A 1 11  ? -18.560 6.669   6.734   1.00 37.58  ? 5389 ARG A CB    1 
ATOM   79   C  CG    . ARG A 1 11  ? -18.923 7.922   5.937   1.00 43.85  ? 5389 ARG A CG    1 
ATOM   80   C  CD    . ARG A 1 11  ? -20.457 8.015   5.683   1.00 48.23  ? 5389 ARG A CD    1 
ATOM   81   N  NE    . ARG A 1 11  ? -21.266 7.276   6.671   1.00 51.50  ? 5389 ARG A NE    1 
ATOM   82   C  CZ    . ARG A 1 11  ? -21.309 7.518   7.985   1.00 56.82  ? 5389 ARG A CZ    1 
ATOM   83   N  NH1   . ARG A 1 11  ? -20.605 8.512   8.520   1.00 58.17  ? 5389 ARG A NH1   1 
ATOM   84   N  NH2   . ARG A 1 11  ? -22.065 6.759   8.770   1.00 50.83  ? 5389 ARG A NH2   1 
ATOM   85   N  N     . ARG A 1 12  ? -17.013 4.124   7.862   1.00 27.30  ? 5390 ARG A N     1 
ATOM   86   C  CA    . ARG A 1 12  ? -16.671 3.261   8.979   1.00 28.38  ? 5390 ARG A CA    1 
ATOM   87   C  C     . ARG A 1 12  ? -15.151 3.129   9.038   1.00 29.96  ? 5390 ARG A C     1 
ATOM   88   O  O     . ARG A 1 12  ? -14.563 3.058   10.106  1.00 33.76  ? 5390 ARG A O     1 
ATOM   89   C  CB    . ARG A 1 12  ? -17.350 1.904   8.808   1.00 32.72  ? 5390 ARG A CB    1 
ATOM   90   C  CG    . ARG A 1 12  ? -17.170 0.887   9.932   1.00 38.73  ? 5390 ARG A CG    1 
ATOM   91   C  CD    . ARG A 1 12  ? -18.246 -0.202  9.832   1.00 40.29  ? 5390 ARG A CD    1 
ATOM   92   N  NE    . ARG A 1 12  ? -18.639 -0.516  8.450   1.00 47.00  ? 5390 ARG A NE    1 
ATOM   93   C  CZ    . ARG A 1 12  ? -19.729 -0.040  7.840   1.00 41.89  ? 5390 ARG A CZ    1 
ATOM   94   N  NH1   . ARG A 1 12  ? -20.541 0.801   8.465   1.00 46.96  ? 5390 ARG A NH1   1 
ATOM   95   N  NH2   . ARG A 1 12  ? -19.999 -0.384  6.594   1.00 35.06  ? 5390 ARG A NH2   1 
ATOM   96   N  N     . LEU A 1 13  ? -14.519 3.120   7.870   1.00 28.73  ? 5391 LEU A N     1 
ATOM   97   C  CA    . LEU A 1 13  ? -13.068 3.001   7.796   1.00 28.25  ? 5391 LEU A CA    1 
ATOM   98   C  C     . LEU A 1 13  ? -12.390 4.144   8.533   1.00 27.66  ? 5391 LEU A C     1 
ATOM   99   O  O     . LEU A 1 13  ? -11.475 3.929   9.316   1.00 24.62  ? 5391 LEU A O     1 
ATOM   100  C  CB    . LEU A 1 13  ? -12.591 2.975   6.341   1.00 23.01  ? 5391 LEU A CB    1 
ATOM   101  C  CG    . LEU A 1 13  ? -11.074 2.779   6.206   1.00 25.90  ? 5391 LEU A CG    1 
ATOM   102  C  CD1   . LEU A 1 13  ? -10.659 1.416   6.736   1.00 20.08  ? 5391 LEU A CD1   1 
ATOM   103  C  CD2   . LEU A 1 13  ? -10.602 2.949   4.765   1.00 22.48  ? 5391 LEU A CD2   1 
ATOM   104  N  N     . ARG A 1 14  ? -12.839 5.366   8.277   1.00 22.25  ? 5392 ARG A N     1 
ATOM   105  C  CA    . ARG A 1 14  ? -12.233 6.529   8.912   1.00 25.54  ? 5392 ARG A CA    1 
ATOM   106  C  C     . ARG A 1 14  ? -12.228 6.430   10.456  1.00 32.71  ? 5392 ARG A C     1 
ATOM   107  O  O     . ARG A 1 14  ? -11.364 7.003   11.112  1.00 34.07  ? 5392 ARG A O     1 
ATOM   108  C  CB    . ARG A 1 14  ? -12.953 7.808   8.458   1.00 34.48  ? 5392 ARG A CB    1 
ATOM   109  C  CG    . ARG A 1 14  ? -12.896 8.019   6.949   1.00 33.45  ? 5392 ARG A CG    1 
ATOM   110  C  CD    . ARG A 1 14  ? -13.673 9.253   6.510   1.00 40.77  ? 5392 ARG A CD    1 
ATOM   111  N  NE    . ARG A 1 14  ? -13.139 10.478  7.096   1.00 46.34  ? 5392 ARG A NE    1 
ATOM   112  C  CZ    . ARG A 1 14  ? -11.970 11.021  6.766   1.00 47.43  ? 5392 ARG A CZ    1 
ATOM   113  N  NH1   . ARG A 1 14  ? -11.199 10.449  5.850   1.00 51.33  ? 5392 ARG A NH1   1 
ATOM   114  N  NH2   . ARG A 1 14  ? -11.570 12.141  7.356   1.00 51.19  ? 5392 ARG A NH2   1 
ATOM   115  N  N     . THR A 1 15  ? -13.173 5.689   11.035  1.00 35.10  ? 5393 THR A N     1 
ATOM   116  C  CA    . THR A 1 15  ? -13.211 5.543   12.493  1.00 39.36  ? 5393 THR A CA    1 
ATOM   117  C  C     . THR A 1 15  ? -12.585 4.225   12.982  1.00 41.20  ? 5393 THR A C     1 
ATOM   118  O  O     . THR A 1 15  ? -12.175 4.128   14.134  1.00 43.61  ? 5393 THR A O     1 
ATOM   119  C  CB    . THR A 1 15  ? -14.657 5.631   13.037  1.00 40.95  ? 5393 THR A CB    1 
ATOM   120  O  OG1   . THR A 1 15  ? -15.330 4.379   12.850  1.00 40.36  ? 5393 THR A OG1   1 
ATOM   121  C  CG2   . THR A 1 15  ? -15.435 6.723   12.328  1.00 39.02  ? 5393 THR A CG2   1 
ATOM   122  N  N     . GLU A 1 16  ? -12.494 3.221   12.112  1.00 35.42  ? 5394 GLU A N     1 
ATOM   123  C  CA    . GLU A 1 16  ? -12.071 1.892   12.544  1.00 33.81  ? 5394 GLU A CA    1 
ATOM   124  C  C     . GLU A 1 16  ? -10.646 1.508   12.172  1.00 31.47  ? 5394 GLU A C     1 
ATOM   125  O  O     . GLU A 1 16  ? -10.109 0.569   12.738  1.00 33.35  ? 5394 GLU A O     1 
ATOM   126  C  CB    . GLU A 1 16  ? -13.014 0.829   11.975  1.00 39.95  ? 5394 GLU A CB    1 
ATOM   127  C  CG    . GLU A 1 16  ? -14.279 0.649   12.784  1.00 45.38  ? 5394 GLU A CG    1 
ATOM   128  C  CD    . GLU A 1 16  ? -14.008 -0.002  14.126  1.00 47.77  ? 5394 GLU A CD    1 
ATOM   129  O  OE1   . GLU A 1 16  ? -13.072 -0.826  14.206  1.00 52.50  ? 5394 GLU A OE1   1 
ATOM   130  O  OE2   . GLU A 1 16  ? -14.718 0.323   15.102  1.00 53.44  ? 5394 GLU A OE2   1 
ATOM   131  N  N     . TRP A 1 17  ? -10.033 2.203   11.221  1.00 28.81  ? 5395 TRP A N     1 
ATOM   132  C  CA    . TRP A 1 17  ? -8.762  1.720   10.674  1.00 29.59  ? 5395 TRP A CA    1 
ATOM   133  C  C     . TRP A 1 17  ? -7.691  1.548   11.760  1.00 25.06  ? 5395 TRP A C     1 
ATOM   134  O  O     . TRP A 1 17  ? -6.899  0.603   11.735  1.00 24.15  ? 5395 TRP A O     1 
ATOM   135  C  CB    . TRP A 1 17  ? -8.274  2.664   9.580   1.00 25.07  ? 5395 TRP A CB    1 
ATOM   136  C  CG    . TRP A 1 17  ? -7.702  3.945   10.089  1.00 25.93  ? 5395 TRP A CG    1 
ATOM   137  C  CD1   . TRP A 1 17  ? -8.350  5.146   10.231  1.00 26.63  ? 5395 TRP A CD1   1 
ATOM   138  C  CD2   . TRP A 1 17  ? -6.355  4.163   10.509  1.00 29.05  ? 5395 TRP A CD2   1 
ATOM   139  N  NE1   . TRP A 1 17  ? -7.484  6.092   10.726  1.00 28.31  ? 5395 TRP A NE1   1 
ATOM   140  C  CE2   . TRP A 1 17  ? -6.255  5.512   10.911  1.00 30.93  ? 5395 TRP A CE2   1 
ATOM   141  C  CE3   . TRP A 1 17  ? -5.225  3.347   10.600  1.00 26.65  ? 5395 TRP A CE3   1 
ATOM   142  C  CZ2   . TRP A 1 17  ? -5.069  6.060   11.380  1.00 33.96  ? 5395 TRP A CZ2   1 
ATOM   143  C  CZ3   . TRP A 1 17  ? -4.049  3.892   11.079  1.00 30.31  ? 5395 TRP A CZ3   1 
ATOM   144  C  CH2   . TRP A 1 17  ? -3.977  5.235   11.456  1.00 29.14  ? 5395 TRP A CH2   1 
ATOM   145  N  N     . LYS A 1 18  ? -7.692  2.440   12.743  1.00 29.39  ? 5396 LYS A N     1 
ATOM   146  C  CA    . LYS A 1 18  ? -6.745  2.333   13.840  1.00 28.80  ? 5396 LYS A CA    1 
ATOM   147  C  C     . LYS A 1 18  ? -6.842  0.985   14.538  1.00 27.75  ? 5396 LYS A C     1 
ATOM   148  O  O     . LYS A 1 18  ? -5.857  0.495   15.081  1.00 29.00  ? 5396 LYS A O     1 
ATOM   149  C  CB    . LYS A 1 18  ? -6.966  3.459   14.846  1.00 34.22  ? 5396 LYS A CB    1 
ATOM   150  C  CG    . LYS A 1 18  ? -5.875  4.499   14.839  1.00 38.11  ? 5396 LYS A CG    1 
ATOM   151  C  CD    . LYS A 1 18  ? -6.195  5.632   15.808  1.00 45.67  ? 5396 LYS A CD    1 
ATOM   152  C  CE    . LYS A 1 18  ? -7.434  6.393   15.357  1.00 49.27  ? 5396 LYS A CE    1 
ATOM   153  N  NZ    . LYS A 1 18  ? -7.725  7.583   16.209  1.00 53.99  ? 5396 LYS A NZ    1 
ATOM   154  N  N     . ASN A 1 19  ? -8.024  0.374   14.516  1.00 28.89  ? 5397 ASN A N     1 
ATOM   155  C  CA    . ASN A 1 19  ? -8.216  -0.938  15.147  1.00 26.74  ? 5397 ASN A CA    1 
ATOM   156  C  C     . ASN A 1 19  ? -7.986  -2.123  14.216  1.00 26.66  ? 5397 ASN A C     1 
ATOM   157  O  O     . ASN A 1 19  ? -7.980  -3.268  14.660  1.00 27.95  ? 5397 ASN A O     1 
ATOM   158  C  CB    . ASN A 1 19  ? -9.620  -1.034  15.735  1.00 34.18  ? 5397 ASN A CB    1 
ATOM   159  C  CG    . ASN A 1 19  ? -9.881  0.033   16.764  1.00 34.61  ? 5397 ASN A CG    1 
ATOM   160  O  OD1   . ASN A 1 19  ? -10.894 0.729   16.715  1.00 44.16  ? 5397 ASN A OD1   1 
ATOM   161  N  ND2   . ASN A 1 19  ? -8.957  0.182   17.698  1.00 37.84  ? 5397 ASN A ND2   1 
ATOM   162  N  N     . ASN A 1 20  ? -7.786  -1.855  12.925  1.00 24.21  ? 5398 ASN A N     1 
ATOM   163  C  CA    . ASN A 1 20  ? -7.581  -2.923  11.949  1.00 23.27  ? 5398 ASN A CA    1 
ATOM   164  C  C     . ASN A 1 20  ? -6.136  -3.389  11.877  1.00 24.09  ? 5398 ASN A C     1 
ATOM   165  O  O     . ASN A 1 20  ? -5.848  -4.517  11.462  1.00 23.56  ? 5398 ASN A O     1 
ATOM   166  C  CB    . ASN A 1 20  ? -8.024  -2.464  10.546  1.00 22.94  ? 5398 ASN A CB    1 
ATOM   167  C  CG    . ASN A 1 20  ? -9.509  -2.300  10.453  1.00 26.13  ? 5398 ASN A CG    1 
ATOM   168  O  OD1   . ASN A 1 20  ? -10.239 -2.779  11.325  1.00 26.71  ? 5398 ASN A OD1   1 
ATOM   169  N  ND2   . ASN A 1 20  ? -9.973  -1.629  9.419   1.00 23.07  ? 5398 ASN A ND2   1 
ATOM   170  N  N     . VAL A 1 21  ? -5.222  -2.510  12.253  1.00 22.99  ? 5399 VAL A N     1 
ATOM   171  C  CA    . VAL A 1 21  ? -3.827  -2.716  11.888  1.00 21.84  ? 5399 VAL A CA    1 
ATOM   172  C  C     . VAL A 1 21  ? -2.855  -2.402  13.024  1.00 23.76  ? 5399 VAL A C     1 
ATOM   173  O  O     . VAL A 1 21  ? -3.182  -1.655  13.948  1.00 21.65  ? 5399 VAL A O     1 
ATOM   174  C  CB    . VAL A 1 21  ? -3.444  -1.834  10.665  1.00 20.39  ? 5399 VAL A CB    1 
ATOM   175  C  CG1   . VAL A 1 21  ? -4.287  -2.169  9.459   1.00 21.73  ? 5399 VAL A CG1   1 
ATOM   176  C  CG2   . VAL A 1 21  ? -3.552  -0.355  11.002  1.00 20.68  ? 5399 VAL A CG2   1 
ATOM   177  N  N     . TYR A 1 22  ? -1.651  -2.971  12.953  1.00 20.94  ? 5400 TYR A N     1 
ATOM   178  C  CA    . TYR A 1 22  ? -0.573  -2.478  13.797  1.00 21.42  ? 5400 TYR A CA    1 
ATOM   179  C  C     . TYR A 1 22  ? 0.738   -2.596  13.039  1.00 22.20  ? 5400 TYR A C     1 
ATOM   180  O  O     . TYR A 1 22  ? 0.911   -3.474  12.182  1.00 18.25  ? 5400 TYR A O     1 
ATOM   181  C  CB    . TYR A 1 22  ? -0.513  -3.216  15.154  1.00 25.25  ? 5400 TYR A CB    1 
ATOM   182  C  CG    . TYR A 1 22  ? -0.195  -4.696  15.085  1.00 24.11  ? 5400 TYR A CG    1 
ATOM   183  C  CD1   . TYR A 1 22  ? -1.197  -5.639  14.877  1.00 23.20  ? 5400 TYR A CD1   1 
ATOM   184  C  CD2   . TYR A 1 22  ? 1.107   -5.153  15.248  1.00 24.62  ? 5400 TYR A CD2   1 
ATOM   185  C  CE1   . TYR A 1 22  ? -0.906  -7.006  14.803  1.00 22.87  ? 5400 TYR A CE1   1 
ATOM   186  C  CE2   . TYR A 1 22  ? 1.411   -6.511  15.177  1.00 23.22  ? 5400 TYR A CE2   1 
ATOM   187  C  CZ    . TYR A 1 22  ? 0.401   -7.429  14.964  1.00 25.92  ? 5400 TYR A CZ    1 
ATOM   188  O  OH    . TYR A 1 22  ? 0.711   -8.768  14.902  1.00 24.81  ? 5400 TYR A OH    1 
ATOM   189  N  N     . LEU A 1 23  ? 1.654   -1.689  13.347  1.00 17.77  ? 5401 LEU A N     1 
ATOM   190  C  CA    . LEU A 1 23  ? 2.992   -1.715  12.767  1.00 19.12  ? 5401 LEU A CA    1 
ATOM   191  C  C     . LEU A 1 23  ? 3.952   -2.602  13.568  1.00 24.30  ? 5401 LEU A C     1 
ATOM   192  O  O     . LEU A 1 23  ? 4.017   -2.489  14.790  1.00 21.58  ? 5401 LEU A O     1 
ATOM   193  C  CB    . LEU A 1 23  ? 3.534   -0.281  12.688  1.00 21.39  ? 5401 LEU A CB    1 
ATOM   194  C  CG    . LEU A 1 23  ? 4.902   -0.120  12.031  1.00 22.92  ? 5401 LEU A CG    1 
ATOM   195  C  CD1   . LEU A 1 23  ? 4.791   -0.369  10.524  1.00 23.61  ? 5401 LEU A CD1   1 
ATOM   196  C  CD2   . LEU A 1 23  ? 5.459   1.254   12.310  1.00 31.24  ? 5401 LEU A CD2   1 
ATOM   197  N  N     . ALA A 1 24  ? 4.674   -3.493  12.885  1.00 20.13  ? 5402 ALA A N     1 
ATOM   198  C  CA    . ALA A 1 24  ? 5.686   -4.330  13.523  1.00 19.34  ? 5402 ALA A CA    1 
ATOM   199  C  C     . ALA A 1 24  ? 6.743   -4.789  12.530  1.00 24.72  ? 5402 ALA A C     1 
ATOM   200  O  O     . ALA A 1 24  ? 6.630   -4.556  11.324  1.00 22.36  ? 5402 ALA A O     1 
ATOM   201  C  CB    . ALA A 1 24  ? 5.044   -5.564  14.215  1.00 20.60  ? 5402 ALA A CB    1 
ATOM   202  N  N     . ARG A 1 25  ? 7.781   -5.445  13.036  1.00 18.54  ? 5403 ARG A N     1 
ATOM   203  C  CA    . ARG A 1 25  ? 8.800   -5.979  12.151  1.00 21.47  ? 5403 ARG A CA    1 
ATOM   204  C  C     . ARG A 1 25  ? 8.128   -6.897  11.176  1.00 22.48  ? 5403 ARG A C     1 
ATOM   205  O  O     . ARG A 1 25  ? 7.217   -7.643  11.550  1.00 23.93  ? 5403 ARG A O     1 
ATOM   206  C  CB    . ARG A 1 25  ? 9.881   -6.715  12.933  1.00 27.10  ? 5403 ARG A CB    1 
ATOM   207  C  CG    . ARG A 1 25  ? 10.795  -5.781  13.678  1.00 35.80  ? 5403 ARG A CG    1 
ATOM   208  C  CD    . ARG A 1 25  ? 11.672  -4.970  12.723  1.00 41.96  ? 5403 ARG A CD    1 
ATOM   209  N  NE    . ARG A 1 25  ? 13.064  -5.422  12.757  1.00 49.94  ? 5403 ARG A NE    1 
ATOM   210  C  CZ    . ARG A 1 25  ? 13.937  -5.059  13.693  1.00 55.49  ? 5403 ARG A CZ    1 
ATOM   211  N  NH1   . ARG A 1 25  ? 13.561  -4.240  14.672  1.00 59.05  ? 5403 ARG A NH1   1 
ATOM   212  N  NH2   . ARG A 1 25  ? 15.183  -5.520  13.659  1.00 52.97  ? 5403 ARG A NH2   1 
ATOM   213  N  N     . SER A 1 26  ? 8.554   -6.820  9.923   1.00 21.12  ? 5404 SER A N     1 
ATOM   214  C  CA    . SER A 1 26  ? 7.955   -7.594  8.839   1.00 18.98  ? 5404 SER A CA    1 
ATOM   215  C  C     . SER A 1 26  ? 8.536   -8.980  8.763   1.00 18.40  ? 5404 SER A C     1 
ATOM   216  O  O     . SER A 1 26  ? 9.666   -9.185  9.152   1.00 19.39  ? 5404 SER A O     1 
ATOM   217  C  CB    . SER A 1 26  ? 8.185   -6.894  7.506   1.00 22.40  ? 5404 SER A CB    1 
ATOM   218  O  OG    . SER A 1 26  ? 7.642   -7.659  6.449   1.00 19.61  ? 5404 SER A OG    1 
ATOM   219  N  N     . ARG A 1 27  ? 7.777   -9.929  8.248   1.00 19.32  ? 5405 ARG A N     1 
ATOM   220  C  CA    . ARG A 1 27  ? 8.349   -11.230 7.948   1.00 28.97  ? 5405 ARG A CA    1 
ATOM   221  C  C     . ARG A 1 27  ? 8.919   -11.199 6.536   1.00 24.27  ? 5405 ARG A C     1 
ATOM   222  O  O     . ARG A 1 27  ? 9.520   -12.165 6.081   1.00 21.61  ? 5405 ARG A O     1 
ATOM   223  C  CB    . ARG A 1 27  ? 7.300   -12.335 8.114   1.00 27.95  ? 5405 ARG A CB    1 
ATOM   224  C  CG    . ARG A 1 27  ? 6.838   -12.452 9.550   1.00 32.22  ? 5405 ARG A CG    1 
ATOM   225  C  CD    . ARG A 1 27  ? 5.545   -13.232 9.679   1.00 39.10  ? 5405 ARG A CD    1 
ATOM   226  N  NE    . ARG A 1 27  ? 5.058   -13.210 11.056  1.00 37.88  ? 5405 ARG A NE    1 
ATOM   227  C  CZ    . ARG A 1 27  ? 3.774   -13.194 11.400  1.00 38.11  ? 5405 ARG A CZ    1 
ATOM   228  N  NH1   . ARG A 1 27  ? 2.831   -13.205 10.468  1.00 30.85  ? 5405 ARG A NH1   1 
ATOM   229  N  NH2   . ARG A 1 27  ? 3.430   -13.172 12.685  1.00 42.64  ? 5405 ARG A NH2   1 
ATOM   230  N  N     . ILE A 1 28  ? 8.768   -10.063 5.866   1.00 18.47  ? 5406 ILE A N     1 
ATOM   231  C  CA    . ILE A 1 28  ? 9.232   -9.923  4.490   1.00 20.79  ? 5406 ILE A CA    1 
ATOM   232  C  C     . ILE A 1 28  ? 10.451  -9.019  4.410   1.00 20.08  ? 5406 ILE A C     1 
ATOM   233  O  O     . ILE A 1 28  ? 11.515  -9.457  4.013   1.00 19.91  ? 5406 ILE A O     1 
ATOM   234  C  CB    . ILE A 1 28  ? 8.103   -9.390  3.596   1.00 23.12  ? 5406 ILE A CB    1 
ATOM   235  C  CG1   . ILE A 1 28  ? 7.001   -10.446 3.512   1.00 24.72  ? 5406 ILE A CG1   1 
ATOM   236  C  CG2   . ILE A 1 28  ? 8.611   -9.063  2.210   1.00 24.69  ? 5406 ILE A CG2   1 
ATOM   237  C  CD1   . ILE A 1 28  ? 5.746   -9.970  2.832   1.00 30.33  ? 5406 ILE A CD1   1 
ATOM   238  N  N     . GLN A 1 29  ? 10.295  -7.759  4.800   1.00 20.73  ? 5407 GLN A N     1 
ATOM   239  C  CA    . GLN A 1 29  ? 11.398  -6.811  4.743   1.00 19.49  ? 5407 GLN A CA    1 
ATOM   240  C  C     . GLN A 1 29  ? 11.101  -5.602  5.611   1.00 19.60  ? 5407 GLN A C     1 
ATOM   241  O  O     . GLN A 1 29  ? 10.002  -5.049  5.561   1.00 17.89  ? 5407 GLN A O     1 
ATOM   242  C  CB    . GLN A 1 29  ? 11.664  -6.366  3.296   1.00 19.27  ? 5407 GLN A CB    1 
ATOM   243  C  CG    . GLN A 1 29  ? 13.094  -5.846  3.072   1.00 23.40  ? 5407 GLN A CG    1 
ATOM   244  C  CD    . GLN A 1 29  ? 14.175  -6.955  3.201   1.00 25.49  ? 5407 GLN A CD    1 
ATOM   245  O  OE1   . GLN A 1 29  ? 13.867  -8.144  3.347   1.00 30.57  ? 5407 GLN A OE1   1 
ATOM   246  N  NE2   . GLN A 1 29  ? 15.440  -6.558  3.118   1.00 23.18  ? 5407 GLN A NE2   1 
ATOM   247  N  N     . GLY A 1 30  ? 12.074  -5.208  6.420   1.00 19.91  ? 5408 GLY A N     1 
ATOM   248  C  CA    . GLY A 1 30  ? 11.963  -4.012  7.235   1.00 19.78  ? 5408 GLY A CA    1 
ATOM   249  C  C     . GLY A 1 30  ? 10.774  -4.010  8.178   1.00 23.34  ? 5408 GLY A C     1 
ATOM   250  O  O     . GLY A 1 30  ? 10.559  -4.963  8.936   1.00 20.46  ? 5408 GLY A O     1 
ATOM   251  N  N     . LEU A 1 31  ? 10.007  -2.925  8.131   1.00 22.61  ? 5409 LEU A N     1 
ATOM   252  C  CA    . LEU A 1 31  ? 8.755   -2.815  8.880   1.00 22.57  ? 5409 LEU A CA    1 
ATOM   253  C  C     . LEU A 1 31  ? 7.585   -3.241  8.021   1.00 24.24  ? 5409 LEU A C     1 
ATOM   254  O  O     . LEU A 1 31  ? 7.606   -3.061  6.803   1.00 20.59  ? 5409 LEU A O     1 
ATOM   255  C  CB    . LEU A 1 31  ? 8.525   -1.385  9.341   1.00 24.19  ? 5409 LEU A CB    1 
ATOM   256  C  CG    . LEU A 1 31  ? 9.466   -0.816  10.378  1.00 30.56  ? 5409 LEU A CG    1 
ATOM   257  C  CD1   . LEU A 1 31  ? 8.725   0.294   11.083  1.00 36.29  ? 5409 LEU A CD1   1 
ATOM   258  C  CD2   . LEU A 1 31  ? 9.888   -1.904  11.355  1.00 34.19  ? 5409 LEU A CD2   1 
ATOM   259  N  N     . GLY A 1 32  ? 6.551   -3.781  8.648   1.00 17.61  ? 5410 GLY A N     1 
ATOM   260  C  CA    . GLY A 1 32  ? 5.382   -4.192  7.901   1.00 16.83  ? 5410 GLY A CA    1 
ATOM   261  C  C     . GLY A 1 32  ? 4.123   -3.906  8.690   1.00 23.88  ? 5410 GLY A C     1 
ATOM   262  O  O     . GLY A 1 32  ? 4.164   -3.609  9.902   1.00 19.03  ? 5410 GLY A O     1 
ATOM   263  N  N     . LEU A 1 33  ? 2.994   -4.026  8.010   1.00 14.74  ? 5411 LEU A N     1 
ATOM   264  C  CA    . LEU A 1 33  ? 1.700   -3.773  8.624   1.00 16.08  ? 5411 LEU A CA    1 
ATOM   265  C  C     . LEU A 1 33  ? 0.935   -5.077  8.793   1.00 19.45  ? 5411 LEU A C     1 
ATOM   266  O  O     . LEU A 1 33  ? 0.875   -5.876  7.866   1.00 18.74  ? 5411 LEU A O     1 
ATOM   267  C  CB    . LEU A 1 33  ? 0.906   -2.781  7.770   1.00 16.82  ? 5411 LEU A CB    1 
ATOM   268  C  CG    . LEU A 1 33  ? -0.141  -1.956  8.496   1.00 22.29  ? 5411 LEU A CG    1 
ATOM   269  C  CD1   . LEU A 1 33  ? 0.573   -1.092  9.508   1.00 20.42  ? 5411 LEU A CD1   1 
ATOM   270  C  CD2   . LEU A 1 33  ? -0.973  -1.110  7.542   1.00 17.49  ? 5411 LEU A CD2   1 
ATOM   271  N  N     . TYR A 1 34  ? 0.354   -5.291  9.981   1.00 20.51  ? 5412 TYR A N     1 
ATOM   272  C  CA    . TYR A 1 34  ? -0.299  -6.558  10.339  1.00 19.98  ? 5412 TYR A CA    1 
ATOM   273  C  C     . TYR A 1 34  ? -1.763  -6.378  10.705  1.00 20.61  ? 5412 TYR A C     1 
ATOM   274  O  O     . TYR A 1 34  ? -2.171  -5.304  11.101  1.00 21.27  ? 5412 TYR A O     1 
ATOM   275  C  CB    . TYR A 1 34  ? 0.394   -7.200  11.532  1.00 21.55  ? 5412 TYR A CB    1 
ATOM   276  C  CG    . TYR A 1 34  ? 1.770   -7.710  11.246  1.00 21.82  ? 5412 TYR A CG    1 
ATOM   277  C  CD1   . TYR A 1 34  ? 2.856   -6.864  11.273  1.00 19.59  ? 5412 TYR A CD1   1 
ATOM   278  C  CD2   . TYR A 1 34  ? 1.982   -9.051  10.972  1.00 24.40  ? 5412 TYR A CD2   1 
ATOM   279  C  CE1   . TYR A 1 34  ? 4.119   -7.346  11.013  1.00 20.31  ? 5412 TYR A CE1   1 
ATOM   280  C  CE2   . TYR A 1 34  ? 3.227   -9.533  10.717  1.00 23.56  ? 5412 TYR A CE2   1 
ATOM   281  C  CZ    . TYR A 1 34  ? 4.293   -8.681  10.745  1.00 20.12  ? 5412 TYR A CZ    1 
ATOM   282  O  OH    . TYR A 1 34  ? 5.544   -9.172  10.495  1.00 25.74  ? 5412 TYR A OH    1 
ATOM   283  N  N     . ALA A 1 35  ? -2.547  -7.444  10.608  1.00 22.77  ? 5413 ALA A N     1 
ATOM   284  C  CA    . ALA A 1 35  ? -3.936  -7.370  11.046  1.00 22.48  ? 5413 ALA A CA    1 
ATOM   285  C  C     . ALA A 1 35  ? -3.980  -7.385  12.563  1.00 24.56  ? 5413 ALA A C     1 
ATOM   286  O  O     . ALA A 1 35  ? -3.443  -8.303  13.196  1.00 28.33  ? 5413 ALA A O     1 
ATOM   287  C  CB    . ALA A 1 35  ? -4.742  -8.522  10.471  1.00 27.56  ? 5413 ALA A CB    1 
ATOM   288  N  N     . ALA A 1 36  ? -4.594  -6.372  13.155  1.00 24.12  ? 5414 ALA A N     1 
ATOM   289  C  CA    . ALA A 1 36  ? -4.716  -6.303  14.613  1.00 27.99  ? 5414 ALA A CA    1 
ATOM   290  C  C     . ALA A 1 36  ? -5.884  -7.182  15.084  1.00 29.88  ? 5414 ALA A C     1 
ATOM   291  O  O     . ALA A 1 36  ? -6.027  -7.472  16.269  1.00 30.96  ? 5414 ALA A O     1 
ATOM   292  C  CB    . ALA A 1 36  ? -4.902  -4.856  15.071  1.00 25.99  ? 5414 ALA A CB    1 
ATOM   293  N  N     . LYS A 1 37  ? -6.704  -7.613  14.133  1.00 33.46  ? 5415 LYS A N     1 
ATOM   294  C  CA    . LYS A 1 37  ? -7.835  -8.479  14.425  1.00 34.16  ? 5415 LYS A CA    1 
ATOM   295  C  C     . LYS A 1 37  ? -8.191  -9.298  13.193  1.00 30.79  ? 5415 LYS A C     1 
ATOM   296  O  O     . LYS A 1 37  ? -7.665  -9.051  12.116  1.00 31.85  ? 5415 LYS A O     1 
ATOM   297  C  CB    . LYS A 1 37  ? -9.034  -7.651  14.891  1.00 30.89  ? 5415 LYS A CB    1 
ATOM   298  C  CG    . LYS A 1 37  ? -9.722  -6.855  13.808  1.00 33.53  ? 5415 LYS A CG    1 
ATOM   299  C  CD    . LYS A 1 37  ? -10.578 -5.804  14.474  1.00 34.56  ? 5415 LYS A CD    1 
ATOM   300  C  CE    . LYS A 1 37  ? -11.747 -5.371  13.634  1.00 42.24  ? 5415 LYS A CE    1 
ATOM   301  N  NZ    . LYS A 1 37  ? -12.555 -4.407  14.438  1.00 45.64  ? 5415 LYS A NZ    1 
ATOM   302  N  N     . ASP A 1 38  ? -9.053  -10.295 13.351  1.00 32.19  ? 5416 ASP A N     1 
ATOM   303  C  CA    . ASP A 1 38  ? -9.481  -11.077 12.205  1.00 27.42  ? 5416 ASP A CA    1 
ATOM   304  C  C     . ASP A 1 38  ? -10.217 -10.131 11.265  1.00 29.93  ? 5416 ASP A C     1 
ATOM   305  O  O     . ASP A 1 38  ? -11.076 -9.376  11.697  1.00 29.59  ? 5416 ASP A O     1 
ATOM   306  C  CB    . ASP A 1 38  ? -10.374 -12.246 12.623  1.00 36.13  ? 5416 ASP A CB    1 
ATOM   307  C  CG    . ASP A 1 38  ? -9.595  -13.395 13.267  1.00 38.47  ? 5416 ASP A CG    1 
ATOM   308  O  OD1   . ASP A 1 38  ? -8.436  -13.197 13.690  1.00 35.72  ? 5416 ASP A OD1   1 
ATOM   309  O  OD2   . ASP A 1 38  ? -10.152 -14.507 13.350  1.00 44.08  ? 5416 ASP A OD2   1 
ATOM   310  N  N     . LEU A 1 39  ? -9.839  -10.136 9.995   1.00 24.57  ? 5417 LEU A N     1 
ATOM   311  C  CA    . LEU A 1 39  ? -10.481 -9.276  9.011   1.00 26.79  ? 5417 LEU A CA    1 
ATOM   312  C  C     . LEU A 1 39  ? -11.242 -10.126 8.040   1.00 30.42  ? 5417 LEU A C     1 
ATOM   313  O  O     . LEU A 1 39  ? -10.693 -11.087 7.492   1.00 29.64  ? 5417 LEU A O     1 
ATOM   314  C  CB    . LEU A 1 39  ? -9.457  -8.424  8.265   1.00 27.96  ? 5417 LEU A CB    1 
ATOM   315  C  CG    . LEU A 1 39  ? -8.518  -7.612  9.152   1.00 27.73  ? 5417 LEU A CG    1 
ATOM   316  C  CD1   . LEU A 1 39  ? -7.327  -7.133  8.346   1.00 29.87  ? 5417 LEU A CD1   1 
ATOM   317  C  CD2   . LEU A 1 39  ? -9.267  -6.441  9.735   1.00 28.26  ? 5417 LEU A CD2   1 
ATOM   318  N  N     . GLU A 1 40  ? -12.508 -9.778  7.828   1.00 33.89  ? 5418 GLU A N     1 
ATOM   319  C  CA    . GLU A 1 40  ? -13.354 -10.506 6.886   1.00 35.95  ? 5418 GLU A CA    1 
ATOM   320  C  C     . GLU A 1 40  ? -12.941 -10.177 5.467   1.00 35.79  ? 5418 GLU A C     1 
ATOM   321  O  O     . GLU A 1 40  ? -12.305 -9.158  5.228   1.00 32.04  ? 5418 GLU A O     1 
ATOM   322  C  CB    . GLU A 1 40  ? -14.833 -10.164 7.105   1.00 41.01  ? 5418 GLU A CB    1 
ATOM   323  C  CG    . GLU A 1 40  ? -15.359 -10.482 8.523   1.00 46.18  ? 5418 GLU A CG    1 
ATOM   324  C  CD    . GLU A 1 40  ? -14.908 -11.847 9.051   1.00 55.83  ? 5418 GLU A CD    1 
ATOM   325  O  OE1   . GLU A 1 40  ? -14.927 -12.836 8.274   1.00 57.74  ? 5418 GLU A OE1   1 
ATOM   326  O  OE2   . GLU A 1 40  ? -14.530 -11.931 10.247  1.00 57.23  ? 5418 GLU A OE2   1 
ATOM   327  N  N     . LYS A 1 41  ? -13.302 -11.039 4.525   1.00 30.75  ? 5419 LYS A N     1 
ATOM   328  C  CA    . LYS A 1 41  ? -12.905 -10.855 3.146   1.00 33.46  ? 5419 LYS A CA    1 
ATOM   329  C  C     . LYS A 1 41  ? -13.588 -9.622  2.547   1.00 30.34  ? 5419 LYS A C     1 
ATOM   330  O  O     . LYS A 1 41  ? -14.683 -9.240  2.959   1.00 25.91  ? 5419 LYS A O     1 
ATOM   331  C  CB    . LYS A 1 41  ? -13.230 -12.108 2.331   1.00 32.26  ? 5419 LYS A CB    1 
ATOM   332  C  CG    . LYS A 1 41  ? -14.670 -12.194 1.859   1.00 41.38  ? 5419 LYS A CG    1 
ATOM   333  C  CD    . LYS A 1 41  ? -15.028 -13.584 1.332   1.00 40.20  ? 5419 LYS A CD    1 
ATOM   334  C  CE    . LYS A 1 41  ? -13.908 -14.201 0.512   1.00 41.23  ? 5419 LYS A CE    1 
ATOM   335  N  NZ    . LYS A 1 41  ? -13.528 -13.405 -0.691  1.00 50.35  ? 5419 LYS A NZ    1 
ATOM   336  N  N     . HIS A 1 42  ? -12.913 -8.993  1.594   1.00 32.30  ? 5420 HIS A N     1 
ATOM   337  C  CA    . HIS A 1 42  ? -13.436 -7.816  0.901   1.00 31.72  ? 5420 HIS A CA    1 
ATOM   338  C  C     . HIS A 1 42  ? -13.790 -6.708  1.853   1.00 31.23  ? 5420 HIS A C     1 
ATOM   339  O  O     . HIS A 1 42  ? -14.756 -5.987  1.629   1.00 28.53  ? 5420 HIS A O     1 
ATOM   340  C  CB    . HIS A 1 42  ? -14.673 -8.162  0.078   1.00 35.79  ? 5420 HIS A CB    1 
ATOM   341  C  CG    . HIS A 1 42  ? -14.469 -9.299  -0.856  1.00 34.58  ? 5420 HIS A CG    1 
ATOM   342  N  ND1   . HIS A 1 42  ? -13.325 -9.447  -1.605  1.00 40.87  ? 5420 HIS A ND1   1 
ATOM   343  C  CD2   . HIS A 1 42  ? -15.258 -10.356 -1.159  1.00 37.88  ? 5420 HIS A CD2   1 
ATOM   344  C  CE1   . HIS A 1 42  ? -13.419 -10.544 -2.336  1.00 39.71  ? 5420 HIS A CE1   1 
ATOM   345  N  NE2   . HIS A 1 42  ? -14.582 -11.114 -2.083  1.00 40.39  ? 5420 HIS A NE2   1 
ATOM   346  N  N     . THR A 1 43  ? -13.030 -6.575  2.931   1.00 29.32  ? 5421 THR A N     1 
ATOM   347  C  CA    . THR A 1 43  ? -13.305 -5.510  3.872   1.00 31.20  ? 5421 THR A CA    1 
ATOM   348  C  C     . THR A 1 43  ? -12.256 -4.434  3.678   1.00 32.07  ? 5421 THR A C     1 
ATOM   349  O  O     . THR A 1 43  ? -11.116 -4.723  3.308   1.00 27.05  ? 5421 THR A O     1 
ATOM   350  C  CB    . THR A 1 43  ? -13.315 -6.013  5.347   1.00 35.01  ? 5421 THR A CB    1 
ATOM   351  O  OG1   . THR A 1 43  ? -14.039 -5.086  6.168   1.00 41.52  ? 5421 THR A OG1   1 
ATOM   352  C  CG2   . THR A 1 43  ? -11.910 -6.163  5.888   1.00 31.06  ? 5421 THR A CG2   1 
ATOM   353  N  N     . MET A 1 44  ? -12.652 -3.189  3.902   1.00 23.76  ? 5422 MET A N     1 
ATOM   354  C  CA    . MET A 1 44  ? -11.716 -2.093  3.818   1.00 25.58  ? 5422 MET A CA    1 
ATOM   355  C  C     . MET A 1 44  ? -10.798 -2.129  5.020   1.00 25.81  ? 5422 MET A C     1 
ATOM   356  O  O     . MET A 1 44  ? -11.255 -2.219  6.156   1.00 26.46  ? 5422 MET A O     1 
ATOM   357  C  CB    . MET A 1 44  ? -12.465 -0.775  3.738   1.00 25.58  ? 5422 MET A CB    1 
ATOM   358  C  CG    . MET A 1 44  ? -13.159 -0.581  2.413   1.00 28.40  ? 5422 MET A CG    1 
ATOM   359  S  SD    . MET A 1 44  ? -13.898 1.055   2.305   1.00 30.13  ? 5422 MET A SD    1 
ATOM   360  C  CE    . MET A 1 44  ? -14.575 1.012   0.650   1.00 31.87  ? 5422 MET A CE    1 
ATOM   361  N  N     . VAL A 1 45  ? -9.495  -2.084  4.779   1.00 23.53  ? 5423 VAL A N     1 
ATOM   362  C  CA    . VAL A 1 45  ? -8.547  -2.274  5.872   1.00 18.98  ? 5423 VAL A CA    1 
ATOM   363  C  C     . VAL A 1 45  ? -7.979  -0.947  6.347   1.00 25.05  ? 5423 VAL A C     1 
ATOM   364  O  O     . VAL A 1 45  ? -8.035  -0.609  7.555   1.00 18.61  ? 5423 VAL A O     1 
ATOM   365  C  CB    . VAL A 1 45  ? -7.394  -3.189  5.448   1.00 24.02  ? 5423 VAL A CB    1 
ATOM   366  C  CG1   . VAL A 1 45  ? -6.361  -3.303  6.575   1.00 18.02  ? 5423 VAL A CG1   1 
ATOM   367  C  CG2   . VAL A 1 45  ? -7.938  -4.557  5.069   1.00 23.91  ? 5423 VAL A CG2   1 
ATOM   368  N  N     . ILE A 1 46  ? -7.441  -0.196  5.386   1.00 17.64  ? 5424 ILE A N     1 
ATOM   369  C  CA    . ILE A 1 46  ? -6.777  1.065   5.666   1.00 17.39  ? 5424 ILE A CA    1 
ATOM   370  C  C     . ILE A 1 46  ? -6.676  1.841   4.361   1.00 18.75  ? 5424 ILE A C     1 
ATOM   371  O  O     . ILE A 1 46  ? -6.640  1.237   3.283   1.00 15.33  ? 5424 ILE A O     1 
ATOM   372  C  CB    . ILE A 1 46  ? -5.372  0.823   6.280   1.00 19.45  ? 5424 ILE A CB    1 
ATOM   373  C  CG1   . ILE A 1 46  ? -4.744  2.130   6.764   1.00 20.77  ? 5424 ILE A CG1   1 
ATOM   374  C  CG2   . ILE A 1 46  ? -4.478  0.100   5.299   1.00 18.73  ? 5424 ILE A CG2   1 
ATOM   375  C  CD1   . ILE A 1 46  ? -3.604  1.891   7.701   1.00 18.50  ? 5424 ILE A CD1   1 
ATOM   376  N  N     . GLU A 1 47  ? -6.660  3.167   4.458   1.00 19.04  ? 5425 GLU A N     1 
ATOM   377  C  CA    . GLU A 1 47  ? -6.484  4.032   3.292   1.00 18.62  ? 5425 GLU A CA    1 
ATOM   378  C  C     . GLU A 1 47  ? -5.006  4.360   3.066   1.00 22.26  ? 5425 GLU A C     1 
ATOM   379  O  O     . GLU A 1 47  ? -4.303  4.691   4.019   1.00 20.32  ? 5425 GLU A O     1 
ATOM   380  C  CB    . GLU A 1 47  ? -7.271  5.331   3.467   1.00 20.45  ? 5425 GLU A CB    1 
ATOM   381  C  CG    . GLU A 1 47  ? -7.094  6.302   2.302   1.00 22.46  ? 5425 GLU A CG    1 
ATOM   382  C  CD    . GLU A 1 47  ? -7.935  7.565   2.439   1.00 27.31  ? 5425 GLU A CD    1 
ATOM   383  O  OE1   . GLU A 1 47  ? -7.792  8.456   1.573   1.00 28.65  ? 5425 GLU A OE1   1 
ATOM   384  O  OE2   . GLU A 1 47  ? -8.747  7.662   3.390   1.00 28.93  ? 5425 GLU A OE2   1 
ATOM   385  N  N     . TYR A 1 48  ? -4.531  4.274   1.824   1.00 18.87  ? 5426 TYR A N     1 
ATOM   386  C  CA    . TYR A 1 48  ? -3.179  4.762   1.504   1.00 19.72  ? 5426 TYR A CA    1 
ATOM   387  C  C     . TYR A 1 48  ? -3.224  6.279   1.318   1.00 20.96  ? 5426 TYR A C     1 
ATOM   388  O  O     . TYR A 1 48  ? -3.507  6.769   0.225   1.00 21.87  ? 5426 TYR A O     1 
ATOM   389  C  CB    . TYR A 1 48  ? -2.610  4.102   0.241   1.00 18.36  ? 5426 TYR A CB    1 
ATOM   390  C  CG    . TYR A 1 48  ? -1.103  4.291   0.065   1.00 16.14  ? 5426 TYR A CG    1 
ATOM   391  C  CD1   . TYR A 1 48  ? -0.568  5.484   -0.423  1.00 17.31  ? 5426 TYR A CD1   1 
ATOM   392  C  CD2   . TYR A 1 48  ? -0.215  3.267   0.392   1.00 16.52  ? 5426 TYR A CD2   1 
ATOM   393  C  CE1   . TYR A 1 48  ? 0.832   5.647   -0.578  1.00 13.12  ? 5426 TYR A CE1   1 
ATOM   394  C  CE2   . TYR A 1 48  ? 1.168   3.421   0.244   1.00 16.55  ? 5426 TYR A CE2   1 
ATOM   395  C  CZ    . TYR A 1 48  ? 1.687   4.601   -0.227  1.00 20.17  ? 5426 TYR A CZ    1 
ATOM   396  O  OH    . TYR A 1 48  ? 3.062   4.717   -0.361  1.00 18.26  ? 5426 TYR A OH    1 
ATOM   397  N  N     . ILE A 1 49  ? -2.940  7.024   2.379   1.00 19.67  ? 5427 ILE A N     1 
ATOM   398  C  CA    . ILE A 1 49  ? -3.023  8.470   2.307   1.00 21.38  ? 5427 ILE A CA    1 
ATOM   399  C  C     . ILE A 1 49  ? -1.681  9.074   1.908   1.00 24.54  ? 5427 ILE A C     1 
ATOM   400  O  O     . ILE A 1 49  ? -0.638  8.473   2.087   1.00 21.37  ? 5427 ILE A O     1 
ATOM   401  C  CB    . ILE A 1 49  ? -3.470  9.080   3.637   1.00 22.47  ? 5427 ILE A CB    1 
ATOM   402  C  CG1   . ILE A 1 49  ? -2.454  8.784   4.727   1.00 22.93  ? 5427 ILE A CG1   1 
ATOM   403  C  CG2   . ILE A 1 49  ? -4.879  8.593   4.014   1.00 24.72  ? 5427 ILE A CG2   1 
ATOM   404  C  CD1   . ILE A 1 49  ? -2.656  9.605   5.981   1.00 29.88  ? 5427 ILE A CD1   1 
ATOM   405  N  N     . GLY A 1 50  ? -1.718  10.282  1.379   1.00 21.31  ? 5428 GLY A N     1 
ATOM   406  C  CA    . GLY A 1 50  ? -0.507  10.947  0.954   1.00 20.70  ? 5428 GLY A CA    1 
ATOM   407  C  C     . GLY A 1 50  ? -0.937  12.042  0.014   1.00 27.21  ? 5428 GLY A C     1 
ATOM   408  O  O     . GLY A 1 50  ? -2.117  12.398  -0.037  1.00 25.25  ? 5428 GLY A O     1 
ATOM   409  N  N     . THR A 1 51  ? 0.013   12.554  -0.757  1.00 25.22  ? 5429 THR A N     1 
ATOM   410  C  CA    . THR A 1 51  ? -0.233  13.674  -1.639  1.00 26.10  ? 5429 THR A CA    1 
ATOM   411  C  C     . THR A 1 51  ? -0.224  13.225  -3.090  1.00 23.69  ? 5429 THR A C     1 
ATOM   412  O  O     . THR A 1 51  ? 0.758   12.658  -3.541  1.00 21.78  ? 5429 THR A O     1 
ATOM   413  C  CB    . THR A 1 51  ? 0.833   14.743  -1.446  1.00 25.58  ? 5429 THR A CB    1 
ATOM   414  O  OG1   . THR A 1 51  ? 0.912   15.077  -0.055  1.00 26.23  ? 5429 THR A OG1   1 
ATOM   415  C  CG2   . THR A 1 51  ? 0.496   15.976  -2.255  1.00 28.43  ? 5429 THR A CG2   1 
ATOM   416  N  N     . ILE A 1 52  ? -1.314  13.478  -3.810  1.00 21.01  ? 5430 ILE A N     1 
ATOM   417  C  CA    . ILE A 1 52  ? -1.399  13.092  -5.205  1.00 29.18  ? 5430 ILE A CA    1 
ATOM   418  C  C     . ILE A 1 52  ? -0.578  14.041  -6.059  1.00 29.39  ? 5430 ILE A C     1 
ATOM   419  O  O     . ILE A 1 52  ? -0.823  15.248  -6.047  1.00 25.81  ? 5430 ILE A O     1 
ATOM   420  C  CB    . ILE A 1 52  ? -2.840  13.087  -5.702  1.00 33.71  ? 5430 ILE A CB    1 
ATOM   421  C  CG1   . ILE A 1 52  ? -3.676  12.117  -4.874  1.00 30.47  ? 5430 ILE A CG1   1 
ATOM   422  C  CG2   . ILE A 1 52  ? -2.879  12.720  -7.183  1.00 34.95  ? 5430 ILE A CG2   1 
ATOM   423  C  CD1   . ILE A 1 52  ? -5.071  11.904  -5.412  1.00 37.67  ? 5430 ILE A CD1   1 
ATOM   424  N  N     . ILE A 1 53  ? 0.390   13.488  -6.789  1.00 27.27  ? 5431 ILE A N     1 
ATOM   425  C  CA    . ILE A 1 53  ? 1.277   14.269  -7.649  1.00 28.73  ? 5431 ILE A CA    1 
ATOM   426  C  C     . ILE A 1 53  ? 1.443   13.643  -9.040  1.00 31.61  ? 5431 ILE A C     1 
ATOM   427  O  O     . ILE A 1 53  ? 1.133   12.470  -9.240  1.00 28.41  ? 5431 ILE A O     1 
ATOM   428  C  CB    . ILE A 1 53  ? 2.674   14.432  -7.018  1.00 28.97  ? 5431 ILE A CB    1 
ATOM   429  C  CG1   . ILE A 1 53  ? 3.321   13.068  -6.809  1.00 28.69  ? 5431 ILE A CG1   1 
ATOM   430  C  CG2   . ILE A 1 53  ? 2.603   15.207  -5.704  1.00 30.78  ? 5431 ILE A CG2   1 
ATOM   431  C  CD1   . ILE A 1 53  ? 4.600   13.119  -5.998  1.00 32.43  ? 5431 ILE A CD1   1 
ATOM   432  N  N     . ARG A 1 54  ? 1.950   14.419  -9.997  1.00 30.92  ? 5432 ARG A N     1 
ATOM   433  C  CA    . ARG A 1 54  ? 2.221   13.884  -11.336 1.00 33.03  ? 5432 ARG A CA    1 
ATOM   434  C  C     . ARG A 1 54  ? 3.586   13.193  -11.398 1.00 36.82  ? 5432 ARG A C     1 
ATOM   435  O  O     . ARG A 1 54  ? 4.445   13.415  -10.545 1.00 34.72  ? 5432 ARG A O     1 
ATOM   436  C  CB    . ARG A 1 54  ? 2.144   14.994  -12.383 1.00 39.56  ? 5432 ARG A CB    1 
ATOM   437  C  CG    . ARG A 1 54  ? 0.784   15.669  -12.461 1.00 41.30  ? 5432 ARG A CG    1 
ATOM   438  C  CD    . ARG A 1 54  ? 0.721   16.700  -13.583 1.00 49.87  ? 5432 ARG A CD    1 
ATOM   439  N  NE    . ARG A 1 54  ? -0.657  17.025  -13.943 1.00 52.44  ? 5432 ARG A NE    1 
ATOM   440  C  CZ    . ARG A 1 54  ? -1.411  16.292  -14.763 1.00 51.55  ? 5432 ARG A CZ    1 
ATOM   441  N  NH1   . ARG A 1 54  ? -0.923  15.185  -15.316 1.00 40.35  ? 5432 ARG A NH1   1 
ATOM   442  N  NH2   . ARG A 1 54  ? -2.654  16.667  -15.033 1.00 51.84  ? 5432 ARG A NH2   1 
ATOM   443  N  N     . ASN A 1 55  ? 3.774   12.353  -12.410 1.00 39.89  ? 5433 ASN A N     1 
ATOM   444  C  CA    . ASN A 1 55  ? 5.021   11.612  -12.601 1.00 39.45  ? 5433 ASN A CA    1 
ATOM   445  C  C     . ASN A 1 55  ? 6.263   12.480  -12.591 1.00 42.73  ? 5433 ASN A C     1 
ATOM   446  O  O     . ASN A 1 55  ? 7.308   12.089  -12.068 1.00 42.81  ? 5433 ASN A O     1 
ATOM   447  C  CB    . ASN A 1 55  ? 4.982   10.858  -13.925 1.00 43.37  ? 5433 ASN A CB    1 
ATOM   448  C  CG    . ASN A 1 55  ? 4.185   9.599   -13.841 1.00 39.22  ? 5433 ASN A CG    1 
ATOM   449  O  OD1   . ASN A 1 55  ? 4.740   8.505   -13.762 1.00 50.45  ? 5433 ASN A OD1   1 
ATOM   450  N  ND2   . ASN A 1 55  ? 2.867   9.736   -13.837 1.00 42.72  ? 5433 ASN A ND2   1 
ATOM   451  N  N     . GLU A 1 56  ? 6.132   13.645  -13.168 1.00 44.32  ? 5434 GLU A N     1 
ATOM   452  C  CA    . GLU A 1 56  ? 7.216   14.581  -13.278 1.00 49.86  ? 5434 GLU A CA    1 
ATOM   453  C  C     . GLU A 1 56  ? 7.633   14.959  -11.866 1.00 45.78  ? 5434 GLU A C     1 
ATOM   454  O  O     . GLU A 1 56  ? 8.786   14.893  -11.511 1.00 42.49  ? 5434 GLU A O     1 
ATOM   455  C  CB    . GLU A 1 56  ? 6.766   15.791  -14.113 1.00 51.06  ? 5434 GLU A CB    1 
ATOM   456  C  CG    . GLU A 1 56  ? 5.771   15.407  -15.213 1.00 54.99  ? 5434 GLU A CG    1 
ATOM   457  C  CD    . GLU A 1 56  ? 4.840   16.517  -15.665 1.00 62.52  ? 5434 GLU A CD    1 
ATOM   458  O  OE1   . GLU A 1 56  ? 4.224   17.218  -14.827 1.00 69.27  ? 5434 GLU A OE1   1 
ATOM   459  O  OE2   . GLU A 1 56  ? 4.717   16.669  -16.903 1.00 58.76  ? 5434 GLU A OE2   1 
ATOM   460  N  N     . VAL A 1 57  ? 6.647   15.356  -11.094 1.00 37.41  ? 5435 VAL A N     1 
ATOM   461  C  CA    . VAL A 1 57  ? 6.828   15.715  -9.699  1.00 38.31  ? 5435 VAL A CA    1 
ATOM   462  C  C     . VAL A 1 57  ? 7.359   14.549  -8.853  1.00 39.97  ? 5435 VAL A C     1 
ATOM   463  O  O     . VAL A 1 57  ? 8.293   14.727  -8.078  1.00 37.72  ? 5435 VAL A O     1 
ATOM   464  C  CB    . VAL A 1 57  ? 5.505   16.221  -9.130  1.00 34.20  ? 5435 VAL A CB    1 
ATOM   465  C  CG1   . VAL A 1 57  ? 5.649   16.597  -7.680  1.00 36.07  ? 5435 VAL A CG1   1 
ATOM   466  C  CG2   . VAL A 1 57  ? 5.029   17.415  -9.955  1.00 42.96  ? 5435 VAL A CG2   1 
ATOM   467  N  N     . ALA A 1 58  ? 6.772   13.364  -9.013  1.00 33.03  ? 5436 ALA A N     1 
ATOM   468  C  CA    . ALA A 1 58  ? 7.219   12.188  -8.271  1.00 34.65  ? 5436 ALA A CA    1 
ATOM   469  C  C     . ALA A 1 58  ? 8.683   11.824  -8.540  1.00 35.90  ? 5436 ALA A C     1 
ATOM   470  O  O     . ALA A 1 58  ? 9.413   11.440  -7.629  1.00 36.88  ? 5436 ALA A O     1 
ATOM   471  C  CB    . ALA A 1 58  ? 6.325   11.005  -8.587  1.00 31.94  ? 5436 ALA A CB    1 
ATOM   472  N  N     . ASN A 1 59  ? 9.117   11.923  -9.789  1.00 39.12  ? 5437 ASN A N     1 
ATOM   473  C  CA    . ASN A 1 59  ? 10.494  11.567  -10.104 1.00 39.59  ? 5437 ASN A CA    1 
ATOM   474  C  C     . ASN A 1 59  ? 11.464  12.572  -9.498  1.00 39.07  ? 5437 ASN A C     1 
ATOM   475  O  O     . ASN A 1 59  ? 12.548  12.208  -9.058  1.00 43.08  ? 5437 ASN A O     1 
ATOM   476  C  CB    . ASN A 1 59  ? 10.699  11.461  -11.621 1.00 43.77  ? 5437 ASN A CB    1 
ATOM   477  C  CG    . ASN A 1 59  ? 10.140  10.172  -12.192 1.00 42.38  ? 5437 ASN A CG    1 
ATOM   478  O  OD1   . ASN A 1 59  ? 9.422   10.181  -13.188 1.00 51.41  ? 5437 ASN A OD1   1 
ATOM   479  N  ND2   . ASN A 1 59  ? 10.457  9.055   -11.548 1.00 53.42  ? 5437 ASN A ND2   1 
ATOM   480  N  N     . ARG A 1 60  ? 11.064  13.838  -9.460  1.00 38.75  ? 5438 ARG A N     1 
ATOM   481  C  CA    . ARG A 1 60  ? 11.906  14.867  -8.865  1.00 42.94  ? 5438 ARG A CA    1 
ATOM   482  C  C     . ARG A 1 60  ? 11.968  14.697  -7.348  1.00 40.58  ? 5438 ARG A C     1 
ATOM   483  O  O     . ARG A 1 60  ? 13.002  14.933  -6.733  1.00 39.74  ? 5438 ARG A O     1 
ATOM   484  C  CB    . ARG A 1 60  ? 11.402  16.269  -9.234  1.00 48.01  ? 5438 ARG A CB    1 
ATOM   485  C  CG    . ARG A 1 60  ? 11.591  16.615  -10.713 1.00 56.48  ? 5438 ARG A CG    1 
ATOM   486  C  CD    . ARG A 1 60  ? 11.820  18.106  -10.934 1.00 65.75  ? 5438 ARG A CD    1 
ATOM   487  N  NE    . ARG A 1 60  ? 10.772  18.918  -10.323 1.00 71.63  ? 5438 ARG A NE    1 
ATOM   488  C  CZ    . ARG A 1 60  ? 9.561   19.092  -10.843 1.00 65.88  ? 5438 ARG A CZ    1 
ATOM   489  N  NH1   . ARG A 1 60  ? 9.239   18.506  -11.989 1.00 66.53  ? 5438 ARG A NH1   1 
ATOM   490  N  NH2   . ARG A 1 60  ? 8.669   19.848  -10.217 1.00 65.88  ? 5438 ARG A NH2   1 
ATOM   491  N  N     . ARG A 1 61  ? 10.859  14.282  -6.747  1.00 40.72  ? 5439 ARG A N     1 
ATOM   492  C  CA    . ARG A 1 61  ? 10.833  14.034  -5.312  1.00 35.71  ? 5439 ARG A CA    1 
ATOM   493  C  C     . ARG A 1 61  ? 11.706  12.857  -4.939  1.00 33.97  ? 5439 ARG A C     1 
ATOM   494  O  O     . ARG A 1 61  ? 12.427  12.891  -3.954  1.00 32.22  ? 5439 ARG A O     1 
ATOM   495  C  CB    . ARG A 1 61  ? 9.415   13.769  -4.837  1.00 33.79  ? 5439 ARG A CB    1 
ATOM   496  C  CG    . ARG A 1 61  ? 8.570   14.999  -4.778  1.00 38.60  ? 5439 ARG A CG    1 
ATOM   497  C  CD    . ARG A 1 61  ? 7.337   14.745  -3.971  1.00 38.10  ? 5439 ARG A CD    1 
ATOM   498  N  NE    . ARG A 1 61  ? 6.495   15.928  -3.914  1.00 35.27  ? 5439 ARG A NE    1 
ATOM   499  C  CZ    . ARG A 1 61  ? 5.475   16.077  -3.080  1.00 38.96  ? 5439 ARG A CZ    1 
ATOM   500  N  NH1   . ARG A 1 61  ? 5.170   15.114  -2.210  1.00 28.47  ? 5439 ARG A NH1   1 
ATOM   501  N  NH2   . ARG A 1 61  ? 4.768   17.198  -3.110  1.00 34.61  ? 5439 ARG A NH2   1 
ATOM   502  N  N     . GLU A 1 62  ? 11.632  11.804  -5.733  1.00 34.51  ? 5440 GLU A N     1 
ATOM   503  C  CA    . GLU A 1 62  ? 12.363  10.595  -5.426  1.00 33.55  ? 5440 GLU A CA    1 
ATOM   504  C  C     . GLU A 1 62  ? 13.872  10.848  -5.477  1.00 33.18  ? 5440 GLU A C     1 
ATOM   505  O  O     . GLU A 1 62  ? 14.623  10.267  -4.709  1.00 39.64  ? 5440 GLU A O     1 
ATOM   506  C  CB    . GLU A 1 62  ? 11.923  9.499   -6.388  1.00 43.41  ? 5440 GLU A CB    1 
ATOM   507  C  CG    . GLU A 1 62  ? 12.878  8.356   -6.565  1.00 53.32  ? 5440 GLU A CG    1 
ATOM   508  C  CD    . GLU A 1 62  ? 12.273  7.255   -7.418  1.00 65.46  ? 5440 GLU A CD    1 
ATOM   509  O  OE1   . GLU A 1 62  ? 12.517  7.255   -8.650  1.00 65.96  ? 5440 GLU A OE1   1 
ATOM   510  O  OE2   . GLU A 1 62  ? 11.553  6.396   -6.856  1.00 69.04  ? 5440 GLU A OE2   1 
ATOM   511  N  N     . LYS A 1 63  ? 14.312  11.753  -6.344  1.00 39.44  ? 5441 LYS A N     1 
ATOM   512  C  CA    . LYS A 1 63  ? 15.727  12.127  -6.357  1.00 45.37  ? 5441 LYS A CA    1 
ATOM   513  C  C     . LYS A 1 63  ? 16.093  12.853  -5.066  1.00 38.76  ? 5441 LYS A C     1 
ATOM   514  O  O     . LYS A 1 63  ? 17.093  12.543  -4.433  1.00 45.44  ? 5441 LYS A O     1 
ATOM   515  C  CB    . LYS A 1 63  ? 16.064  13.003  -7.565  1.00 39.74  ? 5441 LYS A CB    1 
ATOM   516  C  CG    . LYS A 1 63  ? 15.809  12.340  -8.909  1.00 49.63  ? 5441 LYS A CG    1 
ATOM   517  C  CD    . LYS A 1 63  ? 16.691  11.121  -9.124  1.00 51.88  ? 5441 LYS A CD    1 
ATOM   518  C  CE    . LYS A 1 63  ? 16.475  10.544  -10.524 1.00 58.15  ? 5441 LYS A CE    1 
ATOM   519  N  NZ    . LYS A 1 63  ? 15.090  10.012  -10.731 1.00 59.92  ? 5441 LYS A NZ    1 
ATOM   520  N  N     . ILE A 1 64  ? 15.262  13.814  -4.681  1.00 40.22  ? 5442 ILE A N     1 
ATOM   521  C  CA    . ILE A 1 64  ? 15.433  14.541  -3.429  1.00 36.62  ? 5442 ILE A CA    1 
ATOM   522  C  C     . ILE A 1 64  ? 15.564  13.577  -2.261  1.00 40.89  ? 5442 ILE A C     1 
ATOM   523  O  O     . ILE A 1 64  ? 16.481  13.685  -1.456  1.00 41.93  ? 5442 ILE A O     1 
ATOM   524  C  CB    . ILE A 1 64  ? 14.247  15.491  -3.151  1.00 42.23  ? 5442 ILE A CB    1 
ATOM   525  C  CG1   . ILE A 1 64  ? 14.142  16.572  -4.218  1.00 46.04  ? 5442 ILE A CG1   1 
ATOM   526  C  CG2   . ILE A 1 64  ? 14.405  16.149  -1.786  1.00 41.15  ? 5442 ILE A CG2   1 
ATOM   527  C  CD1   . ILE A 1 64  ? 12.837  17.306  -4.158  1.00 60.76  ? 5442 ILE A CD1   1 
ATOM   528  N  N     . TYR A 1 65  ? 14.640  12.628  -2.172  1.00 36.85  ? 5443 TYR A N     1 
ATOM   529  C  CA    . TYR A 1 65  ? 14.649  11.687  -1.065  1.00 30.32  ? 5443 TYR A CA    1 
ATOM   530  C  C     . TYR A 1 65  ? 15.892  10.811  -1.094  1.00 36.47  ? 5443 TYR A C     1 
ATOM   531  O  O     . TYR A 1 65  ? 16.431  10.478  -0.040  1.00 36.05  ? 5443 TYR A O     1 
ATOM   532  C  CB    . TYR A 1 65  ? 13.399  10.798  -1.083  1.00 26.83  ? 5443 TYR A CB    1 
ATOM   533  C  CG    . TYR A 1 65  ? 12.100  11.545  -0.949  1.00 26.30  ? 5443 TYR A CG    1 
ATOM   534  C  CD1   . TYR A 1 65  ? 12.000  12.660  -0.124  1.00 30.61  ? 5443 TYR A CD1   1 
ATOM   535  C  CD2   . TYR A 1 65  ? 10.973  11.148  -1.654  1.00 26.68  ? 5443 TYR A CD2   1 
ATOM   536  C  CE1   . TYR A 1 65  ? 10.808  13.354  0.006   1.00 22.67  ? 5443 TYR A CE1   1 
ATOM   537  C  CE2   . TYR A 1 65  ? 9.769   11.839  -1.537  1.00 25.80  ? 5443 TYR A CE2   1 
ATOM   538  C  CZ    . TYR A 1 65  ? 9.697   12.941  -0.701  1.00 25.65  ? 5443 TYR A CZ    1 
ATOM   539  O  OH    . TYR A 1 65  ? 8.513   13.638  -0.578  1.00 22.06  ? 5443 TYR A OH    1 
ATOM   540  N  N     . GLU A 1 66  ? 16.345  10.429  -2.287  1.00 40.54  ? 5444 GLU A N     1 
ATOM   541  C  CA    . GLU A 1 66  ? 17.439  9.459   -2.400  1.00 42.25  ? 5444 GLU A CA    1 
ATOM   542  C  C     . GLU A 1 66  ? 18.741  10.041  -1.884  1.00 45.47  ? 5444 GLU A C     1 
ATOM   543  O  O     . GLU A 1 66  ? 19.656  9.312   -1.497  1.00 48.38  ? 5444 GLU A O     1 
ATOM   544  C  CB    . GLU A 1 66  ? 17.616  8.977   -3.847  1.00 49.51  ? 5444 GLU A CB    1 
ATOM   545  C  CG    . GLU A 1 66  ? 17.397  7.467   -3.997  1.00 52.42  ? 5444 GLU A CG    1 
ATOM   546  C  CD    . GLU A 1 66  ? 17.374  6.990   -5.441  1.00 68.41  ? 5444 GLU A CD    1 
ATOM   547  O  OE1   . GLU A 1 66  ? 18.401  7.145   -6.136  1.00 77.91  ? 5444 GLU A OE1   1 
ATOM   548  O  OE2   . GLU A 1 66  ? 16.329  6.454   -5.884  1.00 68.84  ? 5444 GLU A OE2   1 
ATOM   549  N  N     . GLU A 1 67  ? 18.812  11.364  -1.864  1.00 44.64  ? 5445 GLU A N     1 
ATOM   550  C  CA    . GLU A 1 67  ? 19.984  12.041  -1.346  1.00 47.66  ? 5445 GLU A CA    1 
ATOM   551  C  C     . GLU A 1 67  ? 19.950  12.139  0.188   1.00 48.03  ? 5445 GLU A C     1 
ATOM   552  O  O     . GLU A 1 67  ? 20.922  12.587  0.800   1.00 48.95  ? 5445 GLU A O     1 
ATOM   553  C  CB    . GLU A 1 67  ? 20.114  13.434  -1.969  1.00 51.69  ? 5445 GLU A CB    1 
ATOM   554  C  CG    . GLU A 1 67  ? 19.884  13.545  -3.502  1.00 57.35  ? 5445 GLU A CG    1 
ATOM   555  C  CD    . GLU A 1 67  ? 20.217  12.286  -4.331  1.00 71.22  ? 5445 GLU A CD    1 
ATOM   556  O  OE1   . GLU A 1 67  ? 21.205  11.573  -4.033  1.00 79.60  ? 5445 GLU A OE1   1 
ATOM   557  O  OE2   . GLU A 1 67  ? 19.496  12.031  -5.323  1.00 74.26  ? 5445 GLU A OE2   1 
ATOM   558  N  N     . GLN A 1 68  ? 18.840  11.715  0.798   1.00 43.56  ? 5446 GLN A N     1 
ATOM   559  C  CA    . GLN A 1 68  ? 18.703  11.676  2.259   1.00 39.59  ? 5446 GLN A CA    1 
ATOM   560  C  C     . GLN A 1 68  ? 18.740  10.230  2.765   1.00 36.26  ? 5446 GLN A C     1 
ATOM   561  O  O     . GLN A 1 68  ? 18.524  9.300   2.006   1.00 39.95  ? 5446 GLN A O     1 
ATOM   562  C  CB    . GLN A 1 68  ? 17.402  12.373  2.692   1.00 38.61  ? 5446 GLN A CB    1 
ATOM   563  C  CG    . GLN A 1 68  ? 17.268  13.807  2.174   1.00 39.41  ? 5446 GLN A CG    1 
ATOM   564  C  CD    . GLN A 1 68  ? 15.950  14.476  2.564   1.00 42.30  ? 5446 GLN A CD    1 
ATOM   565  O  OE1   . GLN A 1 68  ? 15.270  15.061  1.724   1.00 43.15  ? 5446 GLN A OE1   1 
ATOM   566  N  NE2   . GLN A 1 68  ? 15.596  14.400  3.838   1.00 40.37  ? 5446 GLN A NE2   1 
ATOM   567  N  N     . ASN A 1 69  ? 19.020  10.030  4.046   1.00 39.55  ? 5447 ASN A N     1 
ATOM   568  C  CA    . ASN A 1 69  ? 19.038  8.679   4.606   1.00 37.01  ? 5447 ASN A CA    1 
ATOM   569  C  C     . ASN A 1 69  ? 17.614  8.262   4.978   1.00 40.26  ? 5447 ASN A C     1 
ATOM   570  O  O     . ASN A 1 69  ? 17.319  8.025   6.151   1.00 44.03  ? 5447 ASN A O     1 
ATOM   571  C  CB    . ASN A 1 69  ? 19.990  8.630   5.819   1.00 43.25  ? 5447 ASN A CB    1 
ATOM   572  C  CG    . ASN A 1 69  ? 19.991  7.278   6.557   1.00 43.76  ? 5447 ASN A CG    1 
ATOM   573  O  OD1   . ASN A 1 69  ? 19.599  6.240   6.019   1.00 44.55  ? 5447 ASN A OD1   1 
ATOM   574  N  ND2   . ASN A 1 69  ? 20.444  7.302   7.812   1.00 44.02  ? 5447 ASN A ND2   1 
ATOM   575  N  N     . ARG A 1 70  ? 16.720  8.182   3.989   1.00 40.61  ? 5448 ARG A N     1 
ATOM   576  C  CA    . ARG A 1 70  ? 15.307  7.932   4.294   1.00 33.73  ? 5448 ARG A CA    1 
ATOM   577  C  C     . ARG A 1 70  ? 14.572  7.078   3.261   1.00 32.86  ? 5448 ARG A C     1 
ATOM   578  O  O     . ARG A 1 70  ? 14.920  7.059   2.086   1.00 34.62  ? 5448 ARG A O     1 
ATOM   579  C  CB    . ARG A 1 70  ? 14.558  9.267   4.457   1.00 30.35  ? 5448 ARG A CB    1 
ATOM   580  C  CG    . ARG A 1 70  ? 14.436  10.068  3.186   1.00 30.18  ? 5448 ARG A CG    1 
ATOM   581  C  CD    . ARG A 1 70  ? 13.834  11.444  3.456   1.00 28.15  ? 5448 ARG A CD    1 
ATOM   582  N  NE    . ARG A 1 70  ? 12.487  11.347  4.022   1.00 23.15  ? 5448 ARG A NE    1 
ATOM   583  C  CZ    . ARG A 1 70  ? 11.784  12.392  4.441   1.00 27.92  ? 5448 ARG A CZ    1 
ATOM   584  N  NH1   . ARG A 1 70  ? 12.307  13.608  4.362   1.00 20.70  ? 5448 ARG A NH1   1 
ATOM   585  N  NH2   . ARG A 1 70  ? 10.560  12.226  4.940   1.00 22.26  ? 5448 ARG A NH2   1 
ATOM   586  N  N     . GLY A 1 71  ? 13.527  6.393   3.717   1.00 30.48  ? 5449 GLY A N     1 
ATOM   587  C  CA    . GLY A 1 71  ? 12.698  5.592   2.836   1.00 27.49  ? 5449 GLY A CA    1 
ATOM   588  C  C     . GLY A 1 71  ? 11.853  6.436   1.901   1.00 27.99  ? 5449 GLY A C     1 
ATOM   589  O  O     . GLY A 1 71  ? 11.535  7.591   2.184   1.00 24.70  ? 5449 GLY A O     1 
ATOM   590  N  N     . ILE A 1 72  ? 11.495  5.849   0.766   1.00 25.10  ? 5450 ILE A N     1 
ATOM   591  C  CA    . ILE A 1 72  ? 10.611  6.484   -0.183  1.00 25.46  ? 5450 ILE A CA    1 
ATOM   592  C  C     . ILE A 1 72  ? 9.297   5.730   -0.209  1.00 27.96  ? 5450 ILE A C     1 
ATOM   593  O  O     . ILE A 1 72  ? 9.286   4.513   -0.388  1.00 24.00  ? 5450 ILE A O     1 
ATOM   594  C  CB    . ILE A 1 72  ? 11.260  6.524   -1.575  1.00 28.20  ? 5450 ILE A CB    1 
ATOM   595  C  CG1   . ILE A 1 72  ? 12.552  7.353   -1.488  1.00 26.54  ? 5450 ILE A CG1   1 
ATOM   596  C  CG2   . ILE A 1 72  ? 10.290  7.097   -2.591  1.00 31.51  ? 5450 ILE A CG2   1 
ATOM   597  C  CD1   . ILE A 1 72  ? 13.521  7.148   -2.606  1.00 37.49  ? 5450 ILE A CD1   1 
ATOM   598  N  N     . TYR A 1 73  ? 8.192   6.440   0.001   1.00 20.67  ? 5451 TYR A N     1 
ATOM   599  C  CA    . TYR A 1 73  ? 6.889   5.784   0.117   1.00 20.33  ? 5451 TYR A CA    1 
ATOM   600  C  C     . TYR A 1 73  ? 5.886   6.343   -0.875  1.00 20.86  ? 5451 TYR A C     1 
ATOM   601  O  O     . TYR A 1 73  ? 5.366   7.446   -0.715  1.00 20.90  ? 5451 TYR A O     1 
ATOM   602  C  CB    . TYR A 1 73  ? 6.346   5.919   1.538   1.00 21.30  ? 5451 TYR A CB    1 
ATOM   603  C  CG    . TYR A 1 73  ? 7.283   5.330   2.558   1.00 21.48  ? 5451 TYR A CG    1 
ATOM   604  C  CD1   . TYR A 1 73  ? 7.309   3.954   2.796   1.00 21.50  ? 5451 TYR A CD1   1 
ATOM   605  C  CD2   . TYR A 1 73  ? 8.160   6.137   3.259   1.00 23.23  ? 5451 TYR A CD2   1 
ATOM   606  C  CE1   . TYR A 1 73  ? 8.185   3.408   3.718   1.00 22.09  ? 5451 TYR A CE1   1 
ATOM   607  C  CE2   . TYR A 1 73  ? 9.037   5.605   4.177   1.00 25.57  ? 5451 TYR A CE2   1 
ATOM   608  C  CZ    . TYR A 1 73  ? 9.042   4.244   4.404   1.00 23.10  ? 5451 TYR A CZ    1 
ATOM   609  O  OH    . TYR A 1 73  ? 9.930   3.728   5.312   1.00 23.54  ? 5451 TYR A OH    1 
ATOM   610  N  N     . MET A 1 74  ? 5.637   5.576   -1.921  1.00 21.59  ? 5452 MET A N     1 
ATOM   611  C  CA    . MET A 1 74  ? 4.764   6.022   -2.987  1.00 22.73  ? 5452 MET A CA    1 
ATOM   612  C  C     . MET A 1 74  ? 3.891   4.881   -3.461  1.00 23.71  ? 5452 MET A C     1 
ATOM   613  O  O     . MET A 1 74  ? 4.276   3.712   -3.370  1.00 25.32  ? 5452 MET A O     1 
ATOM   614  C  CB    . MET A 1 74  ? 5.583   6.587   -4.141  1.00 22.30  ? 5452 MET A CB    1 
ATOM   615  C  CG    . MET A 1 74  ? 6.416   7.799   -3.737  1.00 27.35  ? 5452 MET A CG    1 
ATOM   616  S  SD    . MET A 1 74  ? 7.073   8.639   -5.175  1.00 36.03  ? 5452 MET A SD    1 
ATOM   617  C  CE    . MET A 1 74  ? 7.745   10.119  -4.427  1.00 30.62  ? 5452 MET A CE    1 
ATOM   618  N  N     . PHE A 1 75  ? 2.707   5.229   -3.947  1.00 20.53  ? 5453 PHE A N     1 
ATOM   619  C  CA    . PHE A 1 75  ? 1.790   4.278   -4.579  1.00 20.32  ? 5453 PHE A CA    1 
ATOM   620  C  C     . PHE A 1 75  ? 1.425   4.824   -5.958  1.00 21.81  ? 5453 PHE A C     1 
ATOM   621  O  O     . PHE A 1 75  ? 0.893   5.929   -6.060  1.00 20.12  ? 5453 PHE A O     1 
ATOM   622  C  CB    . PHE A 1 75  ? 0.548   4.093   -3.708  1.00 23.29  ? 5453 PHE A CB    1 
ATOM   623  C  CG    . PHE A 1 75  ? -0.464  3.134   -4.265  1.00 22.74  ? 5453 PHE A CG    1 
ATOM   624  C  CD1   . PHE A 1 75  ? -1.372  3.541   -5.220  1.00 22.48  ? 5453 PHE A CD1   1 
ATOM   625  C  CD2   . PHE A 1 75  ? -0.542  1.842   -3.788  1.00 23.47  ? 5453 PHE A CD2   1 
ATOM   626  C  CE1   . PHE A 1 75  ? -2.309  2.669   -5.720  1.00 28.22  ? 5453 PHE A CE1   1 
ATOM   627  C  CE2   . PHE A 1 75  ? -1.479  0.968   -4.291  1.00 27.83  ? 5453 PHE A CE2   1 
ATOM   628  C  CZ    . PHE A 1 75  ? -2.364  1.389   -5.255  1.00 25.86  ? 5453 PHE A CZ    1 
ATOM   629  N  N     . ARG A 1 76  ? 1.694   4.068   -7.015  1.00 22.87  ? 5454 ARG A N     1 
ATOM   630  C  CA    . ARG A 1 76  ? 1.327   4.542   -8.348  1.00 22.94  ? 5454 ARG A CA    1 
ATOM   631  C  C     . ARG A 1 76  ? -0.135  4.234   -8.637  1.00 24.05  ? 5454 ARG A C     1 
ATOM   632  O  O     . ARG A 1 76  ? -0.572  3.081   -8.553  1.00 25.57  ? 5454 ARG A O     1 
ATOM   633  C  CB    . ARG A 1 76  ? 2.218   3.933   -9.428  1.00 28.23  ? 5454 ARG A CB    1 
ATOM   634  C  CG    . ARG A 1 76  ? 1.810   4.397   -10.826 1.00 27.88  ? 5454 ARG A CG    1 
ATOM   635  C  CD    . ARG A 1 76  ? 2.874   4.089   -11.868 1.00 39.40  ? 5454 ARG A CD    1 
ATOM   636  N  NE    . ARG A 1 76  ? 4.078   4.880   -11.646 1.00 43.02  ? 5454 ARG A NE    1 
ATOM   637  C  CZ    . ARG A 1 76  ? 4.208   6.152   -11.995 1.00 45.11  ? 5454 ARG A CZ    1 
ATOM   638  N  NH1   . ARG A 1 76  ? 3.201   6.790   -12.593 1.00 37.87  ? 5454 ARG A NH1   1 
ATOM   639  N  NH2   . ARG A 1 76  ? 5.347   6.790   -11.746 1.00 50.10  ? 5454 ARG A NH2   1 
ATOM   640  N  N     . ILE A 1 77  ? -0.902  5.268   -8.957  1.00 22.79  ? 5455 ILE A N     1 
ATOM   641  C  CA    . ILE A 1 77  ? -2.316  5.087   -9.220  1.00 23.97  ? 5455 ILE A CA    1 
ATOM   642  C  C     . ILE A 1 77  ? -2.490  4.626   -10.653 1.00 31.78  ? 5455 ILE A C     1 
ATOM   643  O  O     . ILE A 1 77  ? -3.202  3.661   -10.921 1.00 27.42  ? 5455 ILE A O     1 
ATOM   644  C  CB    . ILE A 1 77  ? -3.101  6.370   -8.993  1.00 26.91  ? 5455 ILE A CB    1 
ATOM   645  C  CG1   . ILE A 1 77  ? -2.923  6.861   -7.556  1.00 28.86  ? 5455 ILE A CG1   1 
ATOM   646  C  CG2   . ILE A 1 77  ? -4.576  6.153   -9.335  1.00 30.50  ? 5455 ILE A CG2   1 
ATOM   647  C  CD1   . ILE A 1 77  ? -3.445  8.268   -7.350  1.00 29.33  ? 5455 ILE A CD1   1 
ATOM   648  N  N     . ASN A 1 78  ? -1.822  5.329   -11.563 1.00 29.83  ? 5456 ASN A N     1 
ATOM   649  C  CA    . ASN A 1 78  ? -1.848  5.009   -12.989 1.00 25.81  ? 5456 ASN A CA    1 
ATOM   650  C  C     . ASN A 1 78  ? -0.672  5.682   -13.672 1.00 29.70  ? 5456 ASN A C     1 
ATOM   651  O  O     . ASN A 1 78  ? 0.247   6.159   -13.004 1.00 29.42  ? 5456 ASN A O     1 
ATOM   652  C  CB    . ASN A 1 78  ? -3.168  5.445   -13.624 1.00 30.55  ? 5456 ASN A CB    1 
ATOM   653  C  CG    . ASN A 1 78  ? -3.539  6.875   -13.286 1.00 32.73  ? 5456 ASN A CG    1 
ATOM   654  O  OD1   . ASN A 1 78  ? -2.690  7.780   -13.278 1.00 30.51  ? 5456 ASN A OD1   1 
ATOM   655  N  ND2   . ASN A 1 78  ? -4.817  7.090   -12.998 1.00 29.03  ? 5456 ASN A ND2   1 
ATOM   656  N  N     . ASN A 1 79  ? -0.696  5.751   -14.998 1.00 31.49  ? 5457 ASN A N     1 
ATOM   657  C  CA    . ASN A 1 79  ? 0.438   6.331   -15.711 1.00 32.29  ? 5457 ASN A CA    1 
ATOM   658  C  C     . ASN A 1 79  ? 0.583   7.835   -15.459 1.00 30.30  ? 5457 ASN A C     1 
ATOM   659  O  O     . ASN A 1 79  ? 1.655   8.394   -15.640 1.00 34.94  ? 5457 ASN A O     1 
ATOM   660  C  CB    . ASN A 1 79  ? 0.319   6.044   -17.212 1.00 32.30  ? 5457 ASN A CB    1 
ATOM   661  C  CG    . ASN A 1 79  ? 0.459   4.565   -17.531 1.00 35.58  ? 5457 ASN A CG    1 
ATOM   662  O  OD1   . ASN A 1 79  ? -0.507  3.910   -17.922 1.00 37.17  ? 5457 ASN A OD1   1 
ATOM   663  N  ND2   . ASN A 1 79  ? 1.664   4.032   -17.363 1.00 33.45  ? 5457 ASN A ND2   1 
ATOM   664  N  N     . GLU A 1 80  ? -0.483  8.487   -15.012 1.00 29.89  ? 5458 GLU A N     1 
ATOM   665  C  CA    . GLU A 1 80  ? -0.448  9.934   -14.823 1.00 26.97  ? 5458 GLU A CA    1 
ATOM   666  C  C     . GLU A 1 80  ? -0.091  10.356  -13.383 1.00 32.02  ? 5458 GLU A C     1 
ATOM   667  O  O     . GLU A 1 80  ? 0.665   11.312  -13.175 1.00 29.23  ? 5458 GLU A O     1 
ATOM   668  C  CB    . GLU A 1 80  ? -1.798  10.540  -15.223 1.00 30.28  ? 5458 GLU A CB    1 
ATOM   669  C  CG    . GLU A 1 80  ? -1.897  12.061  -15.070 1.00 32.37  ? 5458 GLU A CG    1 
ATOM   670  C  CD    . GLU A 1 80  ? -3.204  12.632  -15.620 1.00 40.60  ? 5458 GLU A CD    1 
ATOM   671  O  OE1   . GLU A 1 80  ? -4.174  11.861  -15.787 1.00 40.02  ? 5458 GLU A OE1   1 
ATOM   672  O  OE2   . GLU A 1 80  ? -3.270  13.858  -15.881 1.00 42.30  ? 5458 GLU A OE2   1 
ATOM   673  N  N     . HIS A 1 81  ? -0.624  9.651   -12.389 1.00 24.51  ? 5459 HIS A N     1 
ATOM   674  C  CA    . HIS A 1 81  ? -0.503  10.122  -11.007 1.00 28.22  ? 5459 HIS A CA    1 
ATOM   675  C  C     . HIS A 1 81  ? 0.033   9.099   -10.016 1.00 26.83  ? 5459 HIS A C     1 
ATOM   676  O  O     . HIS A 1 81  ? -0.165  7.894   -10.172 1.00 24.06  ? 5459 HIS A O     1 
ATOM   677  C  CB    . HIS A 1 81  ? -1.855  10.606  -10.501 1.00 27.04  ? 5459 HIS A CB    1 
ATOM   678  C  CG    . HIS A 1 81  ? -2.311  11.884  -11.128 1.00 31.38  ? 5459 HIS A CG    1 
ATOM   679  N  ND1   . HIS A 1 81  ? -3.523  12.000  -11.774 1.00 32.60  ? 5459 HIS A ND1   1 
ATOM   680  C  CD2   . HIS A 1 81  ? -1.721  13.099  -11.210 1.00 34.29  ? 5459 HIS A CD2   1 
ATOM   681  C  CE1   . HIS A 1 81  ? -3.661  13.233  -12.227 1.00 37.51  ? 5459 HIS A CE1   1 
ATOM   682  N  NE2   . HIS A 1 81  ? -2.581  13.922  -11.899 1.00 37.04  ? 5459 HIS A NE2   1 
ATOM   683  N  N     . VAL A 1 82  ? 0.682   9.629   -8.985  1.00 20.79  ? 5460 VAL A N     1 
ATOM   684  C  CA    . VAL A 1 82  ? 1.284   8.875   -7.905  1.00 20.93  ? 5460 VAL A CA    1 
ATOM   685  C  C     . VAL A 1 82  ? 0.802   9.499   -6.595  1.00 26.31  ? 5460 VAL A C     1 
ATOM   686  O  O     . VAL A 1 82  ? 0.599   10.715  -6.528  1.00 24.77  ? 5460 VAL A O     1 
ATOM   687  C  CB    . VAL A 1 82  ? 2.820   8.921   -8.006  1.00 22.24  ? 5460 VAL A CB    1 
ATOM   688  C  CG1   . VAL A 1 82  ? 3.477   8.327   -6.798  1.00 26.17  ? 5460 VAL A CG1   1 
ATOM   689  C  CG2   . VAL A 1 82  ? 3.276   8.209   -9.262  1.00 28.40  ? 5460 VAL A CG2   1 
ATOM   690  N  N     . ILE A 1 83  ? 0.568   8.674   -5.576  1.00 21.37  ? 5461 ILE A N     1 
ATOM   691  C  CA    . ILE A 1 83  ? 0.386   9.178   -4.216  1.00 21.22  ? 5461 ILE A CA    1 
ATOM   692  C  C     . ILE A 1 83  ? 1.709   9.104   -3.499  1.00 23.76  ? 5461 ILE A C     1 
ATOM   693  O  O     . ILE A 1 83  ? 2.245   8.005   -3.315  1.00 19.15  ? 5461 ILE A O     1 
ATOM   694  C  CB    . ILE A 1 83  ? -0.632  8.376   -3.418  1.00 20.76  ? 5461 ILE A CB    1 
ATOM   695  C  CG1   . ILE A 1 83  ? -1.955  8.298   -4.168  1.00 24.46  ? 5461 ILE A CG1   1 
ATOM   696  C  CG2   . ILE A 1 83  ? -0.811  8.989   -2.003  1.00 21.40  ? 5461 ILE A CG2   1 
ATOM   697  C  CD1   . ILE A 1 83  ? -3.128  7.936   -3.299  1.00 29.64  ? 5461 ILE A CD1   1 
ATOM   698  N  N     . ASP A 1 84  ? 2.245   10.258  -3.109  1.00 22.41  ? 5462 ASP A N     1 
ATOM   699  C  CA    . ASP A 1 84  ? 3.481   10.292  -2.333  1.00 23.87  ? 5462 ASP A CA    1 
ATOM   700  C  C     . ASP A 1 84  ? 3.155   10.273  -0.837  1.00 24.18  ? 5462 ASP A C     1 
ATOM   701  O  O     . ASP A 1 84  ? 2.526   11.205  -0.319  1.00 21.98  ? 5462 ASP A O     1 
ATOM   702  C  CB    . ASP A 1 84  ? 4.314   11.533  -2.679  1.00 20.77  ? 5462 ASP A CB    1 
ATOM   703  C  CG    . ASP A 1 84  ? 5.676   11.550  -1.964  1.00 26.93  ? 5462 ASP A CG    1 
ATOM   704  O  OD1   . ASP A 1 84  ? 6.173   10.463  -1.588  1.00 21.97  ? 5462 ASP A OD1   1 
ATOM   705  O  OD2   . ASP A 1 84  ? 6.265   12.646  -1.782  1.00 25.87  ? 5462 ASP A OD2   1 
ATOM   706  N  N     . ALA A 1 85  ? 3.576   9.216   -0.147  1.00 17.48  ? 5463 ALA A N     1 
ATOM   707  C  CA    . ALA A 1 85  ? 3.272   9.082   1.278   1.00 19.60  ? 5463 ALA A CA    1 
ATOM   708  C  C     . ALA A 1 85  ? 4.494   9.361   2.142   1.00 19.72  ? 5463 ALA A C     1 
ATOM   709  O  O     . ALA A 1 85  ? 4.470   9.160   3.357   1.00 20.62  ? 5463 ALA A O     1 
ATOM   710  C  CB    . ALA A 1 85  ? 2.739   7.690   1.580   1.00 21.11  ? 5463 ALA A CB    1 
ATOM   711  N  N     . THR A 1 86  ? 5.557   9.823   1.507   1.00 17.18  ? 5464 THR A N     1 
ATOM   712  C  CA    . THR A 1 86  ? 6.846   9.957   2.172   1.00 21.18  ? 5464 THR A CA    1 
ATOM   713  C  C     . THR A 1 86  ? 6.754   11.022  3.243   1.00 19.52  ? 5464 THR A C     1 
ATOM   714  O  O     . THR A 1 86  ? 7.295   10.851  4.320   1.00 18.77  ? 5464 THR A O     1 
ATOM   715  C  CB    . THR A 1 86  ? 7.972   10.309  1.164   1.00 21.82  ? 5464 THR A CB    1 
ATOM   716  O  OG1   . THR A 1 86  ? 8.002   9.327   0.106   1.00 20.62  ? 5464 THR A OG1   1 
ATOM   717  C  CG2   . THR A 1 86  ? 9.325   10.355  1.856   1.00 22.66  ? 5464 THR A CG2   1 
ATOM   718  N  N     . LEU A 1 87  ? 6.040   12.110  2.950   1.00 19.66  ? 5465 LEU A N     1 
ATOM   719  C  CA    . LEU A 1 87  ? 5.965   13.255  3.856   1.00 19.24  ? 5465 LEU A CA    1 
ATOM   720  C  C     . LEU A 1 87  ? 4.661   13.333  4.630   1.00 24.19  ? 5465 LEU A C     1 
ATOM   721  O  O     . LEU A 1 87  ? 4.605   13.862  5.751   1.00 19.45  ? 5465 LEU A O     1 
ATOM   722  C  CB    . LEU A 1 87  ? 6.145   14.564  3.076   1.00 19.85  ? 5465 LEU A CB    1 
ATOM   723  C  CG    . LEU A 1 87  ? 7.476   14.800  2.362   1.00 24.37  ? 5465 LEU A CG    1 
ATOM   724  C  CD1   . LEU A 1 87  ? 7.411   16.047  1.479   1.00 22.99  ? 5465 LEU A CD1   1 
ATOM   725  C  CD2   . LEU A 1 87  ? 8.583   14.925  3.362   1.00 22.40  ? 5465 LEU A CD2   1 
ATOM   726  N  N     . THR A 1 88  ? 3.592   12.840  4.021   1.00 19.52  ? 5466 THR A N     1 
ATOM   727  C  CA    . THR A 1 88  ? 2.271   13.032  4.600   1.00 21.53  ? 5466 THR A CA    1 
ATOM   728  C  C     . THR A 1 88  ? 1.462   11.739  4.652   1.00 23.81  ? 5466 THR A C     1 
ATOM   729  O  O     . THR A 1 88  ? 0.231   11.764  4.749   1.00 25.21  ? 5466 THR A O     1 
ATOM   730  C  CB    . THR A 1 88  ? 1.480   14.078  3.802   1.00 25.84  ? 5466 THR A CB    1 
ATOM   731  O  OG1   . THR A 1 88  ? 1.312   13.609  2.464   1.00 29.89  ? 5466 THR A OG1   1 
ATOM   732  C  CG2   . THR A 1 88  ? 2.231   15.406  3.758   1.00 31.89  ? 5466 THR A CG2   1 
ATOM   733  N  N     . GLY A 1 89  ? 2.139   10.605  4.582   1.00 22.63  ? 5467 GLY A N     1 
ATOM   734  C  CA    . GLY A 1 89  ? 1.433   9.349   4.536   1.00 22.02  ? 5467 GLY A CA    1 
ATOM   735  C  C     . GLY A 1 89  ? 1.045   8.844   5.906   1.00 24.82  ? 5467 GLY A C     1 
ATOM   736  O  O     . GLY A 1 89  ? 1.333   9.464   6.935   1.00 22.83  ? 5467 GLY A O     1 
ATOM   737  N  N     . GLY A 1 90  ? 0.387   7.698   5.919   1.00 22.08  ? 5468 GLY A N     1 
ATOM   738  C  CA    . GLY A 1 90  ? -0.008  7.052   7.152   1.00 25.24  ? 5468 GLY A CA    1 
ATOM   739  C  C     . GLY A 1 90  ? 0.560   5.654   7.158   1.00 21.83  ? 5468 GLY A C     1 
ATOM   740  O  O     . GLY A 1 90  ? 1.356   5.299   6.278   1.00 25.64  ? 5468 GLY A O     1 
ATOM   741  N  N     . PRO A 1 91  ? 0.151   4.842   8.133   1.00 18.50  ? 5469 PRO A N     1 
ATOM   742  C  CA    . PRO A 1 91  ? 0.769   3.530   8.306   1.00 15.93  ? 5469 PRO A CA    1 
ATOM   743  C  C     . PRO A 1 91  ? 0.599   2.603   7.106   1.00 18.67  ? 5469 PRO A C     1 
ATOM   744  O  O     . PRO A 1 91  ? 1.336   1.621   7.001   1.00 16.17  ? 5469 PRO A O     1 
ATOM   745  C  CB    . PRO A 1 91  ? 0.043   2.979   9.542   1.00 22.87  ? 5469 PRO A CB    1 
ATOM   746  C  CG    . PRO A 1 91  ? -0.316  4.202   10.308  1.00 20.70  ? 5469 PRO A CG    1 
ATOM   747  C  CD    . PRO A 1 91  ? -0.720  5.192   9.270   1.00 19.77  ? 5469 PRO A CD    1 
ATOM   748  N  N     . ALA A 1 92  ? -0.329  2.907   6.202   1.00 15.49  ? 5470 ALA A N     1 
ATOM   749  C  CA    . ALA A 1 92  ? -0.517  2.045   5.036   1.00 16.16  ? 5470 ALA A CA    1 
ATOM   750  C  C     . ALA A 1 92  ? 0.738   2.052   4.168   1.00 19.80  ? 5470 ALA A C     1 
ATOM   751  O  O     . ALA A 1 92  ? 0.931   1.162   3.342   1.00 16.13  ? 5470 ALA A O     1 
ATOM   752  C  CB    . ALA A 1 92  ? -1.731  2.494   4.212   1.00 17.39  ? 5470 ALA A CB    1 
ATOM   753  N  N     . ARG A 1 93  ? 1.600   3.050   4.350   1.00 15.57  ? 5471 ARG A N     1 
ATOM   754  C  CA    . ARG A 1 93  ? 2.793   3.129   3.509   1.00 17.07  ? 5471 ARG A CA    1 
ATOM   755  C  C     . ARG A 1 93  ? 3.810   2.038   3.902   1.00 18.34  ? 5471 ARG A C     1 
ATOM   756  O  O     . ARG A 1 93  ? 4.767   1.780   3.174   1.00 14.81  ? 5471 ARG A O     1 
ATOM   757  C  CB    . ARG A 1 93  ? 3.429   4.516   3.596   1.00 17.85  ? 5471 ARG A CB    1 
ATOM   758  C  CG    . ARG A 1 93  ? 4.108   4.787   4.930   1.00 21.64  ? 5471 ARG A CG    1 
ATOM   759  C  CD    . ARG A 1 93  ? 4.683   6.191   4.990   1.00 21.92  ? 5471 ARG A CD    1 
ATOM   760  N  NE    . ARG A 1 93  ? 4.758   6.629   6.368   1.00 25.96  ? 5471 ARG A NE    1 
ATOM   761  C  CZ    . ARG A 1 93  ? 5.123   7.844   6.765   1.00 29.48  ? 5471 ARG A CZ    1 
ATOM   762  N  NH1   . ARG A 1 93  ? 5.459   8.768   5.878   1.00 24.68  ? 5471 ARG A NH1   1 
ATOM   763  N  NH2   . ARG A 1 93  ? 5.155   8.125   8.061   1.00 33.09  ? 5471 ARG A NH2   1 
ATOM   764  N  N     . TYR A 1 94  ? 3.601   1.371   5.033   1.00 16.08  ? 5472 TYR A N     1 
ATOM   765  C  CA    . TYR A 1 94  ? 4.549   0.336   5.452   1.00 17.95  ? 5472 TYR A CA    1 
ATOM   766  C  C     . TYR A 1 94  ? 4.147   -1.037  4.978   1.00 17.10  ? 5472 TYR A C     1 
ATOM   767  O  O     . TYR A 1 94  ? 4.827   -2.029  5.265   1.00 17.56  ? 5472 TYR A O     1 
ATOM   768  C  CB    . TYR A 1 94  ? 4.709   0.327   6.971   1.00 18.72  ? 5472 TYR A CB    1 
ATOM   769  C  CG    . TYR A 1 94  ? 5.308   1.613   7.479   1.00 18.58  ? 5472 TYR A CG    1 
ATOM   770  C  CD1   . TYR A 1 94  ? 6.644   1.945   7.234   1.00 21.62  ? 5472 TYR A CD1   1 
ATOM   771  C  CD2   . TYR A 1 94  ? 4.528   2.516   8.167   1.00 24.49  ? 5472 TYR A CD2   1 
ATOM   772  C  CE1   . TYR A 1 94  ? 7.171   3.160   7.696   1.00 22.57  ? 5472 TYR A CE1   1 
ATOM   773  C  CE2   . TYR A 1 94  ? 5.039   3.702   8.630   1.00 23.71  ? 5472 TYR A CE2   1 
ATOM   774  C  CZ    . TYR A 1 94  ? 6.349   4.024   8.401   1.00 23.80  ? 5472 TYR A CZ    1 
ATOM   775  O  OH    . TYR A 1 94  ? 6.785   5.245   8.885   1.00 27.70  ? 5472 TYR A OH    1 
ATOM   776  N  N     . ILE A 1 95  ? 3.036   -1.098  4.267   1.00 14.43  ? 5473 ILE A N     1 
ATOM   777  C  CA    . ILE A 1 95  ? 2.562   -2.364  3.725   1.00 17.55  ? 5473 ILE A CA    1 
ATOM   778  C  C     . ILE A 1 95  ? 3.506   -2.836  2.640   1.00 20.35  ? 5473 ILE A C     1 
ATOM   779  O  O     . ILE A 1 95  ? 3.740   -2.128  1.662   1.00 19.00  ? 5473 ILE A O     1 
ATOM   780  C  CB    . ILE A 1 95  ? 1.146   -2.263  3.138   1.00 17.77  ? 5473 ILE A CB    1 
ATOM   781  C  CG1   . ILE A 1 95  ? 0.133   -1.895  4.233   1.00 20.84  ? 5473 ILE A CG1   1 
ATOM   782  C  CG2   . ILE A 1 95  ? 0.777   -3.585  2.448   1.00 13.56  ? 5473 ILE A CG2   1 
ATOM   783  C  CD1   . ILE A 1 95  ? -1.239  -1.529  3.717   1.00 20.07  ? 5473 ILE A CD1   1 
ATOM   784  N  N     . ASN A 1 96  ? 4.018   -4.050  2.803   1.00 17.35  ? 5474 ASN A N     1 
ATOM   785  C  CA    . ASN A 1 96  ? 4.983   -4.596  1.863   1.00 20.45  ? 5474 ASN A CA    1 
ATOM   786  C  C     . ASN A 1 96  ? 4.338   -5.258  0.652   1.00 19.10  ? 5474 ASN A C     1 
ATOM   787  O  O     . ASN A 1 96  ? 3.151   -5.589  0.656   1.00 22.47  ? 5474 ASN A O     1 
ATOM   788  C  CB    . ASN A 1 96  ? 5.896   -5.605  2.586   1.00 18.10  ? 5474 ASN A CB    1 
ATOM   789  C  CG    . ASN A 1 96  ? 6.926   -4.921  3.445   1.00 21.26  ? 5474 ASN A CG    1 
ATOM   790  O  OD1   . ASN A 1 96  ? 7.673   -4.081  2.965   1.00 23.07  ? 5474 ASN A OD1   1 
ATOM   791  N  ND2   . ASN A 1 96  ? 6.938   -5.232  4.730   1.00 22.98  ? 5474 ASN A ND2   1 
ATOM   792  N  N     . HIS A 1 97  ? 5.144   -5.437  -0.381  1.00 21.91  ? 5475 HIS A N     1 
ATOM   793  C  CA    . HIS A 1 97  ? 4.772   -6.177  -1.576  1.00 23.19  ? 5475 HIS A CA    1 
ATOM   794  C  C     . HIS A 1 97  ? 4.822   -7.695  -1.389  1.00 24.14  ? 5475 HIS A C     1 
ATOM   795  O  O     . HIS A 1 97  ? 5.735   -8.231  -0.755  1.00 24.23  ? 5475 HIS A O     1 
ATOM   796  C  CB    . HIS A 1 97  ? 5.701   -5.797  -2.744  1.00 20.99  ? 5475 HIS A CB    1 
ATOM   797  C  CG    . HIS A 1 97  ? 5.620   -6.744  -3.898  1.00 26.21  ? 5475 HIS A CG    1 
ATOM   798  N  ND1   . HIS A 1 97  ? 4.592   -6.712  -4.816  1.00 27.17  ? 5475 HIS A ND1   1 
ATOM   799  C  CD2   . HIS A 1 97  ? 6.411   -7.785  -4.254  1.00 28.60  ? 5475 HIS A CD2   1 
ATOM   800  C  CE1   . HIS A 1 97  ? 4.769   -7.676  -5.704  1.00 31.16  ? 5475 HIS A CE1   1 
ATOM   801  N  NE2   . HIS A 1 97  ? 5.863   -8.341  -5.385  1.00 31.81  ? 5475 HIS A NE2   1 
ATOM   802  N  N     . SER A 1 98  ? 3.857   -8.395  -1.970  1.00 25.72  ? 5476 SER A N     1 
ATOM   803  C  CA    . SER A 1 98  ? 3.987   -9.841  -2.123  1.00 29.46  ? 5476 SER A CA    1 
ATOM   804  C  C     . SER A 1 98  ? 3.488   -10.280 -3.494  1.00 29.56  ? 5476 SER A C     1 
ATOM   805  O  O     . SER A 1 98  ? 2.480   -9.779  -4.004  1.00 26.47  ? 5476 SER A O     1 
ATOM   806  C  CB    . SER A 1 98  ? 3.231   -10.595 -1.031  1.00 30.71  ? 5476 SER A CB    1 
ATOM   807  O  OG    . SER A 1 98  ? 3.210   -11.993 -1.303  1.00 31.98  ? 5476 SER A OG    1 
ATOM   808  N  N     . CYS A 1 99  ? 4.207   -11.230 -4.078  1.00 28.41  ? 5477 CYS A N     1 
ATOM   809  C  CA    . CYS A 1 99  ? 3.807   -11.837 -5.336  1.00 30.93  ? 5477 CYS A CA    1 
ATOM   810  C  C     . CYS A 1 99  ? 2.581   -12.725 -5.125  1.00 31.06  ? 5477 CYS A C     1 
ATOM   811  O  O     . CYS A 1 99  ? 1.923   -13.118 -6.077  1.00 32.71  ? 5477 CYS A O     1 
ATOM   812  C  CB    . CYS A 1 99  ? 4.976   -12.626 -5.923  1.00 30.06  ? 5477 CYS A CB    1 
ATOM   813  S  SG    . CYS A 1 99  ? 6.370   -11.574 -6.404  1.00 35.34  ? 5477 CYS A SG    1 
ATOM   814  N  N     . ALA A 1 100 ? 2.291   -13.033 -3.864  1.00 34.35  ? 5478 ALA A N     1 
ATOM   815  C  CA    . ALA A 1 100 ? 1.060   -13.722 -3.471  1.00 30.79  ? 5478 ALA A CA    1 
ATOM   816  C  C     . ALA A 1 100 ? 0.406   -12.989 -2.303  1.00 32.75  ? 5478 ALA A C     1 
ATOM   817  O  O     . ALA A 1 100 ? 0.533   -13.408 -1.156  1.00 28.21  ? 5478 ALA A O     1 
ATOM   818  C  CB    . ALA A 1 100 ? 1.354   -15.159 -3.095  1.00 39.78  ? 5478 ALA A CB    1 
ATOM   819  N  N     . PRO A 1 101 ? -0.293  -11.876 -2.591  1.00 29.87  ? 5479 PRO A N     1 
ATOM   820  C  CA    . PRO A 1 101 ? -0.786  -10.956 -1.551  1.00 28.69  ? 5479 PRO A CA    1 
ATOM   821  C  C     . PRO A 1 101 ? -2.115  -11.355 -0.912  1.00 32.65  ? 5479 PRO A C     1 
ATOM   822  O  O     . PRO A 1 101 ? -2.794  -12.222 -1.453  1.00 32.07  ? 5479 PRO A O     1 
ATOM   823  C  CB    . PRO A 1 101 ? -0.956  -9.645  -2.318  1.00 26.32  ? 5479 PRO A CB    1 
ATOM   824  C  CG    . PRO A 1 101 ? -1.314  -10.085 -3.712  1.00 28.00  ? 5479 PRO A CG    1 
ATOM   825  C  CD    . PRO A 1 101 ? -0.502  -11.342 -3.952  1.00 28.17  ? 5479 PRO A CD    1 
ATOM   826  N  N     . ASN A 1 102 ? -2.493  -10.730 0.209   1.00 27.12  ? 5480 ASN A N     1 
ATOM   827  C  CA    . ASN A 1 102 ? -3.830  -10.953 0.767   1.00 28.38  ? 5480 ASN A CA    1 
ATOM   828  C  C     . ASN A 1 102 ? -4.765  -9.734  0.621   1.00 26.98  ? 5480 ASN A C     1 
ATOM   829  O  O     . ASN A 1 102 ? -5.939  -9.789  0.981   1.00 25.51  ? 5480 ASN A O     1 
ATOM   830  C  CB    . ASN A 1 102 ? -3.742  -11.407 2.241   1.00 28.06  ? 5480 ASN A CB    1 
ATOM   831  C  CG    . ASN A 1 102 ? -2.819  -10.538 3.105   1.00 28.61  ? 5480 ASN A CG    1 
ATOM   832  O  OD1   . ASN A 1 102 ? -2.547  -9.379  2.797   1.00 20.55  ? 5480 ASN A OD1   1 
ATOM   833  N  ND2   . ASN A 1 102 ? -2.358  -11.107 4.225   1.00 26.92  ? 5480 ASN A ND2   1 
ATOM   834  N  N     . CYS A 1 103 ? -4.261  -8.653  0.046   1.00 21.89  ? 5481 CYS A N     1 
ATOM   835  C  CA    . CYS A 1 103 ? -5.070  -7.457  -0.113  1.00 24.40  ? 5481 CYS A CA    1 
ATOM   836  C  C     . CYS A 1 103 ? -4.994  -6.943  -1.537  1.00 23.42  ? 5481 CYS A C     1 
ATOM   837  O  O     . CYS A 1 103 ? -4.082  -7.275  -2.282  1.00 24.75  ? 5481 CYS A O     1 
ATOM   838  C  CB    . CYS A 1 103 ? -4.606  -6.353  0.820   1.00 19.51  ? 5481 CYS A CB    1 
ATOM   839  S  SG    . CYS A 1 103 ? -4.815  -6.640  2.570   1.00 25.60  ? 5481 CYS A SG    1 
ATOM   840  N  N     . VAL A 1 104 ? -5.949  -6.110  -1.902  1.00 26.09  ? 5482 VAL A N     1 
ATOM   841  C  CA    . VAL A 1 104 ? -5.896  -5.419  -3.171  1.00 27.93  ? 5482 VAL A CA    1 
ATOM   842  C  C     . VAL A 1 104 ? -6.114  -3.942  -2.902  1.00 26.59  ? 5482 VAL A C     1 
ATOM   843  O  O     . VAL A 1 104 ? -6.773  -3.572  -1.928  1.00 28.28  ? 5482 VAL A O     1 
ATOM   844  C  CB    . VAL A 1 104 ? -6.955  -5.950  -4.175  1.00 28.19  ? 5482 VAL A CB    1 
ATOM   845  C  CG1   . VAL A 1 104 ? -6.725  -7.420  -4.453  1.00 28.71  ? 5482 VAL A CG1   1 
ATOM   846  C  CG2   . VAL A 1 104 ? -8.363  -5.710  -3.659  1.00 30.96  ? 5482 VAL A CG2   1 
ATOM   847  N  N     . ALA A 1 105 ? -5.528  -3.101  -3.743  1.00 24.65  ? 5483 ALA A N     1 
ATOM   848  C  CA    . ALA A 1 105 ? -5.718  -1.665  -3.642  1.00 24.06  ? 5483 ALA A CA    1 
ATOM   849  C  C     . ALA A 1 105 ? -6.684  -1.198  -4.703  1.00 31.52  ? 5483 ALA A C     1 
ATOM   850  O  O     . ALA A 1 105 ? -6.453  -1.424  -5.881  1.00 35.32  ? 5483 ALA A O     1 
ATOM   851  C  CB    . ALA A 1 105 ? -4.403  -0.946  -3.781  1.00 28.89  ? 5483 ALA A CB    1 
ATOM   852  N  N     . GLU A 1 106 ? -7.758  -0.536  -4.289  1.00 28.12  ? 5484 GLU A N     1 
ATOM   853  C  CA    . GLU A 1 106 ? -8.778  -0.100  -5.233  1.00 36.15  ? 5484 GLU A CA    1 
ATOM   854  C  C     . GLU A 1 106 ? -9.120  1.368   -5.063  1.00 36.46  ? 5484 GLU A C     1 
ATOM   855  O  O     . GLU A 1 106 ? -9.220  1.875   -3.943  1.00 27.13  ? 5484 GLU A O     1 
ATOM   856  C  CB    . GLU A 1 106 ? -10.046 -0.938  -5.080  1.00 37.67  ? 5484 GLU A CB    1 
ATOM   857  C  CG    . GLU A 1 106 ? -9.912  -2.400  -5.519  1.00 44.15  ? 5484 GLU A CG    1 
ATOM   858  C  CD    . GLU A 1 106 ? -9.732  -2.569  -7.030  1.00 51.80  ? 5484 GLU A CD    1 
ATOM   859  O  OE1   . GLU A 1 106 ? -10.162 -1.672  -7.800  1.00 55.25  ? 5484 GLU A OE1   1 
ATOM   860  O  OE2   . GLU A 1 106 ? -9.161  -3.610  -7.441  1.00 49.37  ? 5484 GLU A OE2   1 
ATOM   861  N  N     . VAL A 1 107 ? -9.308  2.050   -6.187  1.00 37.06  ? 5485 VAL A N     1 
ATOM   862  C  CA    . VAL A 1 107 ? -9.748  3.438   -6.155  1.00 36.96  ? 5485 VAL A CA    1 
ATOM   863  C  C     . VAL A 1 107 ? -11.189 3.517   -5.671  1.00 42.22  ? 5485 VAL A C     1 
ATOM   864  O  O     . VAL A 1 107 ? -12.036 2.732   -6.089  1.00 41.97  ? 5485 VAL A O     1 
ATOM   865  C  CB    . VAL A 1 107 ? -9.630  4.099   -7.533  1.00 41.13  ? 5485 VAL A CB    1 
ATOM   866  C  CG1   . VAL A 1 107 ? -10.069 5.561   -7.460  1.00 40.27  ? 5485 VAL A CG1   1 
ATOM   867  C  CG2   . VAL A 1 107 ? -8.203  3.978   -8.043  1.00 36.55  ? 5485 VAL A CG2   1 
ATOM   868  N  N     . VAL A 1 108 ? -11.461 4.449   -4.766  1.00 39.39  ? 5486 VAL A N     1 
ATOM   869  C  CA    . VAL A 1 108 ? -12.818 4.685   -4.313  1.00 38.49  ? 5486 VAL A CA    1 
ATOM   870  C  C     . VAL A 1 108 ? -13.063 6.177   -4.232  1.00 42.97  ? 5486 VAL A C     1 
ATOM   871  O  O     . VAL A 1 108 ? -12.257 6.912   -3.666  1.00 42.01  ? 5486 VAL A O     1 
ATOM   872  C  CB    . VAL A 1 108 ? -13.075 4.029   -2.939  1.00 44.06  ? 5486 VAL A CB    1 
ATOM   873  C  CG1   . VAL A 1 108 ? -14.316 4.623   -2.273  1.00 43.35  ? 5486 VAL A CG1   1 
ATOM   874  C  CG2   . VAL A 1 108 ? -13.206 2.522   -3.095  1.00 40.41  ? 5486 VAL A CG2   1 
ATOM   875  N  N     . THR A 1 109 ? -14.169 6.629   -4.810  1.00 46.50  ? 5487 THR A N     1 
ATOM   876  C  CA    . THR A 1 109 ? -14.511 8.044   -4.749  1.00 43.61  ? 5487 THR A CA    1 
ATOM   877  C  C     . THR A 1 109 ? -15.480 8.343   -3.607  1.00 42.52  ? 5487 THR A C     1 
ATOM   878  O  O     . THR A 1 109 ? -16.530 7.709   -3.475  1.00 48.04  ? 5487 THR A O     1 
ATOM   879  C  CB    . THR A 1 109 ? -15.119 8.527   -6.068  1.00 48.54  ? 5487 THR A CB    1 
ATOM   880  O  OG1   . THR A 1 109 ? -14.223 8.212   -7.139  1.00 51.11  ? 5487 THR A OG1   1 
ATOM   881  C  CG2   . THR A 1 109 ? -15.353 10.032  -6.025  1.00 44.01  ? 5487 THR A CG2   1 
ATOM   882  N  N     . PHE A 1 110 ? -15.108 9.310   -2.779  1.00 43.08  ? 5488 PHE A N     1 
ATOM   883  C  CA    . PHE A 1 110 ? -15.929 9.723   -1.652  1.00 46.77  ? 5488 PHE A CA    1 
ATOM   884  C  C     . PHE A 1 110 ? -15.904 11.237  -1.551  1.00 48.62  ? 5488 PHE A C     1 
ATOM   885  O  O     . PHE A 1 110 ? -14.827 11.843  -1.512  1.00 47.08  ? 5488 PHE A O     1 
ATOM   886  C  CB    . PHE A 1 110 ? -15.425 9.089   -0.354  1.00 42.22  ? 5488 PHE A CB    1 
ATOM   887  C  CG    . PHE A 1 110 ? -16.223 9.470   0.868   1.00 43.04  ? 5488 PHE A CG    1 
ATOM   888  C  CD1   . PHE A 1 110 ? -17.317 8.713   1.261   1.00 41.64  ? 5488 PHE A CD1   1 
ATOM   889  C  CD2   . PHE A 1 110 ? -15.864 10.572  1.638   1.00 44.16  ? 5488 PHE A CD2   1 
ATOM   890  C  CE1   . PHE A 1 110 ? -18.051 9.054   2.396   1.00 41.11  ? 5488 PHE A CE1   1 
ATOM   891  C  CE2   . PHE A 1 110 ? -16.588 10.917  2.767   1.00 46.36  ? 5488 PHE A CE2   1 
ATOM   892  C  CZ    . PHE A 1 110 ? -17.683 10.155  3.150   1.00 44.45  ? 5488 PHE A CZ    1 
ATOM   893  N  N     . ASP A 1 111 ? -17.097 11.825  -1.497  1.00 52.30  ? 5489 ASP A N     1 
ATOM   894  C  CA    . ASP A 1 111 ? -17.280 13.270  -1.493  1.00 54.11  ? 5489 ASP A CA    1 
ATOM   895  C  C     . ASP A 1 111 ? -16.244 13.954  -2.372  1.00 54.93  ? 5489 ASP A C     1 
ATOM   896  O  O     . ASP A 1 111 ? -15.357 14.644  -1.873  1.00 56.19  ? 5489 ASP A O     1 
ATOM   897  C  CB    . ASP A 1 111 ? -17.223 13.828  -0.063  1.00 56.84  ? 5489 ASP A CB    1 
ATOM   898  C  CG    . ASP A 1 111 ? -17.480 15.339  -0.009  1.00 71.19  ? 5489 ASP A CG    1 
ATOM   899  O  OD1   . ASP A 1 111 ? -18.612 15.777  -0.335  1.00 65.32  ? 5489 ASP A OD1   1 
ATOM   900  O  OD2   . ASP A 1 111 ? -16.545 16.090  0.357   1.00 74.99  ? 5489 ASP A OD2   1 
ATOM   901  N  N     . LYS A 1 112 ? -16.326 13.682  -3.673  1.00 53.71  ? 5490 LYS A N     1 
ATOM   902  C  CA    . LYS A 1 112 ? -15.611 14.450  -4.694  1.00 54.56  ? 5490 LYS A CA    1 
ATOM   903  C  C     . LYS A 1 112 ? -14.095 14.202  -4.762  1.00 53.19  ? 5490 LYS A C     1 
ATOM   904  O  O     . LYS A 1 112 ? -13.386 14.931  -5.456  1.00 50.67  ? 5490 LYS A O     1 
ATOM   905  C  CB    . LYS A 1 112 ? -15.879 15.947  -4.480  1.00 51.12  ? 5490 LYS A CB    1 
ATOM   906  C  CG    . LYS A 1 112 ? -17.358 16.330  -4.592  1.00 54.86  ? 5490 LYS A CG    1 
ATOM   907  C  CD    . LYS A 1 112 ? -17.633 17.768  -4.139  1.00 57.71  ? 5490 LYS A CD    1 
ATOM   908  C  CE    . LYS A 1 112 ? -18.627 17.815  -2.983  1.00 60.15  ? 5490 LYS A CE    1 
ATOM   909  N  NZ    . LYS A 1 112 ? -19.940 18.399  -3.407  1.00 58.27  ? 5490 LYS A NZ    1 
ATOM   910  N  N     . GLU A 1 113 ? -13.600 13.178  -4.061  1.00 49.62  ? 5491 GLU A N     1 
ATOM   911  C  CA    . GLU A 1 113 ? -12.169 12.846  -4.084  1.00 49.52  ? 5491 GLU A CA    1 
ATOM   912  C  C     . GLU A 1 113 ? -11.925 11.367  -4.398  1.00 46.47  ? 5491 GLU A C     1 
ATOM   913  O  O     . GLU A 1 113 ? -12.699 10.507  -3.983  1.00 46.42  ? 5491 GLU A O     1 
ATOM   914  C  CB    . GLU A 1 113 ? -11.506 13.192  -2.743  1.00 51.38  ? 5491 GLU A CB    1 
ATOM   915  C  CG    . GLU A 1 113 ? -11.248 14.676  -2.495  1.00 61.92  ? 5491 GLU A CG    1 
ATOM   916  C  CD    . GLU A 1 113 ? -12.386 15.376  -1.759  1.00 63.40  ? 5491 GLU A CD    1 
ATOM   917  O  OE1   . GLU A 1 113 ? -13.202 16.051  -2.422  1.00 62.99  ? 5491 GLU A OE1   1 
ATOM   918  O  OE2   . GLU A 1 113 ? -12.459 15.263  -0.516  1.00 67.06  ? 5491 GLU A OE2   1 
ATOM   919  N  N     . ASP A 1 114 ? -10.856 11.071  -5.132  1.00 41.97  ? 5492 ASP A N     1 
ATOM   920  C  CA    . ASP A 1 114 ? -10.462 9.682   -5.366  1.00 41.19  ? 5492 ASP A CA    1 
ATOM   921  C  C     . ASP A 1 114 ? -9.515  9.216   -4.276  1.00 42.25  ? 5492 ASP A C     1 
ATOM   922  O  O     . ASP A 1 114 ? -8.573  9.926   -3.912  1.00 40.57  ? 5492 ASP A O     1 
ATOM   923  C  CB    . ASP A 1 114 ? -9.792  9.508   -6.728  1.00 42.69  ? 5492 ASP A CB    1 
ATOM   924  C  CG    . ASP A 1 114 ? -10.787 9.456   -7.870  1.00 53.25  ? 5492 ASP A CG    1 
ATOM   925  O  OD1   . ASP A 1 114 ? -11.993 9.269   -7.603  1.00 52.86  ? 5492 ASP A OD1   1 
ATOM   926  O  OD2   . ASP A 1 114 ? -10.358 9.587   -9.038  1.00 58.04  ? 5492 ASP A OD2   1 
ATOM   927  N  N     . LYS A 1 115 ? -9.765  8.025   -3.748  1.00 36.09  ? 5493 LYS A N     1 
ATOM   928  C  CA    . LYS A 1 115 ? -8.945  7.509   -2.662  1.00 30.54  ? 5493 LYS A CA    1 
ATOM   929  C  C     . LYS A 1 115 ? -8.501  6.088   -2.955  1.00 33.72  ? 5493 LYS A C     1 
ATOM   930  O  O     . LYS A 1 115 ? -9.213  5.328   -3.615  1.00 32.18  ? 5493 LYS A O     1 
ATOM   931  C  CB    . LYS A 1 115 ? -9.710  7.574   -1.344  1.00 33.33  ? 5493 LYS A CB    1 
ATOM   932  C  CG    . LYS A 1 115 ? -10.037 9.006   -0.924  1.00 35.28  ? 5493 LYS A CG    1 
ATOM   933  C  CD    . LYS A 1 115 ? -11.083 9.037   0.155   1.00 33.93  ? 5493 LYS A CD    1 
ATOM   934  C  CE    . LYS A 1 115 ? -11.497 10.470  0.478   1.00 37.68  ? 5493 LYS A CE    1 
ATOM   935  N  NZ    . LYS A 1 115 ? -10.332 11.376  0.689   1.00 43.66  ? 5493 LYS A NZ    1 
ATOM   936  N  N     . ILE A 1 116 ? -7.304  5.748   -2.489  1.00 26.71  ? 5494 ILE A N     1 
ATOM   937  C  CA    . ILE A 1 116 ? -6.793  4.397   -2.610  1.00 25.54  ? 5494 ILE A CA    1 
ATOM   938  C  C     . ILE A 1 116 ? -7.053  3.688   -1.305  1.00 23.81  ? 5494 ILE A C     1 
ATOM   939  O  O     . ILE A 1 116 ? -6.533  4.085   -0.270  1.00 20.05  ? 5494 ILE A O     1 
ATOM   940  C  CB    . ILE A 1 116 ? -5.293  4.351   -2.909  1.00 21.83  ? 5494 ILE A CB    1 
ATOM   941  C  CG1   . ILE A 1 116 ? -4.999  5.057   -4.238  1.00 29.83  ? 5494 ILE A CG1   1 
ATOM   942  C  CG2   . ILE A 1 116 ? -4.804  2.887   -2.939  1.00 20.03  ? 5494 ILE A CG2   1 
ATOM   943  C  CD1   . ILE A 1 116 ? -5.788  4.513   -5.403  1.00 31.01  ? 5494 ILE A CD1   1 
ATOM   944  N  N     . ILE A 1 117 ? -7.865  2.644   -1.362  1.00 23.18  ? 5495 ILE A N     1 
ATOM   945  C  CA    . ILE A 1 117 ? -8.195  1.878   -0.184  1.00 21.73  ? 5495 ILE A CA    1 
ATOM   946  C  C     . ILE A 1 117 ? -7.584  0.488   -0.310  1.00 21.03  ? 5495 ILE A C     1 
ATOM   947  O  O     . ILE A 1 117 ? -7.704  -0.157  -1.347  1.00 21.04  ? 5495 ILE A O     1 
ATOM   948  C  CB    . ILE A 1 117 ? -9.714  1.767   0.009   1.00 25.05  ? 5495 ILE A CB    1 
ATOM   949  C  CG1   . ILE A 1 117 ? -10.373 3.146   -0.129  1.00 24.59  ? 5495 ILE A CG1   1 
ATOM   950  C  CG2   . ILE A 1 117 ? -10.025 1.153   1.356   1.00 26.35  ? 5495 ILE A CG2   1 
ATOM   951  C  CD1   . ILE A 1 117 ? -10.037 4.098   0.979   1.00 24.83  ? 5495 ILE A CD1   1 
ATOM   952  N  N     . ILE A 1 118 ? -6.923  0.033   0.746   1.00 20.51  ? 5496 ILE A N     1 
ATOM   953  C  CA    . ILE A 1 118 ? -6.414  -1.332  0.792   1.00 18.45  ? 5496 ILE A CA    1 
ATOM   954  C  C     . ILE A 1 118 ? -7.529  -2.257  1.282   1.00 24.93  ? 5496 ILE A C     1 
ATOM   955  O  O     . ILE A 1 118 ? -8.061  -2.081  2.384   1.00 23.83  ? 5496 ILE A O     1 
ATOM   956  C  CB    . ILE A 1 118 ? -5.208  -1.476  1.720   1.00 21.88  ? 5496 ILE A CB    1 
ATOM   957  C  CG1   . ILE A 1 118 ? -4.087  -0.520  1.318   1.00 19.40  ? 5496 ILE A CG1   1 
ATOM   958  C  CG2   . ILE A 1 118 ? -4.709  -2.934  1.714   1.00 17.88  ? 5496 ILE A CG2   1 
ATOM   959  C  CD1   . ILE A 1 118 ? -3.626  -0.703  -0.120  1.00 20.62  ? 5496 ILE A CD1   1 
ATOM   960  N  N     . ILE A 1 119 ? -7.889  -3.232  0.459   1.00 20.39  ? 5497 ILE A N     1 
ATOM   961  C  CA    . ILE A 1 119 ? -9.027  -4.096  0.763   1.00 25.72  ? 5497 ILE A CA    1 
ATOM   962  C  C     . ILE A 1 119 ? -8.608  -5.570  0.825   1.00 24.11  ? 5497 ILE A C     1 
ATOM   963  O  O     . ILE A 1 119 ? -7.851  -6.034  -0.023  1.00 23.81  ? 5497 ILE A O     1 
ATOM   964  C  CB    . ILE A 1 119 ? -10.137 -3.898  -0.287  1.00 25.29  ? 5497 ILE A CB    1 
ATOM   965  C  CG1   . ILE A 1 119 ? -10.725 -2.487  -0.138  1.00 27.45  ? 5497 ILE A CG1   1 
ATOM   966  C  CG2   . ILE A 1 119 ? -11.213 -4.981  -0.152  1.00 25.63  ? 5497 ILE A CG2   1 
ATOM   967  C  CD1   . ILE A 1 119 ? -11.640 -2.060  -1.248  1.00 33.37  ? 5497 ILE A CD1   1 
ATOM   968  N  N     . SER A 1 120 ? -9.088  -6.299  1.834   1.00 22.21  ? 5498 SER A N     1 
ATOM   969  C  CA    . SER A 1 120 ? -8.715  -7.702  1.966   1.00 29.12  ? 5498 SER A CA    1 
ATOM   970  C  C     . SER A 1 120 ? -9.299  -8.514  0.812   1.00 28.96  ? 5498 SER A C     1 
ATOM   971  O  O     . SER A 1 120 ? -10.443 -8.303  0.419   1.00 26.56  ? 5498 SER A O     1 
ATOM   972  C  CB    . SER A 1 120 ? -9.189  -8.262  3.304   1.00 27.97  ? 5498 SER A CB    1 
ATOM   973  O  OG    . SER A 1 120 ? -10.598 -8.167  3.411   1.00 29.24  ? 5498 SER A OG    1 
ATOM   974  N  N     . SER A 1 121 ? -8.517  -9.431  0.265   1.00 24.59  ? 5499 SER A N     1 
ATOM   975  C  CA    . SER A 1 121 ? -8.999  -10.240 -0.852  1.00 26.66  ? 5499 SER A CA    1 
ATOM   976  C  C     . SER A 1 121 ? -9.447  -11.606 -0.342  1.00 30.58  ? 5499 SER A C     1 
ATOM   977  O  O     . SER A 1 121 ? -9.917  -12.439 -1.111  1.00 32.95  ? 5499 SER A O     1 
ATOM   978  C  CB    . SER A 1 121 ? -7.919  -10.389 -1.923  1.00 27.04  ? 5499 SER A CB    1 
ATOM   979  O  OG    . SER A 1 121 ? -6.825  -11.115 -1.408  1.00 30.97  ? 5499 SER A OG    1 
ATOM   980  N  N     . ARG A 1 122 ? -9.318  -11.805 0.969   1.00 32.52  ? 5500 ARG A N     1 
ATOM   981  C  CA    . ARG A 1 122 ? -9.737  -13.023 1.658   1.00 25.45  ? 5500 ARG A CA    1 
ATOM   982  C  C     . ARG A 1 122 ? -9.771  -12.733 3.154   1.00 33.74  ? 5500 ARG A C     1 
ATOM   983  O  O     . ARG A 1 122 ? -9.332  -11.666 3.587   1.00 27.38  ? 5500 ARG A O     1 
ATOM   984  C  CB    . ARG A 1 122 ? -8.784  -14.179 1.361   1.00 29.87  ? 5500 ARG A CB    1 
ATOM   985  C  CG    . ARG A 1 122 ? -7.375  -13.953 1.899   1.00 30.08  ? 5500 ARG A CG    1 
ATOM   986  C  CD    . ARG A 1 122 ? -6.589  -15.249 1.954   1.00 32.88  ? 5500 ARG A CD    1 
ATOM   987  N  NE    . ARG A 1 122 ? -5.150  -15.018 1.970   1.00 31.78  ? 5500 ARG A NE    1 
ATOM   988  C  CZ    . ARG A 1 122 ? -4.430  -14.853 3.073   1.00 36.71  ? 5500 ARG A CZ    1 
ATOM   989  N  NH1   . ARG A 1 122 ? -5.013  -14.887 4.270   1.00 33.10  ? 5500 ARG A NH1   1 
ATOM   990  N  NH2   . ARG A 1 122 ? -3.119  -14.657 2.977   1.00 38.24  ? 5500 ARG A NH2   1 
ATOM   991  N  N     . ARG A 1 123 ? -10.286 -13.663 3.955   1.00 34.82  ? 5501 ARG A N     1 
ATOM   992  C  CA    . ARG A 1 123 ? -10.201 -13.503 5.402   1.00 33.68  ? 5501 ARG A CA    1 
ATOM   993  C  C     . ARG A 1 123 ? -8.745  -13.486 5.841   1.00 28.21  ? 5501 ARG A C     1 
ATOM   994  O  O     . ARG A 1 123 ? -7.923  -14.264 5.365   1.00 29.53  ? 5501 ARG A O     1 
ATOM   995  C  CB    . ARG A 1 123 ? -10.951 -14.613 6.135   1.00 40.01  ? 5501 ARG A CB    1 
ATOM   996  C  CG    . ARG A 1 123 ? -12.436 -14.682 5.812   1.00 44.14  ? 5501 ARG A CG    1 
ATOM   997  C  CD    . ARG A 1 123 ? -13.220 -15.230 7.004   1.00 48.93  ? 5501 ARG A CD    1 
ATOM   998  N  NE    . ARG A 1 123 ? -14.659 -15.252 6.752   1.00 55.24  ? 5501 ARG A NE    1 
ATOM   999  C  CZ    . ARG A 1 123 ? -15.406 -16.355 6.783   1.00 59.99  ? 5501 ARG A CZ    1 
ATOM   1000 N  NH1   . ARG A 1 123 ? -14.843 -17.523 7.063   1.00 63.54  ? 5501 ARG A NH1   1 
ATOM   1001 N  NH2   . ARG A 1 123 ? -16.713 -16.292 6.536   1.00 61.60  ? 5501 ARG A NH2   1 
ATOM   1002 N  N     . ILE A 1 124 ? -8.427  -12.569 6.735   1.00 23.96  ? 5502 ILE A N     1 
ATOM   1003 C  CA    . ILE A 1 124 ? -7.075  -12.450 7.241   1.00 24.53  ? 5502 ILE A CA    1 
ATOM   1004 C  C     . ILE A 1 124 ? -7.127  -12.592 8.754   1.00 28.60  ? 5502 ILE A C     1 
ATOM   1005 O  O     . ILE A 1 124 ? -7.850  -11.853 9.429   1.00 27.66  ? 5502 ILE A O     1 
ATOM   1006 C  CB    . ILE A 1 124 ? -6.441  -11.106 6.826   1.00 25.78  ? 5502 ILE A CB    1 
ATOM   1007 C  CG1   . ILE A 1 124 ? -6.524  -10.950 5.303   1.00 26.98  ? 5502 ILE A CG1   1 
ATOM   1008 C  CG2   . ILE A 1 124 ? -4.999  -11.020 7.271   1.00 27.13  ? 5502 ILE A CG2   1 
ATOM   1009 C  CD1   . ILE A 1 124 ? -5.947  -9.635  4.778   1.00 25.35  ? 5502 ILE A CD1   1 
ATOM   1010 N  N     . PRO A 1 125 ? -6.379  -13.565 9.292   1.00 27.51  ? 5503 PRO A N     1 
ATOM   1011 C  CA    . PRO A 1 125 ? -6.406  -13.792 10.738  1.00 28.21  ? 5503 PRO A CA    1 
ATOM   1012 C  C     . PRO A 1 125 ? -5.616  -12.724 11.472  1.00 27.72  ? 5503 PRO A C     1 
ATOM   1013 O  O     . PRO A 1 125 ? -4.726  -12.143 10.871  1.00 20.63  ? 5503 PRO A O     1 
ATOM   1014 C  CB    . PRO A 1 125 ? -5.742  -15.157 10.878  1.00 31.37  ? 5503 PRO A CB    1 
ATOM   1015 C  CG    . PRO A 1 125 ? -4.753  -15.191 9.749   1.00 29.97  ? 5503 PRO A CG    1 
ATOM   1016 C  CD    . PRO A 1 125 ? -5.394  -14.423 8.609   1.00 24.77  ? 5503 PRO A CD    1 
ATOM   1017 N  N     . LYS A 1 126 ? -5.931  -12.478 12.741  1.00 27.89  ? 5504 LYS A N     1 
ATOM   1018 C  CA    . LYS A 1 126 ? -5.122  -11.596 13.578  1.00 29.36  ? 5504 LYS A CA    1 
ATOM   1019 C  C     . LYS A 1 126 ? -3.653  -12.030 13.571  1.00 27.33  ? 5504 LYS A C     1 
ATOM   1020 O  O     . LYS A 1 126 ? -3.337  -13.215 13.688  1.00 26.60  ? 5504 LYS A O     1 
ATOM   1021 C  CB    . LYS A 1 126 ? -5.660  -11.574 15.016  1.00 28.61  ? 5504 LYS A CB    1 
ATOM   1022 C  CG    . LYS A 1 126 ? -4.681  -10.987 16.030  1.00 33.13  ? 5504 LYS A CG    1 
ATOM   1023 C  CD    . LYS A 1 126 ? -5.170  -11.141 17.464  1.00 32.65  ? 5504 LYS A CD    1 
ATOM   1024 C  CE    . LYS A 1 126 ? -6.277  -10.156 17.761  1.00 34.01  ? 5504 LYS A CE    1 
ATOM   1025 N  NZ    . LYS A 1 126 ? -6.631  -10.135 19.204  1.00 46.65  ? 5504 LYS A NZ    1 
ATOM   1026 N  N     . GLY A 1 127 ? -2.757  -11.070 13.392  1.00 28.05  ? 5505 GLY A N     1 
ATOM   1027 C  CA    . GLY A 1 127 ? -1.333  -11.358 13.373  1.00 28.00  ? 5505 GLY A CA    1 
ATOM   1028 C  C     . GLY A 1 127 ? -0.711  -11.718 12.036  1.00 25.11  ? 5505 GLY A C     1 
ATOM   1029 O  O     . GLY A 1 127 ? 0.508   -11.891 11.941  1.00 24.89  ? 5505 GLY A O     1 
ATOM   1030 N  N     . GLU A 1 128 ? -1.521  -11.834 10.992  1.00 25.74  ? 5506 GLU A N     1 
ATOM   1031 C  CA    . GLU A 1 128 ? -0.953  -12.089 9.679   1.00 25.96  ? 5506 GLU A CA    1 
ATOM   1032 C  C     . GLU A 1 128 ? -0.526  -10.767 9.061   1.00 28.38  ? 5506 GLU A C     1 
ATOM   1033 O  O     . GLU A 1 128 ? -1.190  -9.736  9.256   1.00 25.21  ? 5506 GLU A O     1 
ATOM   1034 C  CB    . GLU A 1 128 ? -1.948  -12.816 8.768   1.00 27.95  ? 5506 GLU A CB    1 
ATOM   1035 C  CG    . GLU A 1 128 ? -1.476  -12.929 7.324   1.00 29.01  ? 5506 GLU A CG    1 
ATOM   1036 C  CD    . GLU A 1 128 ? -2.236  -13.968 6.501   1.00 34.10  ? 5506 GLU A CD    1 
ATOM   1037 O  OE1   . GLU A 1 128 ? -2.154  -15.175 6.819   1.00 43.20  ? 5506 GLU A OE1   1 
ATOM   1038 O  OE2   . GLU A 1 128 ? -2.897  -13.585 5.510   1.00 38.20  ? 5506 GLU A OE2   1 
ATOM   1039 N  N     . GLU A 1 129 ? 0.579   -10.786 8.324   1.00 19.46  ? 5507 GLU A N     1 
ATOM   1040 C  CA    . GLU A 1 129 ? 1.075   -9.566  7.679   1.00 22.25  ? 5507 GLU A CA    1 
ATOM   1041 C  C     . GLU A 1 129 ? 0.203   -9.194  6.484   1.00 24.50  ? 5507 GLU A C     1 
ATOM   1042 O  O     . GLU A 1 129 ? -0.260  -10.072 5.738   1.00 20.87  ? 5507 GLU A O     1 
ATOM   1043 C  CB    . GLU A 1 129 ? 2.536   -9.729  7.226   1.00 22.97  ? 5507 GLU A CB    1 
ATOM   1044 C  CG    . GLU A 1 129 ? 3.088   -8.494  6.515   1.00 17.33  ? 5507 GLU A CG    1 
ATOM   1045 C  CD    . GLU A 1 129 ? 4.599   -8.440  6.507   1.00 22.45  ? 5507 GLU A CD    1 
ATOM   1046 O  OE1   . GLU A 1 129 ? 5.235   -9.482  6.828   1.00 22.39  ? 5507 GLU A OE1   1 
ATOM   1047 O  OE2   . GLU A 1 129 ? 5.157   -7.358  6.191   1.00 19.37  ? 5507 GLU A OE2   1 
ATOM   1048 N  N     . LEU A 1 130 ? -0.037  -7.896  6.314   1.00 19.74  ? 5508 LEU A N     1 
ATOM   1049 C  CA    . LEU A 1 130 ? -0.816  -7.420  5.175   1.00 20.37  ? 5508 LEU A CA    1 
ATOM   1050 C  C     . LEU A 1 130 ? 0.098   -7.101  3.993   1.00 20.60  ? 5508 LEU A C     1 
ATOM   1051 O  O     . LEU A 1 130 ? 1.139   -6.461  4.153   1.00 17.87  ? 5508 LEU A O     1 
ATOM   1052 C  CB    . LEU A 1 130 ? -1.628  -6.182  5.555   1.00 19.32  ? 5508 LEU A CB    1 
ATOM   1053 C  CG    . LEU A 1 130 ? -2.536  -6.260  6.783   1.00 19.94  ? 5508 LEU A CG    1 
ATOM   1054 C  CD1   . LEU A 1 130 ? -2.793  -4.882  7.317   1.00 21.83  ? 5508 LEU A CD1   1 
ATOM   1055 C  CD2   . LEU A 1 130 ? -3.845  -6.889  6.389   1.00 24.08  ? 5508 LEU A CD2   1 
ATOM   1056 N  N     . THR A 1 131 ? -0.298  -7.544  2.805   1.00 19.03  ? 5509 THR A N     1 
ATOM   1057 C  CA    . THR A 1 131 ? 0.451   -7.285  1.573   1.00 21.22  ? 5509 THR A CA    1 
ATOM   1058 C  C     . THR A 1 131 ? -0.487  -6.999  0.416   1.00 21.76  ? 5509 THR A C     1 
ATOM   1059 O  O     . THR A 1 131 ? -1.634  -7.429  0.426   1.00 24.87  ? 5509 THR A O     1 
ATOM   1060 C  CB    . THR A 1 131 ? 1.328   -8.477  1.175   1.00 21.61  ? 5509 THR A CB    1 
ATOM   1061 O  OG1   . THR A 1 131 ? 0.507   -9.646  1.129   1.00 26.06  ? 5509 THR A OG1   1 
ATOM   1062 C  CG2   . THR A 1 131 ? 2.436   -8.694  2.197   1.00 22.12  ? 5509 THR A CG2   1 
ATOM   1063 N  N     . TYR A 1 132 ? -0.005  -6.247  -0.566  1.00 20.65  ? 5510 TYR A N     1 
ATOM   1064 C  CA    . TYR A 1 132 ? -0.657  -6.180  -1.870  1.00 23.94  ? 5510 TYR A CA    1 
ATOM   1065 C  C     . TYR A 1 132 ? 0.423   -6.287  -2.947  1.00 24.91  ? 5510 TYR A C     1 
ATOM   1066 O  O     . TYR A 1 132 ? 1.608   -6.186  -2.648  1.00 26.11  ? 5510 TYR A O     1 
ATOM   1067 C  CB    . TYR A 1 132 ? -1.489  -4.894  -2.042  1.00 20.85  ? 5510 TYR A CB    1 
ATOM   1068 C  CG    . TYR A 1 132 ? -0.713  -3.611  -1.907  1.00 21.47  ? 5510 TYR A CG    1 
ATOM   1069 C  CD1   . TYR A 1 132 ? -0.558  -3.006  -0.668  1.00 27.10  ? 5510 TYR A CD1   1 
ATOM   1070 C  CD2   . TYR A 1 132 ? -0.177  -2.981  -3.010  1.00 24.48  ? 5510 TYR A CD2   1 
ATOM   1071 C  CE1   . TYR A 1 132 ? 0.141   -1.828  -0.526  1.00 23.08  ? 5510 TYR A CE1   1 
ATOM   1072 C  CE2   . TYR A 1 132 ? 0.534   -1.803  -2.885  1.00 22.91  ? 5510 TYR A CE2   1 
ATOM   1073 C  CZ    . TYR A 1 132 ? 0.692   -1.237  -1.638  1.00 24.47  ? 5510 TYR A CZ    1 
ATOM   1074 O  OH    . TYR A 1 132 ? 1.392   -0.068  -1.499  1.00 24.97  ? 5510 TYR A OH    1 
ATOM   1075 N  N     . ASP A 1 133 ? 0.016   -6.496  -4.196  1.00 25.77  ? 5511 ASP A N     1 
ATOM   1076 C  CA    . ASP A 1 133 ? 0.964   -6.588  -5.301  1.00 23.78  ? 5511 ASP A CA    1 
ATOM   1077 C  C     . ASP A 1 133 ? 1.307   -5.186  -5.766  1.00 27.81  ? 5511 ASP A C     1 
ATOM   1078 O  O     . ASP A 1 133 ? 0.444   -4.487  -6.301  1.00 26.68  ? 5511 ASP A O     1 
ATOM   1079 C  CB    . ASP A 1 133 ? 0.362   -7.417  -6.447  1.00 33.45  ? 5511 ASP A CB    1 
ATOM   1080 C  CG    . ASP A 1 133 ? 1.399   -7.860  -7.480  1.00 32.21  ? 5511 ASP A CG    1 
ATOM   1081 O  OD1   . ASP A 1 133 ? 2.257   -7.048  -7.884  1.00 29.26  ? 5511 ASP A OD1   1 
ATOM   1082 O  OD2   . ASP A 1 133 ? 1.354   -9.038  -7.891  1.00 41.88  ? 5511 ASP A OD2   1 
ATOM   1083 N  N     . TYR A 1 134 ? 2.556   -4.774  -5.673  1.00 21.28  ? 5512 TYR A N     1 
ATOM   1084 C  CA    . TYR A 1 134 ? 2.992   -3.467  -6.138  1.00 25.17  ? 5512 TYR A CA    1 
ATOM   1085 C  C     . TYR A 1 134 ? 2.769   -3.053  -7.609  1.00 41.39  ? 5512 TYR A C     1 
ATOM   1086 O  O     . TYR A 1 134 ? 2.697   -1.896  -7.887  1.00 49.79  ? 5512 TYR A O     1 
ATOM   1087 C  CB    . TYR A 1 134 ? 4.403   -3.162  -5.731  1.00 26.09  ? 5512 TYR A CB    1 
ATOM   1088 C  CG    . TYR A 1 134 ? 4.619   -2.842  -4.275  1.00 26.08  ? 5512 TYR A CG    1 
ATOM   1089 C  CD1   . TYR A 1 134 ? 3.656   -3.075  -3.306  1.00 22.21  ? 5512 TYR A CD1   1 
ATOM   1090 C  CD2   . TYR A 1 134 ? 5.794   -2.303  -3.880  1.00 24.51  ? 5512 TYR A CD2   1 
ATOM   1091 C  CE1   . TYR A 1 134 ? 3.895   -2.770  -1.990  1.00 24.54  ? 5512 TYR A CE1   1 
ATOM   1092 C  CE2   . TYR A 1 134 ? 6.031   -2.011  -2.589  1.00 27.66  ? 5512 TYR A CE2   1 
ATOM   1093 C  CZ    . TYR A 1 134 ? 5.090   -2.244  -1.655  1.00 24.15  ? 5512 TYR A CZ    1 
ATOM   1094 O  OH    . TYR A 1 134 ? 5.431   -1.951  -0.438  1.00 22.87  ? 5512 TYR A OH    1 
ATOM   1095 N  N     . GLN A 1 135 ? 2.621   -3.967  -8.539  1.00 37.47  ? 5513 GLN A N     1 
ATOM   1096 C  CA    . GLN A 1 135 ? 2.281   -3.582  -9.922  1.00 53.85  ? 5513 GLN A CA    1 
ATOM   1097 C  C     . GLN A 1 135 ? 3.392   -2.945  -10.724 1.00 67.54  ? 5513 GLN A C     1 
ATOM   1098 O  O     . GLN A 1 135 ? 3.283   -1.889  -11.313 1.00 72.35  ? 5513 GLN A O     1 
ATOM   1099 C  CB    . GLN A 1 135 ? 1.090   -2.625  -9.955  1.00 46.23  ? 5513 GLN A CB    1 
ATOM   1100 C  CG    . GLN A 1 135 ? -0.197  -3.102  -9.365  1.00 44.93  ? 5513 GLN A CG    1 
ATOM   1101 C  CD    . GLN A 1 135 ? -0.640  -4.394  -9.941  1.00 56.92  ? 5513 GLN A CD    1 
ATOM   1102 O  OE1   . GLN A 1 135 ? -1.661  -4.464  -10.606 1.00 61.09  ? 5513 GLN A OE1   1 
ATOM   1103 N  NE2   . GLN A 1 135 ? 0.108   -5.422  -9.689  1.00 57.71  ? 5513 GLN A NE2   1 
ATOM   1104 N  N     . PHE A 1 136 ? 4.487   -3.625  -10.719 1.00 68.95  ? 5514 PHE A N     1 
ATOM   1105 C  CA    . PHE A 1 136 ? 5.640   -3.301  -11.546 1.00 81.35  ? 5514 PHE A CA    1 
ATOM   1106 C  C     . PHE A 1 136 ? 5.470   -3.887  -12.942 1.00 89.45  ? 5514 PHE A C     1 
ATOM   1107 O  O     . PHE A 1 136 ? 5.563   -5.100  -13.129 1.00 89.74  ? 5514 PHE A O     1 
ATOM   1108 C  CB    . PHE A 1 136 ? 6.920   -3.826  -10.864 1.00 78.26  ? 5514 PHE A CB    1 
ATOM   1109 C  CG    . PHE A 1 136 ? 8.135   -3.902  -11.761 1.00 80.02  ? 5514 PHE A CG    1 
ATOM   1110 C  CD1   . PHE A 1 136 ? 8.631   -2.770  -12.401 1.00 84.27  ? 5514 PHE A CD1   1 
ATOM   1111 C  CD2   . PHE A 1 136 ? 8.820   -5.102  -11.906 1.00 72.95  ? 5514 PHE A CD2   1 
ATOM   1112 C  CE1   . PHE A 1 136 ? 9.763   -2.847  -13.211 1.00 81.85  ? 5514 PHE A CE1   1 
ATOM   1113 C  CE2   . PHE A 1 136 ? 9.953   -5.187  -12.708 1.00 74.17  ? 5514 PHE A CE2   1 
ATOM   1114 C  CZ    . PHE A 1 136 ? 10.426  -4.057  -13.363 1.00 79.41  ? 5514 PHE A CZ    1 
ATOM   1115 N  N     . ASP A 1 137 ? 5.195   -3.026  -13.916 1.00 94.50  ? 5515 ASP A N     1 
ATOM   1116 C  CA    . ASP A 1 137 ? 5.129   -3.446  -15.312 1.00 105.24 ? 5515 ASP A CA    1 
ATOM   1117 C  C     . ASP A 1 137 ? 6.537   -3.445  -15.919 1.00 107.31 ? 5515 ASP A C     1 
ATOM   1118 O  O     . ASP A 1 137 ? 7.403   -2.675  -15.492 1.00 104.53 ? 5515 ASP A O     1 
ATOM   1119 C  CB    . ASP A 1 137 ? 4.168   -2.546  -16.104 1.00 110.74 ? 5515 ASP A CB    1 
ATOM   1120 C  CG    . ASP A 1 137 ? 4.573   -1.078  -16.078 1.00 114.19 ? 5515 ASP A CG    1 
ATOM   1121 O  OD1   . ASP A 1 137 ? 5.529   -0.721  -15.357 1.00 118.40 ? 5515 ASP A OD1   1 
ATOM   1122 O  OD2   . ASP A 1 137 ? 3.924   -0.274  -16.778 1.00 110.30 ? 5515 ASP A OD2   1 
ATOM   1123 N  N     . PHE A 1 138 ? 6.772   -4.324  -16.891 1.00 112.11 ? 5516 PHE A N     1 
ATOM   1124 C  CA    . PHE A 1 138 ? 8.126   -4.506  -17.395 1.00 112.46 ? 5516 PHE A CA    1 
ATOM   1125 C  C     . PHE A 1 138 ? 8.560   -3.333  -18.256 1.00 113.17 ? 5516 PHE A C     1 
ATOM   1126 O  O     . PHE A 1 138 ? 9.745   -2.996  -18.281 1.00 118.32 ? 5516 PHE A O     1 
ATOM   1127 C  CB    . PHE A 1 138 ? 8.280   -5.827  -18.179 1.00 112.32 ? 5516 PHE A CB    1 
ATOM   1128 C  CG    . PHE A 1 138 ? 7.982   -5.719  -19.658 1.00 112.60 ? 5516 PHE A CG    1 
ATOM   1129 C  CD1   . PHE A 1 138 ? 6.673   -5.688  -20.122 1.00 110.83 ? 5516 PHE A CD1   1 
ATOM   1130 C  CD2   . PHE A 1 138 ? 9.016   -5.709  -20.589 1.00 105.30 ? 5516 PHE A CD2   1 
ATOM   1131 C  CE1   . PHE A 1 138 ? 6.401   -5.612  -21.485 1.00 106.53 ? 5516 PHE A CE1   1 
ATOM   1132 C  CE2   . PHE A 1 138 ? 8.751   -5.623  -21.948 1.00 98.05  ? 5516 PHE A CE2   1 
ATOM   1133 C  CZ    . PHE A 1 138 ? 7.442   -5.581  -22.393 1.00 103.75 ? 5516 PHE A CZ    1 
ATOM   1134 N  N     . GLU A 1 139 ? 7.615   -2.702  -18.914 1.00 112.14 ? 5517 GLU A N     1 
ATOM   1135 C  CA    . GLU A 1 139 ? 7.916   -1.566  -19.752 1.00 107.27 ? 5517 GLU A CA    1 
ATOM   1136 C  C     . GLU A 1 139 ? 8.700   -0.448  -19.074 1.00 106.12 ? 5517 GLU A C     1 
ATOM   1137 O  O     . GLU A 1 139 ? 8.151   0.628   -18.819 1.00 103.45 ? 5517 GLU A O     1 
ATOM   1138 C  CB    . GLU A 1 139 ? 6.646   -1.028  -20.357 1.00 102.43 ? 5517 GLU A CB    1 
ATOM   1139 C  CG    . GLU A 1 139 ? 5.658   -2.122  -20.704 1.00 96.09  ? 5517 GLU A CG    1 
ATOM   1140 C  CD    . GLU A 1 139 ? 5.200   -2.075  -22.122 1.00 90.01  ? 5517 GLU A CD    1 
ATOM   1141 O  OE1   . GLU A 1 139 ? 5.664   -1.195  -22.862 1.00 93.18  ? 5517 GLU A OE1   1 
ATOM   1142 O  OE2   . GLU A 1 139 ? 4.372   -2.926  -22.501 1.00 87.31  ? 5517 GLU A OE2   1 
ATOM   1143 N  N     . ASP A 1 140 ? 9.979   -0.716  -18.810 1.00 103.86 ? 5518 ASP A N     1 
ATOM   1144 C  CA    . ASP A 1 140 ? 10.883  0.262   -18.213 1.00 98.73  ? 5518 ASP A CA    1 
ATOM   1145 C  C     . ASP A 1 140 ? 10.189  1.064   -17.105 1.00 99.34  ? 5518 ASP A C     1 
ATOM   1146 O  O     . ASP A 1 140 ? 9.670   0.483   -16.151 1.00 95.32  ? 5518 ASP A O     1 
ATOM   1147 C  CB    . ASP A 1 140 ? 11.468  1.180   -19.297 1.00 93.50  ? 5518 ASP A CB    1 
ATOM   1148 C  CG    . ASP A 1 140 ? 12.490  2.154   -18.746 1.00 89.07  ? 5518 ASP A CG    1 
ATOM   1149 O  OD1   . ASP A 1 140 ? 12.091  3.260   -18.325 1.00 81.65  ? 5518 ASP A OD1   1 
ATOM   1150 O  OD2   . ASP A 1 140 ? 13.691  1.814   -18.731 1.00 86.78  ? 5518 ASP A OD2   1 
ATOM   1151 N  N     . ASP A 1 141 ? 10.180  2.389   -17.227 1.00 102.62 ? 5519 ASP A N     1 
ATOM   1152 C  CA    . ASP A 1 141 ? 9.551   3.249   -16.230 1.00 94.16  ? 5519 ASP A CA    1 
ATOM   1153 C  C     . ASP A 1 141 ? 10.425  3.365   -14.986 1.00 89.54  ? 5519 ASP A C     1 
ATOM   1154 O  O     . ASP A 1 141 ? 11.079  4.385   -14.768 1.00 86.37  ? 5519 ASP A O     1 
ATOM   1155 C  CB    . ASP A 1 141 ? 8.169   2.712   -15.853 1.00 91.50  ? 5519 ASP A CB    1 
ATOM   1156 C  CG    . ASP A 1 141 ? 7.271   3.781   -15.262 1.00 83.67  ? 5519 ASP A CG    1 
ATOM   1157 O  OD1   . ASP A 1 141 ? 6.960   4.760   -15.974 1.00 75.03  ? 5519 ASP A OD1   1 
ATOM   1158 O  OD2   . ASP A 1 141 ? 6.877   3.644   -14.085 1.00 83.87  ? 5519 ASP A OD2   1 
ATOM   1159 N  N     . GLN A 1 142 ? 10.487  2.290   -14.226 1.00 91.54  ? 5520 GLN A N     1 
ATOM   1160 C  CA    . GLN A 1 142 ? 11.252  2.270   -13.002 1.00 83.74  ? 5520 GLN A CA    1 
ATOM   1161 C  C     . GLN A 1 142 ? 12.461  1.362   -12.938 1.00 78.70  ? 5520 GLN A C     1 
ATOM   1162 O  O     . GLN A 1 142 ? 12.770  0.616   -13.850 1.00 76.97  ? 5520 GLN A O     1 
ATOM   1163 C  CB    . GLN A 1 142 ? 10.317  1.907   -11.860 1.00 79.89  ? 5520 GLN A CB    1 
ATOM   1164 C  CG    . GLN A 1 142 ? 9.106   2.790   -11.771 1.00 81.89  ? 5520 GLN A CG    1 
ATOM   1165 C  CD    . GLN A 1 142 ? 9.033   3.491   -10.440 1.00 79.95  ? 5520 GLN A CD    1 
ATOM   1166 O  OE1   . GLN A 1 142 ? 8.815   2.868   -9.416  1.00 79.72  ? 5520 GLN A OE1   1 
ATOM   1167 N  NE2   . GLN A 1 142 ? 9.239   4.797   -10.446 1.00 75.67  ? 5520 GLN A NE2   1 
ATOM   1168 N  N     . HIS A 1 143 ? 13.121  1.450   -11.805 1.00 73.13  ? 5521 HIS A N     1 
ATOM   1169 C  CA    . HIS A 1 143 ? 14.272  0.668   -11.482 1.00 68.91  ? 5521 HIS A CA    1 
ATOM   1170 C  C     . HIS A 1 143 ? 13.654  -0.581  -10.928 1.00 66.73  ? 5521 HIS A C     1 
ATOM   1171 O  O     . HIS A 1 143 ? 12.515  -0.828  -11.199 1.00 73.53  ? 5521 HIS A O     1 
ATOM   1172 C  CB    . HIS A 1 143 ? 15.117  1.380   -10.464 1.00 69.82  ? 5521 HIS A CB    1 
ATOM   1173 C  CG    . HIS A 1 143 ? 14.301  2.092   -9.463  1.00 79.61  ? 5521 HIS A CG    1 
ATOM   1174 N  ND1   . HIS A 1 143 ? 13.796  1.464   -8.348  1.00 81.45  ? 5521 HIS A ND1   1 
ATOM   1175 C  CD2   . HIS A 1 143 ? 14.020  3.402   -9.329  1.00 82.86  ? 5521 HIS A CD2   1 
ATOM   1176 C  CE1   . HIS A 1 143 ? 13.174  2.355   -7.601  1.00 79.62  ? 5521 HIS A CE1   1 
ATOM   1177 N  NE2   . HIS A 1 143 ? 13.308  3.540   -8.167  1.00 82.70  ? 5521 HIS A NE2   1 
ATOM   1178 N  N     . GLU A 1 144 ? 14.381  -1.361  -10.175 1.00 49.79  ? 5522 GLU A N     1 
ATOM   1179 C  CA    . GLU A 1 144 ? 13.949  -2.663  -9.703  1.00 48.14  ? 5522 GLU A CA    1 
ATOM   1180 C  C     . GLU A 1 144 ? 15.002  -3.262  -8.791  1.00 49.21  ? 5522 GLU A C     1 
ATOM   1181 O  O     . GLU A 1 144 ? 16.203  -3.120  -9.023  1.00 40.54  ? 5522 GLU A O     1 
ATOM   1182 C  CB    . GLU A 1 144 ? 13.638  -3.624  -10.857 1.00 55.20  ? 5522 GLU A CB    1 
ATOM   1183 C  CG    . GLU A 1 144 ? 14.822  -4.134  -11.651 1.00 58.89  ? 5522 GLU A CG    1 
ATOM   1184 C  CD    . GLU A 1 144 ? 14.414  -5.251  -12.595 1.00 65.92  ? 5522 GLU A CD    1 
ATOM   1185 O  OE1   . GLU A 1 144 ? 15.281  -5.781  -13.323 1.00 63.83  ? 5522 GLU A OE1   1 
ATOM   1186 O  OE2   . GLU A 1 144 ? 13.210  -5.592  -12.606 1.00 70.60  ? 5522 GLU A OE2   1 
ATOM   1187 N  N     . ILE A 1 145 ? 14.512  -3.919  -7.744  1.00 44.09  ? 5523 ILE A N     1 
ATOM   1188 C  CA    . ILE A 1 145 ? 15.329  -4.563  -6.721  1.00 37.77  ? 5523 ILE A CA    1 
ATOM   1189 C  C     . ILE A 1 145 ? 14.877  -6.000  -6.553  1.00 33.22  ? 5523 ILE A C     1 
ATOM   1190 O  O     . ILE A 1 145 ? 13.783  -6.354  -6.986  1.00 35.42  ? 5523 ILE A O     1 
ATOM   1191 C  CB    . ILE A 1 145 ? 15.207  -3.849  -5.360  1.00 35.59  ? 5523 ILE A CB    1 
ATOM   1192 C  CG1   . ILE A 1 145 ? 13.750  -3.907  -4.889  1.00 30.84  ? 5523 ILE A CG1   1 
ATOM   1193 C  CG2   . ILE A 1 145 ? 15.744  -2.424  -5.446  1.00 39.21  ? 5523 ILE A CG2   1 
ATOM   1194 C  CD1   . ILE A 1 145 ? 13.547  -3.534  -3.445  1.00 37.91  ? 5523 ILE A CD1   1 
ATOM   1195 N  N     . PRO A 1 146 ? 15.715  -6.841  -5.923  1.00 31.57  ? 5524 PRO A N     1 
ATOM   1196 C  CA    . PRO A 1 146 ? 15.292  -8.206  -5.585  1.00 29.39  ? 5524 PRO A CA    1 
ATOM   1197 C  C     . PRO A 1 146 ? 14.033  -8.259  -4.722  1.00 32.96  ? 5524 PRO A C     1 
ATOM   1198 O  O     . PRO A 1 146 ? 13.876  -7.468  -3.777  1.00 28.27  ? 5524 PRO A O     1 
ATOM   1199 C  CB    . PRO A 1 146 ? 16.488  -8.765  -4.803  1.00 33.43  ? 5524 PRO A CB    1 
ATOM   1200 C  CG    . PRO A 1 146 ? 17.670  -7.975  -5.287  1.00 33.22  ? 5524 PRO A CG    1 
ATOM   1201 C  CD    . PRO A 1 146 ? 17.152  -6.613  -5.658  1.00 31.46  ? 5524 PRO A CD    1 
ATOM   1202 N  N     . CYS A 1 147 ? 13.143  -9.190  -5.047  1.00 29.36  ? 5525 CYS A N     1 
ATOM   1203 C  CA    . CYS A 1 147 ? 11.970  -9.427  -4.226  1.00 32.25  ? 5525 CYS A CA    1 
ATOM   1204 C  C     . CYS A 1 147 ? 12.272  -10.552 -3.249  1.00 36.01  ? 5525 CYS A C     1 
ATOM   1205 O  O     . CYS A 1 147 ? 12.850  -11.587 -3.617  1.00 31.72  ? 5525 CYS A O     1 
ATOM   1206 C  CB    . CYS A 1 147 ? 10.757  -9.777  -5.086  1.00 35.71  ? 5525 CYS A CB    1 
ATOM   1207 S  SG    . CYS A 1 147 ? 9.245   -10.067 -4.137  1.00 32.14  ? 5525 CYS A SG    1 
ATOM   1208 N  N     . HIS A 1 148 ? 11.893  -10.339 -1.997  1.00 27.82  ? 5526 HIS A N     1 
ATOM   1209 C  CA    . HIS A 1 148 ? 12.164  -11.300 -0.939  1.00 30.42  ? 5526 HIS A CA    1 
ATOM   1210 C  C     . HIS A 1 148 ? 10.866  -11.673 -0.250  1.00 27.41  ? 5526 HIS A C     1 
ATOM   1211 O  O     . HIS A 1 148 ? 10.858  -11.955 0.942   1.00 28.71  ? 5526 HIS A O     1 
ATOM   1212 C  CB    . HIS A 1 148 ? 13.164  -10.732 0.086   1.00 29.32  ? 5526 HIS A CB    1 
ATOM   1213 C  CG    . HIS A 1 148 ? 14.541  -10.526 -0.464  1.00 31.09  ? 5526 HIS A CG    1 
ATOM   1214 N  ND1   . HIS A 1 148 ? 15.253  -11.531 -1.085  1.00 35.73  ? 5526 HIS A ND1   1 
ATOM   1215 C  CD2   . HIS A 1 148 ? 15.339  -9.433  -0.481  1.00 32.23  ? 5526 HIS A CD2   1 
ATOM   1216 C  CE1   . HIS A 1 148 ? 16.428  -11.062 -1.471  1.00 34.14  ? 5526 HIS A CE1   1 
ATOM   1217 N  NE2   . HIS A 1 148 ? 16.503  -9.790  -1.125  1.00 36.04  ? 5526 HIS A NE2   1 
ATOM   1218 N  N     . CYS A 1 149 ? 9.769   -11.666 -1.004  1.00 30.64  ? 5527 CYS A N     1 
ATOM   1219 C  CA    . CYS A 1 149 ? 8.451   -11.928 -0.429  1.00 30.29  ? 5527 CYS A CA    1 
ATOM   1220 C  C     . CYS A 1 149 ? 8.325   -13.381 0.000   1.00 33.62  ? 5527 CYS A C     1 
ATOM   1221 O  O     . CYS A 1 149 ? 7.516   -13.714 0.871   1.00 31.19  ? 5527 CYS A O     1 
ATOM   1222 C  CB    . CYS A 1 149 ? 7.329   -11.567 -1.416  1.00 30.50  ? 5527 CYS A CB    1 
ATOM   1223 S  SG    . CYS A 1 149 ? 6.989   -12.727 -2.806  1.00 30.45  ? 5527 CYS A SG    1 
ATOM   1224 N  N     . GLY A 1 150 ? 9.124   -14.241 -0.629  1.00 38.26  ? 5528 GLY A N     1 
ATOM   1225 C  CA    . GLY A 1 150 ? 9.217   -15.641 -0.250  1.00 38.78  ? 5528 GLY A CA    1 
ATOM   1226 C  C     . GLY A 1 150 ? 8.091   -16.548 -0.718  1.00 43.37  ? 5528 GLY A C     1 
ATOM   1227 O  O     . GLY A 1 150 ? 8.019   -17.703 -0.296  1.00 41.98  ? 5528 GLY A O     1 
ATOM   1228 N  N     . ALA A 1 151 ? 7.211   -16.043 -1.581  1.00 41.02  ? 5529 ALA A N     1 
ATOM   1229 C  CA    . ALA A 1 151 ? 6.095   -16.857 -2.058  1.00 43.30  ? 5529 ALA A CA    1 
ATOM   1230 C  C     . ALA A 1 151 ? 6.548   -17.788 -3.173  1.00 41.84  ? 5529 ALA A C     1 
ATOM   1231 O  O     . ALA A 1 151 ? 7.584   -17.565 -3.802  1.00 41.72  ? 5529 ALA A O     1 
ATOM   1232 C  CB    . ALA A 1 151 ? 4.952   -15.986 -2.532  1.00 40.56  ? 5529 ALA A CB    1 
ATOM   1233 N  N     . TRP A 1 152 ? 5.755   -18.828 -3.406  1.00 43.60  ? 5530 TRP A N     1 
ATOM   1234 C  CA    . TRP A 1 152 ? 6.078   -19.873 -4.373  1.00 45.71  ? 5530 TRP A CA    1 
ATOM   1235 C  C     . TRP A 1 152 ? 6.247   -19.332 -5.785  1.00 46.90  ? 5530 TRP A C     1 
ATOM   1236 O  O     . TRP A 1 152 ? 7.118   -19.782 -6.526  1.00 44.63  ? 5530 TRP A O     1 
ATOM   1237 C  CB    . TRP A 1 152 ? 4.987   -20.944 -4.366  1.00 52.65  ? 5530 TRP A CB    1 
ATOM   1238 C  CG    . TRP A 1 152 ? 3.651   -20.395 -4.764  1.00 52.50  ? 5530 TRP A CG    1 
ATOM   1239 C  CD1   . TRP A 1 152 ? 2.770   -19.723 -3.963  1.00 51.23  ? 5530 TRP A CD1   1 
ATOM   1240 C  CD2   . TRP A 1 152 ? 3.050   -20.452 -6.066  1.00 52.12  ? 5530 TRP A CD2   1 
ATOM   1241 N  NE1   . TRP A 1 152 ? 1.658   -19.363 -4.684  1.00 56.95  ? 5530 TRP A NE1   1 
ATOM   1242 C  CE2   . TRP A 1 152 ? 1.802   -19.796 -5.976  1.00 57.31  ? 5530 TRP A CE2   1 
ATOM   1243 C  CE3   . TRP A 1 152 ? 3.444   -20.997 -7.297  1.00 53.05  ? 5530 TRP A CE3   1 
ATOM   1244 C  CZ2   . TRP A 1 152 ? 0.939   -19.671 -7.076  1.00 57.17  ? 5530 TRP A CZ2   1 
ATOM   1245 C  CZ3   . TRP A 1 152 ? 2.583   -20.868 -8.394  1.00 53.06  ? 5530 TRP A CZ3   1 
ATOM   1246 C  CH2   . TRP A 1 152 ? 1.346   -20.210 -8.270  1.00 53.40  ? 5530 TRP A CH2   1 
ATOM   1247 N  N     . ASN A 1 153 ? 5.413   -18.367 -6.161  1.00 46.31  ? 5531 ASN A N     1 
ATOM   1248 C  CA    . ASN A 1 153 ? 5.443   -17.846 -7.522  1.00 45.52  ? 5531 ASN A CA    1 
ATOM   1249 C  C     . ASN A 1 153 ? 6.175   -16.520 -7.627  1.00 45.02  ? 5531 ASN A C     1 
ATOM   1250 O  O     . ASN A 1 153 ? 5.991   -15.781 -8.592  1.00 47.39  ? 5531 ASN A O     1 
ATOM   1251 C  CB    . ASN A 1 153 ? 4.022   -17.683 -8.064  1.00 49.54  ? 5531 ASN A CB    1 
ATOM   1252 C  CG    . ASN A 1 153 ? 3.259   -16.584 -7.367  1.00 48.68  ? 5531 ASN A CG    1 
ATOM   1253 O  OD1   . ASN A 1 153 ? 3.433   -16.360 -6.171  1.00 48.23  ? 5531 ASN A OD1   1 
ATOM   1254 N  ND2   . ASN A 1 153 ? 2.407   -15.887 -8.113  1.00 49.43  ? 5531 ASN A ND2   1 
ATOM   1255 N  N     . CYS A 1 154 ? 7.005   -16.226 -6.634  1.00 44.13  ? 5532 CYS A N     1 
ATOM   1256 C  CA    . CYS A 1 154 ? 7.710   -14.954 -6.575  1.00 41.32  ? 5532 CYS A CA    1 
ATOM   1257 C  C     . CYS A 1 154 ? 8.484   -14.680 -7.859  1.00 44.35  ? 5532 CYS A C     1 
ATOM   1258 O  O     . CYS A 1 154 ? 9.289   -15.495 -8.304  1.00 51.94  ? 5532 CYS A O     1 
ATOM   1259 C  CB    . CYS A 1 154 ? 8.653   -14.917 -5.366  1.00 41.37  ? 5532 CYS A CB    1 
ATOM   1260 S  SG    . CYS A 1 154 ? 9.781   -13.490 -5.327  1.00 33.71  ? 5532 CYS A SG    1 
ATOM   1261 N  N     . ARG A 1 155 ? 8.217   -13.520 -8.445  1.00 41.46  ? 5533 ARG A N     1 
ATOM   1262 C  CA    . ARG A 1 155 ? 8.853   -13.087 -9.672  1.00 42.73  ? 5533 ARG A CA    1 
ATOM   1263 C  C     . ARG A 1 155 ? 10.273  -12.564 -9.414  1.00 46.40  ? 5533 ARG A C     1 
ATOM   1264 O  O     . ARG A 1 155 ? 10.913  -12.026 -10.314 1.00 46.83  ? 5533 ARG A O     1 
ATOM   1265 C  CB    . ARG A 1 155 ? 7.989   -12.024 -10.341 1.00 49.55  ? 5533 ARG A CB    1 
ATOM   1266 C  CG    . ARG A 1 155 ? 6.526   -12.081 -9.894  1.00 54.97  ? 5533 ARG A CG    1 
ATOM   1267 C  CD    . ARG A 1 155 ? 5.596   -11.349 -10.854 1.00 60.72  ? 5533 ARG A CD    1 
ATOM   1268 N  NE    . ARG A 1 155 ? 5.699   -11.891 -12.208 1.00 78.27  ? 5533 ARG A NE    1 
ATOM   1269 C  CZ    . ARG A 1 155 ? 5.228   -11.295 -13.301 1.00 81.69  ? 5533 ARG A CZ    1 
ATOM   1270 N  NH1   . ARG A 1 155 ? 5.373   -11.869 -14.488 1.00 77.08  ? 5533 ARG A NH1   1 
ATOM   1271 N  NH2   . ARG A 1 155 ? 4.608   -10.125 -13.210 1.00 82.07  ? 5533 ARG A NH2   1 
ATOM   1272 N  N     . LYS A 1 156 ? 10.739  -12.713 -8.172  1.00 41.42  ? 5534 LYS A N     1 
ATOM   1273 C  CA    . LYS A 1 156 ? 12.135  -12.481 -7.770  1.00 38.80  ? 5534 LYS A CA    1 
ATOM   1274 C  C     . LYS A 1 156 ? 12.635  -11.062 -7.959  1.00 36.65  ? 5534 LYS A C     1 
ATOM   1275 O  O     . LYS A 1 156 ? 13.749  -10.736 -7.550  1.00 37.23  ? 5534 LYS A O     1 
ATOM   1276 C  CB    . LYS A 1 156 ? 13.065  -13.448 -8.513  1.00 42.96  ? 5534 LYS A CB    1 
ATOM   1277 C  CG    . LYS A 1 156 ? 12.983  -14.865 -7.995  1.00 41.91  ? 5534 LYS A CG    1 
ATOM   1278 C  CD    . LYS A 1 156 ? 13.571  -14.964 -6.589  1.00 49.49  ? 5534 LYS A CD    1 
ATOM   1279 C  CE    . LYS A 1 156 ? 13.226  -16.298 -5.927  1.00 47.93  ? 5534 LYS A CE    1 
ATOM   1280 N  NZ    . LYS A 1 156 ? 13.564  -17.467 -6.785  1.00 54.27  ? 5534 LYS A NZ    1 
ATOM   1281 N  N     . TRP A 1 157 ? 11.815  -10.216 -8.567  1.00 35.77  ? 5535 TRP A N     1 
ATOM   1282 C  CA    . TRP A 1 157 ? 12.144  -8.811  -8.723  1.00 39.36  ? 5535 TRP A CA    1 
ATOM   1283 C  C     . TRP A 1 157 ? 10.897  -7.980  -8.458  1.00 36.68  ? 5535 TRP A C     1 
ATOM   1284 O  O     . TRP A 1 157 ? 9.781   -8.484  -8.556  1.00 36.36  ? 5535 TRP A O     1 
ATOM   1285 C  CB    . TRP A 1 157 ? 12.707  -8.521  -10.124 1.00 42.62  ? 5535 TRP A CB    1 
ATOM   1286 C  CG    . TRP A 1 157 ? 14.034  -9.201  -10.386 1.00 49.59  ? 5535 TRP A CG    1 
ATOM   1287 C  CD1   . TRP A 1 157 ? 14.232  -10.439 -10.932 1.00 50.35  ? 5535 TRP A CD1   1 
ATOM   1288 C  CD2   . TRP A 1 157 ? 15.342  -8.679  -10.094 1.00 48.59  ? 5535 TRP A CD2   1 
ATOM   1289 N  NE1   . TRP A 1 157 ? 15.579  -10.719 -10.998 1.00 50.20  ? 5535 TRP A NE1   1 
ATOM   1290 C  CE2   . TRP A 1 157 ? 16.280  -9.660  -10.487 1.00 50.28  ? 5535 TRP A CE2   1 
ATOM   1291 C  CE3   . TRP A 1 157 ? 15.808  -7.484  -9.534  1.00 45.34  ? 5535 TRP A CE3   1 
ATOM   1292 C  CZ2   . TRP A 1 157 ? 17.658  -9.473  -10.343 1.00 49.86  ? 5535 TRP A CZ2   1 
ATOM   1293 C  CZ3   . TRP A 1 157 ? 17.182  -7.305  -9.389  1.00 44.83  ? 5535 TRP A CZ3   1 
ATOM   1294 C  CH2   . TRP A 1 157 ? 18.085  -8.292  -9.798  1.00 44.84  ? 5535 TRP A CH2   1 
ATOM   1295 N  N     . MET A 1 158 ? 11.105  -6.714  -8.120  1.00 36.10  ? 5536 MET A N     1 
ATOM   1296 C  CA    . MET A 1 158 ? 10.025  -5.785  -7.838  1.00 39.86  ? 5536 MET A CA    1 
ATOM   1297 C  C     . MET A 1 158 ? 10.552  -4.382  -8.055  1.00 46.57  ? 5536 MET A C     1 
ATOM   1298 O  O     . MET A 1 158 ? 11.751  -4.192  -8.216  1.00 48.80  ? 5536 MET A O     1 
ATOM   1299 C  CB    . MET A 1 158 ? 9.544   -5.928  -6.407  1.00 35.70  ? 5536 MET A CB    1 
ATOM   1300 C  CG    . MET A 1 158 ? 10.591  -5.410  -5.438  1.00 37.27  ? 5536 MET A CG    1 
ATOM   1301 S  SD    . MET A 1 158 ? 10.085  -5.379  -3.730  1.00 38.29  ? 5536 MET A SD    1 
ATOM   1302 C  CE    . MET A 1 158 ? 8.931   -4.014  -3.716  1.00 30.80  ? 5536 MET A CE    1 
ATOM   1303 N  N     . LYS A 1 159 ? 9.663   -3.397  -8.048  1.00 47.12  ? 5537 LYS A N     1 
ATOM   1304 C  CA    . LYS A 1 159 ? 10.067  -1.998  -8.110  1.00 48.40  ? 5537 LYS A CA    1 
ATOM   1305 C  C     . LYS A 1 159 ? 10.306  -1.465  -6.696  1.00 46.97  ? 5537 LYS A C     1 
ATOM   1306 O  O     . LYS A 1 159 ? 9.517   -1.751  -5.800  1.00 37.01  ? 5537 LYS A O     1 
ATOM   1307 C  CB    . LYS A 1 159 ? 8.991   -1.174  -8.810  1.00 54.03  ? 5537 LYS A CB    1 
ATOM   1308 C  CG    . LYS A 1 159 ? 7.582   -1.519  -8.338  1.00 54.97  ? 5537 LYS A CG    1 
ATOM   1309 C  CD    . LYS A 1 159 ? 6.608   -0.349  -8.483  1.00 60.57  ? 5537 LYS A CD    1 
ATOM   1310 C  CE    . LYS A 1 159 ? 7.170   0.939   -7.893  1.00 64.44  ? 5537 LYS A CE    1 
ATOM   1311 N  NZ    . LYS A 1 159 ? 6.089   1.854   -7.421  1.00 68.48  ? 5537 LYS A NZ    1 
ATOM   1312 N  N     . GLY A 1 160 ? 11.381  -0.697  -6.494  1.00 46.40  ? 5538 GLY A N     1 
ATOM   1313 C  CA    . GLY A 1 160 ? 11.684  -0.152  -5.176  1.00 46.84  ? 5538 GLY A CA    1 
ATOM   1314 C  C     . GLY A 1 160 ? 13.109  0.338   -4.936  1.00 49.43  ? 5538 GLY A C     1 
ATOM   1315 O  O     . GLY A 1 160 ? 13.807  0.703   -5.882  1.00 49.01  ? 5538 GLY A O     1 
ATOM   1316 N  N     . HIS A 1 161 ? 13.521  0.363   -3.662  1.00 47.33  ? 5539 HIS A N     1 
ATOM   1317 C  CA    . HIS A 1 161 ? 14.849  0.845   -3.230  1.00 50.15  ? 5539 HIS A CA    1 
ATOM   1318 C  C     . HIS A 1 161 ? 15.362  0.107   -1.988  1.00 47.74  ? 5539 HIS A C     1 
ATOM   1319 O  O     . HIS A 1 161 ? 14.599  -0.577  -1.316  1.00 47.29  ? 5539 HIS A O     1 
ATOM   1320 C  CB    . HIS A 1 161 ? 14.817  2.339   -2.905  1.00 51.46  ? 5539 HIS A CB    1 
ATOM   1321 C  CG    . HIS A 1 161 ? 14.255  3.197   -3.996  1.00 58.23  ? 5539 HIS A CG    1 
ATOM   1322 N  ND1   . HIS A 1 161 ? 12.905  3.251   -4.282  1.00 56.29  ? 5539 HIS A ND1   1 
ATOM   1323 C  CD2   . HIS A 1 161 ? 14.854  4.060   -4.848  1.00 57.99  ? 5539 HIS A CD2   1 
ATOM   1324 C  CE1   . HIS A 1 161 ? 12.703  4.095   -5.276  1.00 58.83  ? 5539 HIS A CE1   1 
ATOM   1325 N  NE2   . HIS A 1 161 ? 13.866  4.602   -5.637  1.00 61.02  ? 5539 HIS A NE2   1 
ATOM   1326 N  N     . HIS A 1 162 ? 16.642  0.279   -1.657  1.00 54.44  ? 5540 HIS A N     1 
ATOM   1327 C  CA    . HIS A 1 162 ? 17.191  -0.251  -0.401  1.00 52.97  ? 5540 HIS A CA    1 
ATOM   1328 C  C     . HIS A 1 162 ? 17.190  0.802   0.704   1.00 56.33  ? 5540 HIS A C     1 
ATOM   1329 O  O     . HIS A 1 162 ? 18.234  1.373   1.031   1.00 60.89  ? 5540 HIS A O     1 
ATOM   1330 C  CB    . HIS A 1 162 ? 18.618  -0.778  -0.593  1.00 46.62  ? 5540 HIS A CB    1 
ATOM   1331 C  CG    . HIS A 1 162 ? 18.763  -1.719  -1.745  1.00 45.46  ? 5540 HIS A CG    1 
ATOM   1332 N  ND1   . HIS A 1 162 ? 18.321  -3.027  -1.699  1.00 50.28  ? 5540 HIS A ND1   1 
ATOM   1333 C  CD2   . HIS A 1 162 ? 19.299  -1.547  -2.976  1.00 49.14  ? 5540 HIS A CD2   1 
ATOM   1334 C  CE1   . HIS A 1 162 ? 18.577  -3.615  -2.854  1.00 44.68  ? 5540 HIS A CE1   1 
ATOM   1335 N  NE2   . HIS A 1 162 ? 19.171  -2.743  -3.645  1.00 51.15  ? 5540 HIS A NE2   1 
HETATM 1336 ZN ZN    . ZN  B 2 .   ? 8.085   -11.931 -4.583  1.00 33.39  ? 5601 ZN  A ZN    1 
HETATM 1337 N  N     . SAH C 3 .   ? 9.373   -2.423  4.459   1.00 22.47  ? 5602 SAH A N     1 
HETATM 1338 C  CA    . SAH C 3 .   ? 9.339   -1.000  4.178   1.00 24.56  ? 5602 SAH A CA    1 
HETATM 1339 C  CB    . SAH C 3 .   ? 7.898   -0.563  3.944   1.00 23.25  ? 5602 SAH A CB    1 
HETATM 1340 C  CG    . SAH C 3 .   ? 7.410   -1.007  2.571   1.00 20.80  ? 5602 SAH A CG    1 
HETATM 1341 S  SD    . SAH C 3 .   ? 7.510   0.346   1.446   1.00 23.14  ? 5602 SAH A SD    1 
HETATM 1342 C  C     . SAH C 3 .   ? 9.906   -0.248  5.345   1.00 25.70  ? 5602 SAH A C     1 
HETATM 1343 O  O     . SAH C 3 .   ? 10.241  -0.891  6.364   1.00 25.24  ? 5602 SAH A O     1 
HETATM 1344 O  OXT   . SAH C 3 .   ? 10.022  0.993   5.256   1.00 24.40  ? 5602 SAH A OXT   1 
HETATM 1345 C  "C5'" . SAH C 3 .   ? 8.285   -0.448  0.078   1.00 21.93  ? 5602 SAH A "C5'" 1 
HETATM 1346 C  "C4'" . SAH C 3 .   ? 9.747   -0.719  0.410   1.00 22.75  ? 5602 SAH A "C4'" 1 
HETATM 1347 O  "O4'" . SAH C 3 .   ? 9.854   -1.920  1.179   1.00 25.66  ? 5602 SAH A "O4'" 1 
HETATM 1348 C  "C3'" . SAH C 3 .   ? 10.575  -0.900  -0.852  1.00 26.59  ? 5602 SAH A "C3'" 1 
HETATM 1349 O  "O3'" . SAH C 3 .   ? 11.616  0.082   -0.902  1.00 27.19  ? 5602 SAH A "O3'" 1 
HETATM 1350 C  "C2'" . SAH C 3 .   ? 11.175  -2.289  -0.773  1.00 28.69  ? 5602 SAH A "C2'" 1 
HETATM 1351 O  "O2'" . SAH C 3 .   ? 12.603  -2.207  -0.770  1.00 32.59  ? 5602 SAH A "O2'" 1 
HETATM 1352 C  "C1'" . SAH C 3 .   ? 10.685  -2.890  0.535   1.00 23.88  ? 5602 SAH A "C1'" 1 
HETATM 1353 N  N9    . SAH C 3 .   ? 9.899   -4.118  0.258   1.00 25.28  ? 5602 SAH A N9    1 
HETATM 1354 C  C8    . SAH C 3 .   ? 8.566   -4.248  0.397   1.00 21.19  ? 5602 SAH A C8    1 
HETATM 1355 N  N7    . SAH C 3 .   ? 8.157   -5.497  0.061   1.00 23.86  ? 5602 SAH A N7    1 
HETATM 1356 C  C5    . SAH C 3 .   ? 9.247   -6.195  -0.302  1.00 21.76  ? 5602 SAH A C5    1 
HETATM 1357 C  C6    . SAH C 3 .   ? 9.527   -7.574  -0.770  1.00 22.80  ? 5602 SAH A C6    1 
HETATM 1358 N  N6    . SAH C 3 .   ? 8.530   -8.479  -0.918  1.00 21.47  ? 5602 SAH A N6    1 
HETATM 1359 N  N1    . SAH C 3 .   ? 10.811  -7.897  -1.044  1.00 24.77  ? 5602 SAH A N1    1 
HETATM 1360 C  C2    . SAH C 3 .   ? 11.810  -7.007  -0.900  1.00 26.48  ? 5602 SAH A C2    1 
HETATM 1361 N  N3    . SAH C 3 .   ? 11.630  -5.741  -0.480  1.00 24.54  ? 5602 SAH A N3    1 
HETATM 1362 C  C4    . SAH C 3 .   ? 10.393  -5.282  -0.171  1.00 27.14  ? 5602 SAH A C4    1 
HETATM 1363 O  O     . HOH D 4 .   ? -5.072  10.492  -12.570 1.00 34.31  ? 5701 HOH A O     1 
HETATM 1364 O  O     . HOH D 4 .   ? 16.151  -4.536  3.994   1.00 25.12  ? 5702 HOH A O     1 
HETATM 1365 O  O     . HOH D 4 .   ? 15.299  -13.658 -2.098  1.00 38.71  ? 5703 HOH A O     1 
HETATM 1366 O  O     . HOH D 4 .   ? -8.594  -16.190 12.534  1.00 39.41  ? 5704 HOH A O     1 
HETATM 1367 O  O     . HOH D 4 .   ? 4.440   2.809   0.340   1.00 22.56  ? 5705 HOH A O     1 
HETATM 1368 O  O     . HOH D 4 .   ? 11.368  8.711   4.400   1.00 27.21  ? 5706 HOH A O     1 
HETATM 1369 O  O     . HOH D 4 .   ? 8.722   -0.227  -3.983  1.00 39.27  ? 5707 HOH A O     1 
HETATM 1370 O  O     . HOH D 4 .   ? 2.328   -12.888 8.030   1.00 29.95  ? 5708 HOH A O     1 
HETATM 1371 O  O     . HOH D 4 .   ? -12.988 -1.389  7.776   1.00 30.42  ? 5709 HOH A O     1 
HETATM 1372 O  O     . HOH D 4 .   ? -2.754  -15.012 0.483   1.00 47.02  ? 5710 HOH A O     1 
HETATM 1373 O  O     . HOH D 4 .   ? -9.722  4.796   13.785  1.00 38.67  ? 5711 HOH A O     1 
HETATM 1374 O  O     . HOH D 4 .   ? -15.115 -3.443  0.509   1.00 28.60  ? 5712 HOH A O     1 
HETATM 1375 O  O     . HOH D 4 .   ? -0.026  6.221   3.214   1.00 18.01  ? 5713 HOH A O     1 
HETATM 1376 O  O     . HOH D 4 .   ? -8.921  6.836   5.846   1.00 32.92  ? 5714 HOH A O     1 
HETATM 1377 O  O     . HOH D 4 .   ? 0.786   -11.821 2.572   1.00 38.10  ? 5715 HOH A O     1 
HETATM 1378 O  O     . HOH D 4 .   ? 2.472   0.216   0.890   1.00 26.82  ? 5716 HOH A O     1 
HETATM 1379 O  O     . HOH D 4 .   ? -21.767 0.871   -2.620  1.00 37.17  ? 5717 HOH A O     1 
HETATM 1380 O  O     . HOH D 4 .   ? 4.520   -13.422 0.545   1.00 35.06  ? 5718 HOH A O     1 
HETATM 1381 O  O     . HOH D 4 .   ? -15.213 -0.427  6.332   1.00 29.03  ? 5719 HOH A O     1 
HETATM 1382 O  O     . HOH D 4 .   ? 6.107   1.275   -4.789  1.00 52.24  ? 5720 HOH A O     1 
HETATM 1383 O  O     . HOH D 4 .   ? 10.283  -14.496 7.211   1.00 30.36  ? 5721 HOH A O     1 
HETATM 1384 O  O     . HOH D 4 .   ? -2.776  -7.030  -4.646  1.00 20.39  ? 5722 HOH A O     1 
HETATM 1385 O  O     . HOH D 4 .   ? 3.385   -5.456  5.396   1.00 17.12  ? 5723 HOH A O     1 
HETATM 1386 O  O     . HOH D 4 .   ? 1.081   0.274   15.144  1.00 32.25  ? 5724 HOH A O     1 
HETATM 1387 O  O     . HOH D 4 .   ? 4.529   -11.912 5.798   1.00 25.61  ? 5725 HOH A O     1 
HETATM 1388 O  O     . HOH D 4 .   ? 11.714  -7.376  9.524   1.00 20.73  ? 5726 HOH A O     1 
HETATM 1389 O  O     . HOH D 4 .   ? -2.407  4.994   6.009   1.00 19.36  ? 5727 HOH A O     1 
HETATM 1390 O  O     . HOH D 4 .   ? 4.233   12.979  0.951   1.00 25.66  ? 5728 HOH A O     1 
HETATM 1391 O  O     . HOH D 4 .   ? 3.545   1.036   -3.193  1.00 26.38  ? 5729 HOH A O     1 
HETATM 1392 O  O     . HOH D 4 .   ? 3.749   15.474  0.153   1.00 26.01  ? 5730 HOH A O     1 
HETATM 1393 O  O     . HOH D 4 .   ? -2.900  5.083   -17.065 1.00 31.05  ? 5731 HOH A O     1 
HETATM 1394 O  O     . HOH D 4 .   ? -15.215 -2.325  4.647   1.00 28.71  ? 5732 HOH A O     1 
HETATM 1395 O  O     . HOH D 4 .   ? -6.785  5.396   -11.866 1.00 36.06  ? 5733 HOH A O     1 
HETATM 1396 O  O     . HOH D 4 .   ? 3.416   -9.537  14.517  1.00 31.96  ? 5734 HOH A O     1 
HETATM 1397 O  O     . HOH D 4 .   ? -5.975  7.845   -0.678  1.00 27.59  ? 5735 HOH A O     1 
HETATM 1398 O  O     . HOH D 4 .   ? 15.650  9.080   8.222   1.00 35.32  ? 5736 HOH A O     1 
HETATM 1399 O  O     . HOH D 4 .   ? 4.458   5.871   -16.887 1.00 47.76  ? 5737 HOH A O     1 
HETATM 1400 O  O     . HOH D 4 .   ? -18.637 5.900   -2.646  1.00 51.42  ? 5738 HOH A O     1 
HETATM 1401 O  O     . HOH D 4 .   ? -21.801 4.566   -1.761  1.00 44.65  ? 5739 HOH A O     1 
HETATM 1402 O  O     . HOH D 4 .   ? -13.530 -7.258  9.035   1.00 33.37  ? 5740 HOH A O     1 
HETATM 1403 O  O     . HOH D 4 .   ? 15.881  -6.004  -2.110  1.00 30.72  ? 5741 HOH A O     1 
HETATM 1404 O  O     . HOH D 4 .   ? -7.581  4.588   6.929   1.00 26.81  ? 5742 HOH A O     1 
HETATM 1405 O  O     . HOH D 4 .   ? -4.285  13.861  -1.501  1.00 41.36  ? 5743 HOH A O     1 
HETATM 1406 O  O     . HOH D 4 .   ? 8.041   -5.451  16.029  1.00 28.75  ? 5744 HOH A O     1 
HETATM 1407 O  O     . HOH D 4 .   ? 13.477  -8.137  11.540  1.00 26.44  ? 5745 HOH A O     1 
HETATM 1408 O  O     . HOH D 4 .   ? -8.771  13.369  -0.935  1.00 54.54  ? 5746 HOH A O     1 
HETATM 1409 O  O     . HOH D 4 .   ? -9.816  -11.047 16.168  1.00 34.03  ? 5747 HOH A O     1 
HETATM 1410 O  O     . HOH D 4 .   ? -3.659  -4.411  -5.765  1.00 28.11  ? 5748 HOH A O     1 
HETATM 1411 O  O     . HOH D 4 .   ? 2.449   0.871   -6.556  1.00 41.40  ? 5749 HOH A O     1 
HETATM 1412 O  O     . HOH D 4 .   ? 7.271   2.838   -2.105  1.00 29.01  ? 5750 HOH A O     1 
HETATM 1413 O  O     . HOH D 4 .   ? -25.938 3.479   6.511   1.00 38.65  ? 5751 HOH A O     1 
HETATM 1414 O  O     . HOH D 4 .   ? 14.732  -5.192  -0.177  1.00 37.41  ? 5752 HOH A O     1 
HETATM 1415 O  O     . HOH D 4 .   ? 5.466   1.219   -1.320  1.00 31.90  ? 5753 HOH A O     1 
HETATM 1416 O  O     . HOH D 4 .   ? 11.831  2.529   1.553   1.00 38.04  ? 5754 HOH A O     1 
HETATM 1417 O  O     . HOH D 4 .   ? 3.094   0.424   -24.610 1.00 52.72  ? 5755 HOH A O     1 
HETATM 1418 O  O     . HOH D 4 .   ? 7.697   7.436   -8.699  1.00 50.92  ? 5756 HOH A O     1 
HETATM 1419 O  O     . HOH D 4 .   ? 6.399   -14.119 5.586   1.00 37.89  ? 5757 HOH A O     1 
HETATM 1420 O  O     . HOH D 4 .   ? -5.288  10.019  -2.020  1.00 41.12  ? 5758 HOH A O     1 
HETATM 1421 O  O     . HOH D 4 .   ? 14.545  18.826  1.736   1.00 43.86  ? 5759 HOH A O     1 
HETATM 1422 O  O     . HOH D 4 .   ? -3.113  -8.724  -6.332  1.00 29.40  ? 5760 HOH A O     1 
# 
